data_2LFF
#
_entry.id   2LFF
#
loop_
_entity.id
_entity.type
_entity.pdbx_description
1 polymer 'Diiron protein'
2 non-polymer 'ZINC ION'
#
_entity_poly.entity_id   1
_entity_poly.type   'polypeptide(L)'
_entity_poly.pdbx_seq_one_letter_code
;MDELRELLKAEQQGIKILKEVLKKAKEGDEQELARLNQEIVKAEKQGVKVYKEAAEKARNPEKRQVIDKILEDEEKHIEW
HKAASKQGNAEQFASLVQQHLQDEQRHVEEIEKKN
;
_entity_poly.pdbx_strand_id   A
#
loop_
_chem_comp.id
_chem_comp.type
_chem_comp.name
_chem_comp.formula
ZN non-polymer 'ZINC ION' 'Zn 2'
#
# COMPACT_ATOMS: atom_id res chain seq x y z
N MET A 1 7.15 13.29 18.81
CA MET A 1 6.68 13.66 17.45
C MET A 1 7.70 13.21 16.43
N ASP A 2 7.57 11.97 15.97
CA ASP A 2 8.56 11.37 15.10
C ASP A 2 7.95 10.26 14.27
N GLU A 3 8.29 10.25 12.99
CA GLU A 3 7.78 9.29 12.02
C GLU A 3 6.26 9.17 12.12
N LEU A 4 5.57 10.18 11.64
CA LEU A 4 4.12 10.22 11.69
C LEU A 4 3.59 10.65 10.32
N ARG A 5 3.82 11.91 9.98
CA ARG A 5 3.45 12.44 8.67
C ARG A 5 4.31 11.75 7.60
N GLU A 6 5.55 11.48 7.97
CA GLU A 6 6.51 10.84 7.08
C GLU A 6 6.00 9.48 6.61
N LEU A 7 5.50 8.68 7.55
CA LEU A 7 5.02 7.34 7.25
C LEU A 7 3.71 7.39 6.49
N LEU A 8 2.88 8.39 6.80
CA LEU A 8 1.61 8.59 6.11
C LEU A 8 1.83 8.82 4.63
N LYS A 9 2.97 9.43 4.29
CA LYS A 9 3.31 9.71 2.90
C LYS A 9 3.33 8.43 2.07
N ALA A 10 3.75 7.34 2.69
CA ALA A 10 3.79 6.05 2.01
C ALA A 10 2.38 5.55 1.73
N GLU A 11 1.52 5.64 2.74
CA GLU A 11 0.13 5.22 2.60
C GLU A 11 -0.61 6.11 1.61
N GLN A 12 -0.39 7.42 1.72
CA GLN A 12 -1.01 8.39 0.83
C GLN A 12 -0.66 8.11 -0.62
N GLN A 13 0.60 7.78 -0.86
CA GLN A 13 1.07 7.47 -2.21
C GLN A 13 0.41 6.19 -2.73
N GLY A 14 0.38 5.17 -1.89
CA GLY A 14 -0.25 3.93 -2.26
C GLY A 14 -1.72 4.10 -2.60
N ILE A 15 -2.43 4.83 -1.74
CA ILE A 15 -3.85 5.08 -1.95
C ILE A 15 -4.08 5.88 -3.23
N LYS A 16 -3.23 6.86 -3.48
CA LYS A 16 -3.36 7.71 -4.67
C LYS A 16 -3.23 6.87 -5.94
N ILE A 17 -2.30 5.92 -5.93
CA ILE A 17 -2.14 5.02 -7.06
C ILE A 17 -3.36 4.12 -7.21
N LEU A 18 -3.89 3.67 -6.08
CA LEU A 18 -5.09 2.83 -6.07
C LEU A 18 -6.26 3.52 -6.74
N LYS A 19 -6.36 4.84 -6.57
CA LYS A 19 -7.41 5.64 -7.21
C LYS A 19 -7.36 5.44 -8.73
N GLU A 20 -6.16 5.50 -9.28
CA GLU A 20 -5.96 5.33 -10.72
C GLU A 20 -6.16 3.87 -11.11
N VAL A 21 -5.79 2.97 -10.22
CA VAL A 21 -6.00 1.55 -10.45
C VAL A 21 -7.48 1.26 -10.63
N LEU A 22 -8.32 1.93 -9.85
CA LEU A 22 -9.77 1.82 -9.99
C LEU A 22 -10.22 2.25 -11.37
N LYS A 23 -9.60 3.31 -11.88
CA LYS A 23 -9.90 3.83 -13.21
C LYS A 23 -9.51 2.81 -14.28
N LYS A 24 -8.30 2.29 -14.17
CA LYS A 24 -7.75 1.38 -15.17
C LYS A 24 -8.38 -0.01 -15.08
N ALA A 25 -8.87 -0.36 -13.90
CA ALA A 25 -9.58 -1.62 -13.72
C ALA A 25 -10.84 -1.63 -14.58
N LYS A 26 -11.54 -0.51 -14.59
CA LYS A 26 -12.73 -0.36 -15.42
C LYS A 26 -12.36 -0.24 -16.90
N GLU A 27 -11.23 0.42 -17.16
CA GLU A 27 -10.71 0.53 -18.52
C GLU A 27 -10.39 -0.85 -19.09
N GLY A 28 -9.69 -1.65 -18.31
CA GLY A 28 -9.39 -3.01 -18.70
C GLY A 28 -8.33 -3.09 -19.79
N ASP A 29 -7.16 -2.54 -19.50
CA ASP A 29 -6.04 -2.62 -20.45
C ASP A 29 -4.81 -3.19 -19.76
N GLU A 30 -4.15 -4.13 -20.41
CA GLU A 30 -3.01 -4.84 -19.85
C GLU A 30 -1.85 -3.87 -19.57
N GLN A 31 -1.56 -2.98 -20.51
CA GLN A 31 -0.45 -2.06 -20.38
C GLN A 31 -0.66 -1.13 -19.20
N GLU A 32 -1.85 -0.56 -19.12
CA GLU A 32 -2.20 0.32 -18.02
C GLU A 32 -2.16 -0.45 -16.69
N LEU A 33 -2.73 -1.65 -16.71
CA LEU A 33 -2.81 -2.49 -15.52
C LEU A 33 -1.43 -2.94 -15.04
N ALA A 34 -0.59 -3.39 -15.96
CA ALA A 34 0.75 -3.85 -15.60
C ALA A 34 1.60 -2.70 -15.08
N ARG A 35 1.52 -1.57 -15.76
CA ARG A 35 2.24 -0.37 -15.36
C ARG A 35 1.82 0.07 -13.97
N LEU A 36 0.52 0.04 -13.71
CA LEU A 36 0.00 0.41 -12.39
C LEU A 36 0.40 -0.63 -11.35
N ASN A 37 0.35 -1.91 -11.73
CA ASN A 37 0.81 -2.98 -10.86
C ASN A 37 2.25 -2.73 -10.47
N GLN A 38 3.05 -2.36 -11.46
CA GLN A 38 4.45 -2.03 -11.26
C GLN A 38 4.61 -0.82 -10.34
N GLU A 39 3.76 0.18 -10.51
CA GLU A 39 3.78 1.36 -9.66
C GLU A 39 3.46 0.98 -8.21
N ILE A 40 2.47 0.10 -8.04
CA ILE A 40 2.07 -0.35 -6.71
C ILE A 40 3.23 -1.03 -5.99
N VAL A 41 3.87 -1.97 -6.68
CA VAL A 41 5.00 -2.71 -6.11
C VAL A 41 6.07 -1.76 -5.57
N LYS A 42 6.47 -0.81 -6.40
CA LYS A 42 7.49 0.16 -6.02
C LYS A 42 7.02 1.04 -4.85
N ALA A 43 5.78 1.50 -4.92
CA ALA A 43 5.25 2.43 -3.94
C ALA A 43 5.10 1.77 -2.57
N GLU A 44 4.52 0.57 -2.55
CA GLU A 44 4.28 -0.13 -1.30
C GLU A 44 5.61 -0.50 -0.64
N LYS A 45 6.59 -0.92 -1.44
CA LYS A 45 7.90 -1.29 -0.91
C LYS A 45 8.67 -0.06 -0.41
N GLN A 46 8.45 1.09 -1.05
CA GLN A 46 8.99 2.34 -0.54
C GLN A 46 8.40 2.62 0.83
N GLY A 47 7.13 2.27 0.98
CA GLY A 47 6.49 2.33 2.28
C GLY A 47 7.16 1.40 3.27
N VAL A 48 7.40 0.18 2.86
CA VAL A 48 8.11 -0.79 3.69
C VAL A 48 9.47 -0.23 4.12
N LYS A 49 10.13 0.47 3.20
CA LYS A 49 11.44 1.04 3.45
C LYS A 49 11.40 2.07 4.59
N VAL A 50 10.46 3.02 4.53
CA VAL A 50 10.36 4.03 5.57
C VAL A 50 9.90 3.42 6.89
N TYR A 51 8.99 2.46 6.83
CA TYR A 51 8.51 1.80 8.03
C TYR A 51 9.63 1.00 8.69
N LYS A 52 10.34 0.20 7.91
CA LYS A 52 11.44 -0.62 8.43
C LYS A 52 12.53 0.28 9.03
N GLU A 53 12.80 1.38 8.35
CA GLU A 53 13.80 2.33 8.80
C GLU A 53 13.40 2.96 10.14
N ALA A 54 12.11 3.30 10.26
CA ALA A 54 11.58 3.88 11.48
C ALA A 54 11.49 2.86 12.60
N ALA A 55 11.23 1.61 12.23
CA ALA A 55 11.11 0.52 13.19
C ALA A 55 12.38 0.34 14.00
N GLU A 56 13.53 0.47 13.34
CA GLU A 56 14.82 0.33 14.01
C GLU A 56 15.22 1.62 14.71
N LYS A 57 14.27 2.54 14.88
CA LYS A 57 14.50 3.77 15.60
C LYS A 57 13.26 4.12 16.42
N ALA A 58 12.58 3.09 16.90
CA ALA A 58 11.36 3.26 17.67
C ALA A 58 11.67 3.43 19.16
N ARG A 59 11.43 4.64 19.66
CA ARG A 59 11.66 4.95 21.07
C ARG A 59 10.79 4.07 21.98
N ASN A 60 9.59 3.77 21.50
CA ASN A 60 8.64 2.97 22.26
C ASN A 60 8.21 1.76 21.43
N PRO A 61 8.29 0.55 22.00
CA PRO A 61 7.86 -0.69 21.34
C PRO A 61 6.50 -0.58 20.66
N GLU A 62 5.59 0.20 21.24
CA GLU A 62 4.26 0.41 20.64
C GLU A 62 4.37 1.11 19.29
N LYS A 63 5.37 1.98 19.17
CA LYS A 63 5.61 2.70 17.92
C LYS A 63 6.11 1.71 16.88
N ARG A 64 6.94 0.76 17.30
CA ARG A 64 7.41 -0.30 16.42
C ARG A 64 6.26 -1.25 16.08
N GLN A 65 5.43 -1.54 17.07
CA GLN A 65 4.30 -2.43 16.93
C GLN A 65 3.37 -1.98 15.81
N VAL A 66 3.06 -0.69 15.78
CA VAL A 66 2.22 -0.14 14.74
C VAL A 66 2.91 -0.24 13.37
N ILE A 67 4.18 0.14 13.35
CA ILE A 67 4.98 0.07 12.14
C ILE A 67 5.10 -1.35 11.61
N ASP A 68 5.41 -2.27 12.51
CA ASP A 68 5.63 -3.68 12.15
C ASP A 68 4.38 -4.29 11.54
N LYS A 69 3.24 -3.96 12.12
CA LYS A 69 1.97 -4.49 11.63
C LYS A 69 1.69 -4.01 10.20
N ILE A 70 1.89 -2.72 9.95
CA ILE A 70 1.68 -2.16 8.63
C ILE A 70 2.78 -2.61 7.66
N LEU A 71 4.01 -2.72 8.16
CA LEU A 71 5.12 -3.22 7.35
C LEU A 71 4.78 -4.60 6.79
N GLU A 72 4.27 -5.47 7.66
CA GLU A 72 3.84 -6.80 7.25
C GLU A 72 2.67 -6.71 6.29
N ASP A 73 1.75 -5.79 6.61
CA ASP A 73 0.53 -5.59 5.82
C ASP A 73 0.87 -5.17 4.39
N GLU A 74 1.75 -4.19 4.29
CA GLU A 74 2.09 -3.56 3.02
C GLU A 74 2.73 -4.57 2.06
N GLU A 75 3.59 -5.44 2.57
CA GLU A 75 4.16 -6.51 1.75
C GLU A 75 3.09 -7.52 1.33
N LYS A 76 2.15 -7.78 2.23
CA LYS A 76 1.05 -8.70 1.95
C LYS A 76 0.25 -8.24 0.74
N HIS A 77 0.07 -6.93 0.64
CA HIS A 77 -0.66 -6.34 -0.48
C HIS A 77 0.05 -6.65 -1.80
N ILE A 78 1.35 -6.42 -1.80
CA ILE A 78 2.18 -6.62 -2.98
C ILE A 78 2.17 -8.07 -3.41
N GLU A 79 2.27 -8.95 -2.43
CA GLU A 79 2.25 -10.39 -2.68
C GLU A 79 0.97 -10.80 -3.43
N TRP A 80 -0.13 -10.16 -3.08
CA TRP A 80 -1.41 -10.44 -3.74
C TRP A 80 -1.37 -9.96 -5.19
N HIS A 81 -1.01 -8.69 -5.39
CA HIS A 81 -0.95 -8.12 -6.73
C HIS A 81 0.07 -8.84 -7.61
N LYS A 82 1.14 -9.34 -7.00
CA LYS A 82 2.17 -10.06 -7.73
C LYS A 82 1.66 -11.44 -8.15
N ALA A 83 0.90 -12.08 -7.26
CA ALA A 83 0.39 -13.43 -7.51
C ALA A 83 -0.60 -13.46 -8.67
N ALA A 84 -1.23 -12.32 -8.94
CA ALA A 84 -2.17 -12.22 -10.05
C ALA A 84 -1.50 -12.54 -11.38
N SER A 85 -0.41 -11.81 -11.66
CA SER A 85 0.38 -12.02 -12.88
C SER A 85 -0.46 -11.84 -14.15
N LYS A 86 -1.58 -11.13 -14.01
CA LYS A 86 -2.50 -10.85 -15.11
C LYS A 86 -3.08 -12.15 -15.71
N GLN A 87 -4.20 -12.58 -15.17
CA GLN A 87 -4.94 -13.68 -15.77
C GLN A 87 -6.03 -13.10 -16.66
N GLY A 88 -7.09 -12.65 -16.01
CA GLY A 88 -8.15 -11.90 -16.65
C GLY A 88 -8.70 -10.91 -15.66
N ASN A 89 -7.79 -10.31 -14.91
CA ASN A 89 -8.13 -9.47 -13.77
C ASN A 89 -8.68 -8.12 -14.20
N ALA A 90 -10.00 -8.01 -14.23
CA ALA A 90 -10.66 -6.74 -14.49
C ALA A 90 -11.82 -6.57 -13.51
N GLU A 91 -12.86 -7.37 -13.72
CA GLU A 91 -14.01 -7.37 -12.83
C GLU A 91 -13.61 -7.94 -11.48
N GLN A 92 -12.87 -9.03 -11.52
CA GLN A 92 -12.33 -9.67 -10.32
C GLN A 92 -11.37 -8.72 -9.62
N PHE A 93 -10.61 -7.98 -10.43
CA PHE A 93 -9.56 -7.11 -9.93
C PHE A 93 -10.15 -5.97 -9.10
N ALA A 94 -11.16 -5.30 -9.65
CA ALA A 94 -11.80 -4.17 -9.00
C ALA A 94 -12.36 -4.55 -7.63
N SER A 95 -12.93 -5.75 -7.55
CA SER A 95 -13.48 -6.26 -6.30
C SER A 95 -12.40 -6.36 -5.23
N LEU A 96 -11.23 -6.87 -5.62
CA LEU A 96 -10.10 -7.02 -4.71
C LEU A 96 -9.48 -5.67 -4.34
N VAL A 97 -9.50 -4.73 -5.29
CA VAL A 97 -8.92 -3.40 -5.05
C VAL A 97 -9.66 -2.70 -3.92
N GLN A 98 -10.96 -2.93 -3.82
CA GLN A 98 -11.76 -2.34 -2.75
C GLN A 98 -11.19 -2.71 -1.39
N GLN A 99 -10.70 -3.93 -1.27
CA GLN A 99 -10.13 -4.41 -0.01
C GLN A 99 -8.82 -3.70 0.30
N HIS A 100 -7.99 -3.53 -0.72
CA HIS A 100 -6.71 -2.83 -0.57
C HIS A 100 -6.97 -1.37 -0.17
N LEU A 101 -7.94 -0.77 -0.85
CA LEU A 101 -8.29 0.63 -0.61
C LEU A 101 -8.81 0.83 0.82
N GLN A 102 -9.74 -0.02 1.24
CA GLN A 102 -10.29 0.06 2.59
C GLN A 102 -9.21 -0.22 3.63
N ASP A 103 -8.31 -1.14 3.28
CA ASP A 103 -7.22 -1.53 4.16
C ASP A 103 -6.25 -0.38 4.43
N GLU A 104 -5.81 0.30 3.37
CA GLU A 104 -4.85 1.39 3.53
C GLU A 104 -5.49 2.55 4.28
N GLN A 105 -6.79 2.73 4.09
CA GLN A 105 -7.54 3.73 4.84
C GLN A 105 -7.58 3.33 6.32
N ARG A 106 -7.61 2.03 6.56
CA ARG A 106 -7.56 1.49 7.92
C ARG A 106 -6.18 1.73 8.50
N HIS A 107 -5.16 1.64 7.64
CA HIS A 107 -3.77 1.93 8.05
C HIS A 107 -3.67 3.35 8.57
N VAL A 108 -4.37 4.27 7.91
CA VAL A 108 -4.42 5.66 8.35
C VAL A 108 -5.06 5.75 9.73
N GLU A 109 -6.11 4.96 9.95
CA GLU A 109 -6.78 4.91 11.25
C GLU A 109 -5.87 4.28 12.30
N GLU A 110 -5.11 3.28 11.88
CA GLU A 110 -4.15 2.61 12.77
C GLU A 110 -3.06 3.58 13.22
N ILE A 111 -2.75 4.55 12.36
CA ILE A 111 -1.77 5.58 12.69
C ILE A 111 -2.40 6.76 13.43
N GLU A 112 -3.30 7.46 12.73
CA GLU A 112 -3.86 8.72 13.22
C GLU A 112 -5.02 8.51 14.20
N LYS A 113 -5.79 7.43 13.98
CA LYS A 113 -7.03 7.17 14.72
C LYS A 113 -8.11 8.18 14.33
N LYS A 114 -7.89 9.44 14.64
CA LYS A 114 -8.74 10.52 14.17
C LYS A 114 -7.92 11.52 13.36
N ASN A 115 -8.01 11.41 12.05
CA ASN A 115 -7.26 12.29 11.17
C ASN A 115 -8.18 13.36 10.60
ZN ZN B . -3.47 -3.64 4.90
ZN ZN C . -0.58 -1.30 0.35
ZN ZN D . -0.64 0.88 3.95
N MET A 1 3.26 11.69 16.67
CA MET A 1 2.86 11.79 15.24
C MET A 1 3.76 12.78 14.51
N ASP A 2 5.03 12.85 14.93
CA ASP A 2 5.95 13.87 14.43
C ASP A 2 6.60 13.44 13.11
N GLU A 3 7.57 12.53 13.19
CA GLU A 3 8.35 12.13 12.01
C GLU A 3 7.60 11.12 11.14
N LEU A 4 6.31 10.98 11.37
CA LEU A 4 5.53 9.96 10.66
C LEU A 4 4.99 10.51 9.35
N ARG A 5 5.44 11.71 8.97
CA ARG A 5 4.96 12.36 7.74
C ARG A 5 5.43 11.60 6.51
N GLU A 6 6.69 11.16 6.52
CA GLU A 6 7.26 10.42 5.40
C GLU A 6 6.49 9.13 5.16
N LEU A 7 6.05 8.52 6.25
CA LEU A 7 5.30 7.28 6.20
C LEU A 7 3.91 7.52 5.63
N LEU A 8 3.29 8.61 6.06
CA LEU A 8 1.96 8.99 5.59
C LEU A 8 1.95 9.24 4.10
N LYS A 9 2.94 9.98 3.62
CA LYS A 9 3.01 10.36 2.21
C LYS A 9 3.13 9.12 1.33
N ALA A 10 3.82 8.10 1.82
CA ALA A 10 3.98 6.85 1.09
C ALA A 10 2.62 6.15 0.94
N GLU A 11 1.90 6.06 2.04
CA GLU A 11 0.57 5.44 2.04
C GLU A 11 -0.39 6.24 1.17
N GLN A 12 -0.34 7.56 1.29
CA GLN A 12 -1.19 8.45 0.50
C GLN A 12 -0.86 8.32 -0.99
N GLN A 13 0.41 8.14 -1.30
CA GLN A 13 0.85 8.00 -2.69
C GLN A 13 0.31 6.70 -3.28
N GLY A 14 0.41 5.63 -2.51
CA GLY A 14 -0.13 4.35 -2.93
C GLY A 14 -1.63 4.45 -3.20
N ILE A 15 -2.34 5.08 -2.27
CA ILE A 15 -3.77 5.31 -2.41
C ILE A 15 -4.07 6.13 -3.66
N LYS A 16 -3.25 7.15 -3.90
CA LYS A 16 -3.41 8.03 -5.06
C LYS A 16 -3.29 7.24 -6.36
N ILE A 17 -2.34 6.31 -6.40
CA ILE A 17 -2.17 5.45 -7.56
C ILE A 17 -3.36 4.49 -7.69
N LEU A 18 -3.77 3.92 -6.56
CA LEU A 18 -4.88 2.96 -6.53
C LEU A 18 -6.16 3.55 -7.12
N LYS A 19 -6.39 4.84 -6.85
CA LYS A 19 -7.57 5.53 -7.36
C LYS A 19 -7.66 5.46 -8.88
N GLU A 20 -6.53 5.71 -9.53
CA GLU A 20 -6.48 5.69 -10.98
C GLU A 20 -6.54 4.26 -11.52
N VAL A 21 -5.98 3.33 -10.77
CA VAL A 21 -6.09 1.91 -11.12
C VAL A 21 -7.55 1.48 -11.17
N LEU A 22 -8.36 2.00 -10.23
CA LEU A 22 -9.80 1.73 -10.22
C LEU A 22 -10.43 2.15 -11.55
N LYS A 23 -9.99 3.29 -12.08
CA LYS A 23 -10.43 3.76 -13.39
C LYS A 23 -10.16 2.71 -14.45
N LYS A 24 -8.94 2.19 -14.42
CA LYS A 24 -8.45 1.27 -15.44
C LYS A 24 -8.97 -0.15 -15.22
N ALA A 25 -9.37 -0.44 -13.99
CA ALA A 25 -9.99 -1.72 -13.68
C ALA A 25 -11.38 -1.79 -14.30
N LYS A 26 -12.03 -0.64 -14.39
CA LYS A 26 -13.33 -0.54 -15.06
C LYS A 26 -13.16 -0.77 -16.56
N GLU A 27 -12.11 -0.19 -17.12
CA GLU A 27 -11.80 -0.34 -18.54
C GLU A 27 -11.41 -1.78 -18.84
N GLY A 28 -10.50 -2.32 -18.04
CA GLY A 28 -10.11 -3.70 -18.20
C GLY A 28 -9.05 -3.90 -19.26
N ASP A 29 -7.93 -3.19 -19.13
CA ASP A 29 -6.79 -3.40 -20.01
C ASP A 29 -5.61 -3.92 -19.22
N GLU A 30 -5.21 -5.15 -19.51
CA GLU A 30 -4.19 -5.83 -18.72
C GLU A 30 -2.83 -5.15 -18.89
N GLN A 31 -2.59 -4.56 -20.06
CA GLN A 31 -1.34 -3.84 -20.30
C GLN A 31 -1.23 -2.63 -19.39
N GLU A 32 -2.30 -1.85 -19.36
CA GLU A 32 -2.37 -0.68 -18.49
C GLU A 32 -2.30 -1.10 -17.03
N LEU A 33 -3.05 -2.13 -16.69
CA LEU A 33 -3.09 -2.67 -15.34
C LEU A 33 -1.71 -3.14 -14.89
N ALA A 34 -0.96 -3.74 -15.82
CA ALA A 34 0.39 -4.22 -15.51
C ALA A 34 1.32 -3.06 -15.18
N ARG A 35 1.27 -2.01 -16.01
CA ARG A 35 2.07 -0.82 -15.79
C ARG A 35 1.71 -0.16 -14.46
N LEU A 36 0.42 -0.03 -14.21
CA LEU A 36 -0.06 0.54 -12.95
C LEU A 36 0.41 -0.30 -11.78
N ASN A 37 0.28 -1.61 -11.92
CA ASN A 37 0.75 -2.55 -10.91
C ASN A 37 2.23 -2.32 -10.63
N GLN A 38 2.99 -2.15 -11.72
CA GLN A 38 4.42 -1.89 -11.64
C GLN A 38 4.71 -0.64 -10.81
N GLU A 39 3.90 0.40 -11.02
CA GLU A 39 4.06 1.64 -10.27
C GLU A 39 3.73 1.44 -8.80
N ILE A 40 2.66 0.69 -8.54
CA ILE A 40 2.23 0.39 -7.17
C ILE A 40 3.34 -0.32 -6.41
N VAL A 41 3.90 -1.36 -7.02
CA VAL A 41 4.94 -2.17 -6.38
C VAL A 41 6.11 -1.30 -5.92
N LYS A 42 6.60 -0.45 -6.81
CA LYS A 42 7.74 0.41 -6.49
C LYS A 42 7.40 1.40 -5.38
N ALA A 43 6.18 1.91 -5.39
CA ALA A 43 5.74 2.86 -4.37
C ALA A 43 5.61 2.16 -3.02
N GLU A 44 4.97 1.00 -3.01
CA GLU A 44 4.79 0.21 -1.80
C GLU A 44 6.15 -0.19 -1.21
N LYS A 45 7.11 -0.52 -2.08
CA LYS A 45 8.46 -0.88 -1.64
C LYS A 45 9.10 0.26 -0.86
N GLN A 46 8.85 1.48 -1.31
CA GLN A 46 9.42 2.66 -0.68
C GLN A 46 8.82 2.83 0.72
N GLY A 47 7.53 2.56 0.83
CA GLY A 47 6.86 2.60 2.12
C GLY A 47 7.39 1.54 3.06
N VAL A 48 7.56 0.33 2.55
CA VAL A 48 8.13 -0.77 3.34
C VAL A 48 9.51 -0.40 3.88
N LYS A 49 10.30 0.27 3.05
CA LYS A 49 11.64 0.66 3.45
C LYS A 49 11.60 1.69 4.58
N VAL A 50 10.80 2.73 4.43
CA VAL A 50 10.71 3.78 5.43
C VAL A 50 10.04 3.29 6.71
N TYR A 51 9.11 2.35 6.57
CA TYR A 51 8.46 1.76 7.73
C TYR A 51 9.41 0.85 8.50
N LYS A 52 10.26 0.13 7.79
CA LYS A 52 11.24 -0.73 8.44
C LYS A 52 12.28 0.11 9.16
N GLU A 53 12.67 1.22 8.55
CA GLU A 53 13.58 2.17 9.19
C GLU A 53 12.93 2.73 10.45
N ALA A 54 11.63 2.96 10.38
CA ALA A 54 10.85 3.45 11.51
C ALA A 54 10.76 2.38 12.60
N ALA A 55 10.73 1.11 12.19
CA ALA A 55 10.64 0.00 13.13
C ALA A 55 11.87 -0.06 14.03
N GLU A 56 13.04 0.19 13.45
CA GLU A 56 14.28 0.20 14.21
C GLU A 56 14.53 1.58 14.83
N LYS A 57 13.67 2.52 14.45
CA LYS A 57 13.66 3.86 15.01
C LYS A 57 12.76 3.90 16.26
N ALA A 58 11.88 2.92 16.35
CA ALA A 58 10.93 2.83 17.47
C ALA A 58 11.66 2.73 18.80
N ARG A 59 11.15 3.44 19.79
CA ARG A 59 11.79 3.51 21.10
C ARG A 59 11.18 2.47 22.05
N ASN A 60 9.95 2.09 21.78
CA ASN A 60 9.22 1.17 22.65
C ASN A 60 8.60 0.03 21.84
N PRO A 61 8.54 -1.17 22.43
CA PRO A 61 7.90 -2.34 21.80
C PRO A 61 6.47 -2.06 21.36
N GLU A 62 5.74 -1.31 22.19
CA GLU A 62 4.36 -0.94 21.89
C GLU A 62 4.30 -0.15 20.58
N LYS A 63 5.28 0.72 20.37
CA LYS A 63 5.32 1.55 19.18
C LYS A 63 5.76 0.71 17.98
N ARG A 64 6.62 -0.27 18.24
CA ARG A 64 7.04 -1.19 17.19
C ARG A 64 5.85 -1.97 16.65
N GLN A 65 4.95 -2.38 17.56
CA GLN A 65 3.77 -3.14 17.19
C GLN A 65 2.94 -2.39 16.15
N VAL A 66 2.75 -1.09 16.36
CA VAL A 66 1.99 -0.27 15.43
C VAL A 66 2.65 -0.23 14.06
N ILE A 67 3.95 0.02 14.04
CA ILE A 67 4.71 0.12 12.80
C ILE A 67 4.83 -1.25 12.13
N ASP A 68 5.11 -2.27 12.94
CA ASP A 68 5.29 -3.64 12.44
C ASP A 68 4.03 -4.14 11.74
N LYS A 69 2.87 -3.78 12.28
CA LYS A 69 1.60 -4.20 11.71
C LYS A 69 1.46 -3.73 10.27
N ILE A 70 1.74 -2.46 10.05
CA ILE A 70 1.68 -1.89 8.71
C ILE A 70 2.86 -2.37 7.86
N LEU A 71 4.03 -2.47 8.48
CA LEU A 71 5.23 -2.94 7.79
C LEU A 71 4.98 -4.33 7.20
N GLU A 72 4.43 -5.23 8.01
CA GLU A 72 4.13 -6.58 7.56
C GLU A 72 3.06 -6.55 6.47
N ASP A 73 2.06 -5.71 6.66
CA ASP A 73 0.93 -5.62 5.74
C ASP A 73 1.38 -5.02 4.41
N GLU A 74 2.26 -4.04 4.48
CA GLU A 74 2.72 -3.32 3.30
C GLU A 74 3.54 -4.23 2.41
N GLU A 75 4.31 -5.14 3.02
CA GLU A 75 5.00 -6.18 2.28
C GLU A 75 3.95 -7.11 1.68
N LYS A 76 2.94 -7.44 2.49
CA LYS A 76 1.86 -8.32 2.08
C LYS A 76 1.15 -7.78 0.83
N HIS A 77 0.97 -6.46 0.79
CA HIS A 77 0.35 -5.81 -0.36
C HIS A 77 1.16 -6.07 -1.63
N ILE A 78 2.47 -5.90 -1.53
CA ILE A 78 3.37 -6.09 -2.65
C ILE A 78 3.31 -7.53 -3.12
N GLU A 79 3.42 -8.47 -2.19
CA GLU A 79 3.35 -9.89 -2.51
C GLU A 79 2.02 -10.22 -3.16
N TRP A 80 0.95 -9.55 -2.70
CA TRP A 80 -0.38 -9.75 -3.25
C TRP A 80 -0.45 -9.27 -4.69
N HIS A 81 -0.01 -8.03 -4.92
CA HIS A 81 0.01 -7.47 -6.26
C HIS A 81 0.91 -8.28 -7.20
N LYS A 82 2.02 -8.80 -6.67
CA LYS A 82 2.94 -9.60 -7.46
C LYS A 82 2.26 -10.91 -7.88
N ALA A 83 1.43 -11.45 -6.99
CA ALA A 83 0.73 -12.71 -7.25
C ALA A 83 -0.30 -12.55 -8.37
N ALA A 84 -0.72 -11.32 -8.63
CA ALA A 84 -1.72 -11.03 -9.65
C ALA A 84 -1.14 -11.18 -11.05
N SER A 85 0.18 -11.31 -11.14
CA SER A 85 0.86 -11.47 -12.43
C SER A 85 0.28 -12.64 -13.23
N LYS A 86 0.13 -12.42 -14.54
CA LYS A 86 -0.33 -13.46 -15.48
C LYS A 86 -1.84 -13.73 -15.37
N GLN A 87 -2.41 -13.48 -14.20
CA GLN A 87 -3.85 -13.65 -14.01
C GLN A 87 -4.59 -12.58 -14.80
N GLY A 88 -4.23 -11.32 -14.55
CA GLY A 88 -4.85 -10.22 -15.25
C GLY A 88 -6.25 -9.94 -14.75
N ASN A 89 -7.24 -10.30 -15.56
CA ASN A 89 -8.66 -10.12 -15.21
C ASN A 89 -9.01 -8.63 -15.15
N ALA A 90 -10.25 -8.32 -14.78
CA ALA A 90 -10.68 -6.93 -14.66
C ALA A 90 -11.59 -6.76 -13.45
N GLU A 91 -12.68 -7.49 -13.46
CA GLU A 91 -13.65 -7.47 -12.36
C GLU A 91 -12.99 -7.98 -11.08
N GLN A 92 -12.19 -9.03 -11.20
CA GLN A 92 -11.47 -9.58 -10.06
C GLN A 92 -10.40 -8.61 -9.57
N PHE A 93 -9.64 -8.06 -10.52
CA PHE A 93 -8.57 -7.11 -10.19
C PHE A 93 -9.15 -5.85 -9.55
N ALA A 94 -10.30 -5.42 -10.05
CA ALA A 94 -10.99 -4.24 -9.51
C ALA A 94 -11.29 -4.42 -8.03
N SER A 95 -11.70 -5.62 -7.65
CA SER A 95 -12.01 -5.91 -6.26
C SER A 95 -10.75 -5.86 -5.41
N LEU A 96 -9.65 -6.35 -5.96
CA LEU A 96 -8.39 -6.41 -5.25
C LEU A 96 -7.91 -5.00 -4.86
N VAL A 97 -8.04 -4.08 -5.81
CA VAL A 97 -7.64 -2.70 -5.57
C VAL A 97 -8.51 -2.06 -4.49
N GLN A 98 -9.79 -2.43 -4.48
CA GLN A 98 -10.72 -1.90 -3.49
C GLN A 98 -10.35 -2.35 -2.08
N GLN A 99 -9.83 -3.57 -1.96
CA GLN A 99 -9.41 -4.10 -0.68
C GLN A 99 -8.17 -3.34 -0.21
N HIS A 100 -7.25 -3.11 -1.14
CA HIS A 100 -6.00 -2.40 -0.85
C HIS A 100 -6.31 -0.96 -0.43
N LEU A 101 -7.20 -0.32 -1.18
CA LEU A 101 -7.58 1.07 -0.92
C LEU A 101 -8.16 1.24 0.47
N GLN A 102 -9.12 0.38 0.82
CA GLN A 102 -9.76 0.43 2.13
C GLN A 102 -8.77 0.10 3.23
N ASP A 103 -7.84 -0.79 2.92
CA ASP A 103 -6.82 -1.21 3.85
C ASP A 103 -5.87 -0.06 4.19
N GLU A 104 -5.36 0.61 3.16
CA GLU A 104 -4.40 1.69 3.37
C GLU A 104 -5.04 2.88 4.07
N GLN A 105 -6.34 3.08 3.84
CA GLN A 105 -7.08 4.13 4.53
C GLN A 105 -7.07 3.88 6.04
N ARG A 106 -7.22 2.62 6.42
CA ARG A 106 -7.14 2.22 7.82
C ARG A 106 -5.70 2.29 8.32
N HIS A 107 -4.75 2.02 7.43
CA HIS A 107 -3.33 2.19 7.76
C HIS A 107 -3.06 3.63 8.18
N VAL A 108 -3.57 4.56 7.40
CA VAL A 108 -3.42 5.98 7.70
C VAL A 108 -4.17 6.36 8.98
N GLU A 109 -5.33 5.77 9.18
CA GLU A 109 -6.15 6.07 10.35
C GLU A 109 -5.43 5.76 11.65
N GLU A 110 -4.80 4.59 11.72
CA GLU A 110 -4.08 4.18 12.93
C GLU A 110 -2.90 5.10 13.20
N ILE A 111 -2.32 5.64 12.14
CA ILE A 111 -1.21 6.57 12.27
C ILE A 111 -1.71 7.96 12.69
N GLU A 112 -2.59 8.55 11.88
CA GLU A 112 -3.08 9.89 12.13
C GLU A 112 -4.51 9.89 12.64
N LYS A 113 -5.45 10.20 11.76
CA LYS A 113 -6.84 10.40 12.15
C LYS A 113 -7.78 9.62 11.23
N LYS A 114 -8.17 10.26 10.14
CA LYS A 114 -9.06 9.66 9.16
C LYS A 114 -8.63 10.07 7.76
N ASN A 115 -9.30 9.51 6.75
CA ASN A 115 -9.06 9.87 5.36
C ASN A 115 -10.17 9.28 4.48
ZN ZN B . -3.10 -3.30 4.72
ZN ZN C . 0.23 -0.73 0.29
ZN ZN D . -0.12 0.89 3.95
N MET A 1 7.06 18.26 11.87
CA MET A 1 8.36 18.03 12.52
C MET A 1 8.24 17.00 13.65
N ASP A 2 7.06 16.91 14.26
CA ASP A 2 6.87 16.07 15.43
C ASP A 2 6.20 14.75 15.05
N GLU A 3 6.23 14.42 13.77
CA GLU A 3 5.55 13.25 13.27
C GLU A 3 6.31 12.63 12.11
N LEU A 4 5.89 11.44 11.69
CA LEU A 4 6.49 10.74 10.56
C LEU A 4 5.91 11.26 9.25
N ARG A 5 6.01 12.57 9.07
CA ARG A 5 5.34 13.29 7.99
C ARG A 5 5.72 12.75 6.61
N GLU A 6 7.01 12.52 6.41
CA GLU A 6 7.51 12.05 5.11
C GLU A 6 7.12 10.61 4.84
N LEU A 7 7.09 9.80 5.88
CA LEU A 7 6.78 8.39 5.74
C LEU A 7 5.32 8.21 5.30
N LEU A 8 4.48 9.14 5.72
CA LEU A 8 3.04 9.10 5.41
C LEU A 8 2.80 9.19 3.90
N LYS A 9 3.70 9.88 3.21
CA LYS A 9 3.55 10.16 1.78
C LYS A 9 3.47 8.87 0.97
N ALA A 10 4.21 7.86 1.41
CA ALA A 10 4.29 6.60 0.66
C ALA A 10 2.96 5.83 0.71
N GLU A 11 2.39 5.71 1.90
CA GLU A 11 1.11 5.02 2.07
C GLU A 11 0.02 5.78 1.32
N GLN A 12 0.08 7.11 1.36
CA GLN A 12 -0.85 7.95 0.64
C GLN A 12 -0.71 7.77 -0.88
N GLN A 13 0.54 7.69 -1.34
CA GLN A 13 0.84 7.49 -2.76
C GLN A 13 0.25 6.18 -3.26
N GLY A 14 0.44 5.13 -2.47
CA GLY A 14 -0.11 3.84 -2.84
C GLY A 14 -1.60 3.88 -3.01
N ILE A 15 -2.28 4.51 -2.05
CA ILE A 15 -3.73 4.68 -2.10
C ILE A 15 -4.14 5.49 -3.31
N LYS A 16 -3.35 6.52 -3.63
CA LYS A 16 -3.62 7.38 -4.77
C LYS A 16 -3.57 6.58 -6.08
N ILE A 17 -2.58 5.70 -6.19
CA ILE A 17 -2.44 4.85 -7.36
C ILE A 17 -3.61 3.84 -7.44
N LEU A 18 -4.01 3.34 -6.28
CA LEU A 18 -5.11 2.39 -6.20
C LEU A 18 -6.39 2.98 -6.81
N LYS A 19 -6.62 4.28 -6.56
CA LYS A 19 -7.78 4.97 -7.12
C LYS A 19 -7.78 4.91 -8.64
N GLU A 20 -6.61 5.16 -9.23
CA GLU A 20 -6.47 5.16 -10.68
C GLU A 20 -6.71 3.77 -11.25
N VAL A 21 -6.17 2.77 -10.57
CA VAL A 21 -6.31 1.39 -11.01
C VAL A 21 -7.77 0.95 -11.01
N LEU A 22 -8.52 1.38 -10.00
CA LEU A 22 -9.94 1.02 -9.90
C LEU A 22 -10.69 1.42 -11.17
N LYS A 23 -10.44 2.64 -11.63
CA LYS A 23 -11.09 3.14 -12.84
C LYS A 23 -10.61 2.37 -14.06
N LYS A 24 -9.31 2.20 -14.17
CA LYS A 24 -8.71 1.61 -15.36
C LYS A 24 -9.01 0.12 -15.48
N ALA A 25 -9.03 -0.58 -14.35
CA ALA A 25 -9.31 -2.02 -14.35
C ALA A 25 -10.78 -2.28 -14.65
N LYS A 26 -11.65 -1.40 -14.17
CA LYS A 26 -13.08 -1.52 -14.41
C LYS A 26 -13.39 -1.17 -15.87
N GLU A 27 -12.69 -0.19 -16.41
CA GLU A 27 -12.83 0.20 -17.81
C GLU A 27 -12.24 -0.87 -18.73
N GLY A 28 -11.04 -1.33 -18.41
CA GLY A 28 -10.42 -2.37 -19.20
C GLY A 28 -9.12 -1.94 -19.86
N ASP A 29 -8.42 -1.00 -19.24
CA ASP A 29 -7.11 -0.58 -19.71
C ASP A 29 -6.05 -1.56 -19.24
N GLU A 30 -6.11 -2.77 -19.78
CA GLU A 30 -5.24 -3.87 -19.37
C GLU A 30 -3.76 -3.56 -19.62
N GLN A 31 -3.48 -2.86 -20.72
CA GLN A 31 -2.11 -2.50 -21.07
C GLN A 31 -1.55 -1.50 -20.06
N GLU A 32 -2.40 -0.58 -19.61
CA GLU A 32 -2.01 0.40 -18.61
C GLU A 32 -1.86 -0.28 -17.25
N LEU A 33 -2.73 -1.25 -16.99
CA LEU A 33 -2.74 -1.98 -15.72
C LEU A 33 -1.38 -2.61 -15.41
N ALA A 34 -0.70 -3.06 -16.46
CA ALA A 34 0.63 -3.66 -16.29
C ALA A 34 1.60 -2.66 -15.66
N ARG A 35 1.54 -1.42 -16.13
CA ARG A 35 2.37 -0.36 -15.60
C ARG A 35 1.93 0.03 -14.20
N LEU A 36 0.63 0.24 -14.03
CA LEU A 36 0.08 0.69 -12.76
C LEU A 36 0.40 -0.29 -11.63
N ASN A 37 0.22 -1.58 -11.91
CA ASN A 37 0.45 -2.63 -10.93
C ASN A 37 1.89 -2.58 -10.42
N GLN A 38 2.84 -2.47 -11.36
CA GLN A 38 4.25 -2.43 -11.06
C GLN A 38 4.58 -1.27 -10.13
N GLU A 39 4.02 -0.11 -10.43
CA GLU A 39 4.32 1.10 -9.67
C GLU A 39 3.78 1.02 -8.25
N ILE A 40 2.66 0.31 -8.07
CA ILE A 40 2.12 0.08 -6.74
C ILE A 40 3.14 -0.63 -5.86
N VAL A 41 3.71 -1.71 -6.39
CA VAL A 41 4.70 -2.50 -5.67
C VAL A 41 5.89 -1.64 -5.27
N LYS A 42 6.38 -0.85 -6.21
CA LYS A 42 7.53 0.01 -5.97
C LYS A 42 7.24 1.05 -4.89
N ALA A 43 6.07 1.69 -4.98
CA ALA A 43 5.72 2.77 -4.06
C ALA A 43 5.48 2.25 -2.65
N GLU A 44 4.70 1.18 -2.52
CA GLU A 44 4.36 0.65 -1.21
C GLU A 44 5.61 0.12 -0.50
N LYS A 45 6.43 -0.62 -1.23
CA LYS A 45 7.60 -1.24 -0.65
C LYS A 45 8.65 -0.20 -0.29
N GLN A 46 8.68 0.91 -1.04
CA GLN A 46 9.54 2.03 -0.70
C GLN A 46 9.15 2.57 0.67
N GLY A 47 7.84 2.72 0.87
CA GLY A 47 7.33 3.23 2.13
C GLY A 47 7.51 2.25 3.27
N VAL A 48 7.23 0.98 3.02
CA VAL A 48 7.37 -0.04 4.05
C VAL A 48 8.81 -0.09 4.55
N LYS A 49 9.74 0.10 3.61
CA LYS A 49 11.16 0.11 3.91
C LYS A 49 11.52 1.21 4.92
N VAL A 50 11.08 2.44 4.67
CA VAL A 50 11.38 3.55 5.57
C VAL A 50 10.65 3.40 6.90
N TYR A 51 9.45 2.82 6.87
CA TYR A 51 8.72 2.52 8.10
C TYR A 51 9.48 1.47 8.91
N LYS A 52 10.06 0.49 8.21
CA LYS A 52 10.83 -0.56 8.87
C LYS A 52 12.10 -0.01 9.49
N GLU A 53 12.68 1.00 8.86
CA GLU A 53 13.83 1.70 9.44
C GLU A 53 13.41 2.45 10.70
N ALA A 54 12.26 3.11 10.62
CA ALA A 54 11.71 3.85 11.75
C ALA A 54 11.34 2.91 12.88
N ALA A 55 10.92 1.71 12.54
CA ALA A 55 10.57 0.69 13.53
C ALA A 55 11.78 0.31 14.38
N GLU A 56 12.97 0.36 13.78
CA GLU A 56 14.19 0.04 14.49
C GLU A 56 14.59 1.21 15.40
N LYS A 57 13.99 2.36 15.15
CA LYS A 57 14.29 3.58 15.89
C LYS A 57 13.06 3.98 16.72
N ALA A 58 12.16 3.02 16.91
CA ALA A 58 10.89 3.29 17.58
C ALA A 58 11.07 3.46 19.07
N ARG A 59 12.13 2.84 19.63
CA ARG A 59 12.42 2.88 21.06
C ARG A 59 11.41 2.07 21.86
N ASN A 60 10.16 2.49 21.79
CA ASN A 60 9.09 1.82 22.52
C ASN A 60 8.44 0.75 21.65
N PRO A 61 8.39 -0.49 22.15
CA PRO A 61 7.89 -1.65 21.40
C PRO A 61 6.44 -1.49 20.95
N GLU A 62 5.64 -0.80 21.76
CA GLU A 62 4.22 -0.63 21.45
C GLU A 62 4.02 0.25 20.23
N LYS A 63 4.95 1.18 20.00
CA LYS A 63 4.88 2.02 18.82
C LYS A 63 5.33 1.22 17.60
N ARG A 64 6.28 0.31 17.81
CA ARG A 64 6.70 -0.59 16.75
C ARG A 64 5.58 -1.57 16.43
N GLN A 65 4.82 -1.96 17.46
CA GLN A 65 3.69 -2.86 17.28
C GLN A 65 2.70 -2.29 16.27
N VAL A 66 2.42 -1.01 16.38
CA VAL A 66 1.53 -0.32 15.46
C VAL A 66 2.06 -0.38 14.03
N ILE A 67 3.32 0.01 13.87
CA ILE A 67 3.95 0.04 12.56
C ILE A 67 4.12 -1.37 12.00
N ASP A 68 4.56 -2.30 12.84
CA ASP A 68 4.84 -3.68 12.43
C ASP A 68 3.60 -4.36 11.87
N LYS A 69 2.44 -4.07 12.45
CA LYS A 69 1.19 -4.64 11.96
C LYS A 69 0.99 -4.22 10.50
N ILE A 70 1.23 -2.95 10.22
CA ILE A 70 1.16 -2.43 8.87
C ILE A 70 2.33 -2.93 8.02
N LEU A 71 3.50 -3.02 8.64
CA LEU A 71 4.69 -3.55 7.96
C LEU A 71 4.43 -4.94 7.41
N GLU A 72 3.89 -5.81 8.25
CA GLU A 72 3.57 -7.16 7.85
C GLU A 72 2.40 -7.16 6.87
N ASP A 73 1.46 -6.24 7.09
CA ASP A 73 0.28 -6.10 6.23
C ASP A 73 0.69 -5.71 4.82
N GLU A 74 1.51 -4.68 4.74
CA GLU A 74 1.94 -4.10 3.47
C GLU A 74 2.71 -5.15 2.67
N GLU A 75 3.51 -5.98 3.36
CA GLU A 75 4.22 -7.08 2.72
C GLU A 75 3.23 -8.08 2.13
N LYS A 76 2.10 -8.25 2.81
CA LYS A 76 1.05 -9.15 2.36
C LYS A 76 0.42 -8.60 1.07
N HIS A 77 0.38 -7.28 0.95
CA HIS A 77 -0.15 -6.65 -0.25
C HIS A 77 0.82 -6.87 -1.42
N ILE A 78 2.09 -6.59 -1.15
CA ILE A 78 3.13 -6.62 -2.16
C ILE A 78 3.31 -7.99 -2.79
N GLU A 79 3.28 -9.04 -1.97
CA GLU A 79 3.42 -10.41 -2.48
C GLU A 79 2.35 -10.71 -3.53
N TRP A 80 1.16 -10.15 -3.33
CA TRP A 80 0.05 -10.34 -4.24
C TRP A 80 0.29 -9.58 -5.54
N HIS A 81 0.48 -8.27 -5.44
CA HIS A 81 0.61 -7.42 -6.62
C HIS A 81 1.80 -7.83 -7.48
N LYS A 82 2.92 -8.17 -6.86
CA LYS A 82 4.12 -8.54 -7.62
C LYS A 82 3.87 -9.82 -8.41
N ALA A 83 3.19 -10.79 -7.79
CA ALA A 83 2.86 -12.04 -8.47
C ALA A 83 1.78 -11.84 -9.53
N ALA A 84 0.88 -10.90 -9.25
CA ALA A 84 -0.28 -10.64 -10.11
C ALA A 84 0.11 -9.92 -11.40
N SER A 85 1.35 -9.45 -11.48
CA SER A 85 1.85 -8.69 -12.62
C SER A 85 1.51 -9.35 -13.96
N LYS A 86 0.41 -8.92 -14.55
CA LYS A 86 -0.06 -9.40 -15.84
C LYS A 86 -0.90 -8.32 -16.50
N GLN A 87 -1.07 -8.41 -17.81
CA GLN A 87 -1.96 -7.52 -18.52
C GLN A 87 -3.28 -8.24 -18.82
N GLY A 88 -4.32 -7.90 -18.07
CA GLY A 88 -5.61 -8.52 -18.27
C GLY A 88 -6.41 -8.57 -16.98
N ASN A 89 -7.32 -9.55 -16.89
CA ASN A 89 -8.16 -9.78 -15.71
C ASN A 89 -9.26 -8.73 -15.59
N ALA A 90 -8.87 -7.45 -15.57
CA ALA A 90 -9.78 -6.33 -15.54
C ALA A 90 -10.70 -6.33 -14.31
N GLU A 91 -11.90 -6.88 -14.47
CA GLU A 91 -12.94 -6.77 -13.43
C GLU A 91 -12.53 -7.48 -12.14
N GLN A 92 -11.99 -8.69 -12.26
CA GLN A 92 -11.57 -9.44 -11.10
C GLN A 92 -10.38 -8.77 -10.43
N PHE A 93 -9.53 -8.17 -11.25
CA PHE A 93 -8.37 -7.45 -10.78
C PHE A 93 -8.81 -6.21 -9.99
N ALA A 94 -9.75 -5.47 -10.55
CA ALA A 94 -10.29 -4.28 -9.89
C ALA A 94 -10.89 -4.61 -8.53
N SER A 95 -11.62 -5.72 -8.47
CA SER A 95 -12.25 -6.16 -7.23
C SER A 95 -11.20 -6.44 -6.15
N LEU A 96 -10.09 -7.04 -6.56
CA LEU A 96 -9.02 -7.39 -5.64
C LEU A 96 -8.27 -6.14 -5.18
N VAL A 97 -8.16 -5.16 -6.07
CA VAL A 97 -7.54 -3.89 -5.74
C VAL A 97 -8.44 -3.08 -4.81
N GLN A 98 -9.75 -3.19 -5.02
CA GLN A 98 -10.73 -2.48 -4.20
C GLN A 98 -10.56 -2.87 -2.73
N GLN A 99 -10.37 -4.15 -2.46
CA GLN A 99 -10.20 -4.64 -1.10
C GLN A 99 -8.89 -4.12 -0.50
N HIS A 100 -7.87 -3.99 -1.35
CA HIS A 100 -6.60 -3.41 -0.95
C HIS A 100 -6.81 -1.97 -0.46
N LEU A 101 -7.63 -1.24 -1.22
CA LEU A 101 -7.96 0.14 -0.88
C LEU A 101 -8.64 0.23 0.49
N GLN A 102 -9.60 -0.67 0.72
CA GLN A 102 -10.31 -0.71 1.98
C GLN A 102 -9.36 -1.03 3.12
N ASP A 103 -8.42 -1.92 2.85
CA ASP A 103 -7.41 -2.32 3.83
C ASP A 103 -6.56 -1.13 4.28
N GLU A 104 -6.06 -0.36 3.32
CA GLU A 104 -5.17 0.76 3.61
C GLU A 104 -5.88 1.84 4.43
N GLN A 105 -7.21 1.84 4.40
CA GLN A 105 -8.00 2.78 5.19
C GLN A 105 -7.75 2.52 6.67
N ARG A 106 -7.65 1.26 7.03
CA ARG A 106 -7.32 0.87 8.40
C ARG A 106 -5.88 1.22 8.73
N HIS A 107 -5.02 1.14 7.71
CA HIS A 107 -3.61 1.51 7.86
C HIS A 107 -3.50 2.97 8.26
N VAL A 108 -4.18 3.83 7.52
CA VAL A 108 -4.14 5.26 7.78
C VAL A 108 -4.71 5.61 9.14
N GLU A 109 -5.80 4.95 9.54
CA GLU A 109 -6.44 5.23 10.82
C GLU A 109 -5.49 5.02 11.98
N GLU A 110 -4.80 3.88 11.98
CA GLU A 110 -3.92 3.56 13.09
C GLU A 110 -2.69 4.45 13.08
N ILE A 111 -2.25 4.83 11.89
CA ILE A 111 -1.19 5.80 11.74
C ILE A 111 -1.56 7.10 12.44
N GLU A 112 -2.77 7.59 12.16
CA GLU A 112 -3.23 8.86 12.71
C GLU A 112 -3.61 8.74 14.18
N LYS A 113 -3.69 7.51 14.69
CA LYS A 113 -3.91 7.30 16.12
C LYS A 113 -2.65 7.61 16.89
N LYS A 114 -1.51 7.32 16.27
CA LYS A 114 -0.21 7.56 16.90
C LYS A 114 0.39 8.87 16.41
N ASN A 115 -0.28 9.50 15.44
CA ASN A 115 0.20 10.73 14.84
C ASN A 115 -0.30 11.94 15.61
ZN ZN B . -3.59 -4.14 4.86
ZN ZN C . -0.70 -1.57 0.42
ZN ZN D . -0.66 0.47 3.78
N MET A 1 15.52 13.56 6.75
CA MET A 1 14.62 12.65 7.49
C MET A 1 13.45 13.43 8.08
N ASP A 2 12.34 13.42 7.38
CA ASP A 2 11.16 14.15 7.81
C ASP A 2 10.23 13.24 8.59
N GLU A 3 10.17 13.49 9.90
CA GLU A 3 9.40 12.66 10.82
C GLU A 3 7.94 12.58 10.40
N LEU A 4 7.47 11.35 10.20
CA LEU A 4 6.09 11.06 9.82
C LEU A 4 5.77 11.48 8.39
N ARG A 5 6.20 12.68 8.00
CA ARG A 5 5.79 13.29 6.74
C ARG A 5 6.14 12.41 5.54
N GLU A 6 7.40 11.98 5.44
CA GLU A 6 7.80 11.15 4.31
C GLU A 6 7.23 9.74 4.42
N LEU A 7 7.12 9.22 5.64
CA LEU A 7 6.64 7.86 5.85
C LEU A 7 5.15 7.74 5.51
N LEU A 8 4.38 8.73 5.93
CA LEU A 8 2.93 8.74 5.68
C LEU A 8 2.64 8.85 4.20
N LYS A 9 3.51 9.57 3.48
CA LYS A 9 3.29 9.87 2.08
C LYS A 9 3.18 8.60 1.24
N ALA A 10 3.97 7.60 1.58
CA ALA A 10 3.97 6.35 0.80
C ALA A 10 2.66 5.60 0.96
N GLU A 11 2.18 5.47 2.20
CA GLU A 11 0.92 4.81 2.47
C GLU A 11 -0.24 5.59 1.84
N GLN A 12 -0.14 6.92 1.87
CA GLN A 12 -1.12 7.80 1.25
C GLN A 12 -1.10 7.64 -0.28
N GLN A 13 0.11 7.58 -0.84
CA GLN A 13 0.30 7.46 -2.27
C GLN A 13 -0.28 6.14 -2.79
N GLY A 14 -0.07 5.07 -2.03
CA GLY A 14 -0.59 3.78 -2.44
C GLY A 14 -2.10 3.80 -2.60
N ILE A 15 -2.79 4.39 -1.62
CA ILE A 15 -4.24 4.51 -1.67
C ILE A 15 -4.67 5.34 -2.86
N LYS A 16 -3.95 6.43 -3.12
CA LYS A 16 -4.24 7.29 -4.25
C LYS A 16 -4.18 6.50 -5.56
N ILE A 17 -3.12 5.72 -5.71
CA ILE A 17 -2.93 4.92 -6.92
C ILE A 17 -4.03 3.88 -7.04
N LEU A 18 -4.42 3.30 -5.91
CA LEU A 18 -5.46 2.26 -5.88
C LEU A 18 -6.76 2.77 -6.49
N LYS A 19 -7.10 4.02 -6.20
CA LYS A 19 -8.32 4.64 -6.75
C LYS A 19 -8.29 4.67 -8.26
N GLU A 20 -7.16 5.09 -8.80
CA GLU A 20 -6.98 5.22 -10.24
C GLU A 20 -6.84 3.86 -10.92
N VAL A 21 -6.25 2.91 -10.21
CA VAL A 21 -6.10 1.56 -10.75
C VAL A 21 -7.45 0.93 -11.07
N LEU A 22 -8.38 0.99 -10.11
CA LEU A 22 -9.73 0.48 -10.35
C LEU A 22 -10.44 1.34 -11.39
N LYS A 23 -10.13 2.63 -11.36
CA LYS A 23 -10.69 3.59 -12.31
C LYS A 23 -10.30 3.22 -13.74
N LYS A 24 -9.02 2.93 -13.93
CA LYS A 24 -8.48 2.66 -15.25
C LYS A 24 -8.81 1.24 -15.69
N ALA A 25 -9.09 0.38 -14.72
CA ALA A 25 -9.49 -1.00 -15.02
C ALA A 25 -10.82 -1.02 -15.75
N LYS A 26 -11.70 -0.10 -15.38
CA LYS A 26 -13.00 0.02 -16.05
C LYS A 26 -12.83 0.60 -17.45
N GLU A 27 -11.78 1.38 -17.64
CA GLU A 27 -11.45 1.93 -18.94
C GLU A 27 -10.88 0.84 -19.84
N GLY A 28 -9.99 0.01 -19.28
CA GLY A 28 -9.55 -1.19 -19.97
C GLY A 28 -8.26 -1.01 -20.76
N ASP A 29 -7.32 -0.25 -20.22
CA ASP A 29 -5.99 -0.16 -20.83
C ASP A 29 -5.04 -1.11 -20.12
N GLU A 30 -4.72 -2.22 -20.78
CA GLU A 30 -3.88 -3.25 -20.18
C GLU A 30 -2.46 -2.76 -19.94
N GLN A 31 -1.94 -1.98 -20.87
CA GLN A 31 -0.59 -1.45 -20.75
C GLN A 31 -0.48 -0.52 -19.55
N GLU A 32 -1.48 0.34 -19.41
CA GLU A 32 -1.54 1.24 -18.26
C GLU A 32 -1.70 0.43 -16.98
N LEU A 33 -2.62 -0.52 -17.00
CA LEU A 33 -2.91 -1.37 -15.84
C LEU A 33 -1.65 -2.11 -15.36
N ALA A 34 -0.85 -2.59 -16.31
CA ALA A 34 0.38 -3.30 -15.98
C ALA A 34 1.36 -2.37 -15.27
N ARG A 35 1.51 -1.15 -15.79
CA ARG A 35 2.39 -0.17 -15.20
C ARG A 35 1.87 0.28 -13.83
N LEU A 36 0.55 0.48 -13.74
CA LEU A 36 -0.06 0.87 -12.47
C LEU A 36 0.20 -0.18 -11.40
N ASN A 37 0.01 -1.44 -11.77
CA ASN A 37 0.25 -2.56 -10.86
C ASN A 37 1.71 -2.56 -10.41
N GLN A 38 2.61 -2.32 -11.35
CA GLN A 38 4.04 -2.25 -11.07
C GLN A 38 4.38 -1.05 -10.20
N GLU A 39 3.67 0.06 -10.44
CA GLU A 39 3.90 1.29 -9.69
C GLU A 39 3.50 1.12 -8.23
N ILE A 40 2.43 0.39 -7.98
CA ILE A 40 1.98 0.09 -6.63
C ILE A 40 3.10 -0.59 -5.84
N VAL A 41 3.71 -1.57 -6.47
CA VAL A 41 4.80 -2.32 -5.86
C VAL A 41 5.91 -1.38 -5.39
N LYS A 42 6.31 -0.47 -6.26
CA LYS A 42 7.37 0.49 -5.95
C LYS A 42 6.96 1.42 -4.80
N ALA A 43 5.75 1.93 -4.86
CA ALA A 43 5.26 2.87 -3.86
C ALA A 43 5.18 2.22 -2.48
N GLU A 44 4.62 1.02 -2.42
CA GLU A 44 4.47 0.32 -1.16
C GLU A 44 5.82 -0.16 -0.64
N LYS A 45 6.70 -0.56 -1.57
CA LYS A 45 8.06 -0.97 -1.20
C LYS A 45 8.81 0.15 -0.51
N GLN A 46 8.64 1.38 -1.02
CA GLN A 46 9.30 2.54 -0.46
C GLN A 46 8.82 2.76 0.97
N GLY A 47 7.52 2.57 1.18
CA GLY A 47 6.93 2.70 2.50
C GLY A 47 7.47 1.65 3.46
N VAL A 48 7.59 0.43 2.98
CA VAL A 48 8.13 -0.67 3.78
C VAL A 48 9.53 -0.34 4.29
N LYS A 49 10.40 0.13 3.39
CA LYS A 49 11.79 0.41 3.74
C LYS A 49 11.89 1.50 4.80
N VAL A 50 11.14 2.59 4.62
CA VAL A 50 11.17 3.71 5.56
C VAL A 50 10.54 3.31 6.90
N TYR A 51 9.56 2.42 6.84
CA TYR A 51 8.96 1.89 8.05
C TYR A 51 9.96 1.02 8.80
N LYS A 52 10.74 0.23 8.05
CA LYS A 52 11.80 -0.59 8.64
C LYS A 52 12.83 0.29 9.33
N GLU A 53 13.14 1.42 8.74
CA GLU A 53 14.07 2.37 9.32
C GLU A 53 13.61 2.78 10.71
N ALA A 54 12.34 3.13 10.83
CA ALA A 54 11.76 3.53 12.11
C ALA A 54 11.57 2.33 13.04
N ALA A 55 11.17 1.19 12.48
CA ALA A 55 10.88 0.00 13.28
C ALA A 55 12.13 -0.57 13.94
N GLU A 56 13.19 -0.72 13.17
CA GLU A 56 14.44 -1.27 13.68
C GLU A 56 15.20 -0.25 14.54
N LYS A 57 14.70 0.98 14.55
CA LYS A 57 15.28 2.04 15.34
C LYS A 57 14.25 2.60 16.33
N ALA A 58 13.23 1.80 16.61
CA ALA A 58 12.12 2.26 17.43
C ALA A 58 12.45 2.23 18.92
N ARG A 59 12.18 3.34 19.58
CA ARG A 59 12.34 3.45 21.02
C ARG A 59 11.03 3.13 21.74
N ASN A 60 9.92 3.46 21.09
CA ASN A 60 8.61 3.23 21.67
C ASN A 60 7.99 1.94 21.12
N PRO A 61 7.76 0.96 21.99
CA PRO A 61 7.24 -0.36 21.59
C PRO A 61 5.79 -0.30 21.09
N GLU A 62 5.02 0.61 21.66
CA GLU A 62 3.59 0.72 21.34
C GLU A 62 3.39 1.11 19.88
N LYS A 63 4.15 2.10 19.44
CA LYS A 63 4.06 2.55 18.05
C LYS A 63 4.74 1.57 17.12
N ARG A 64 5.79 0.92 17.61
CA ARG A 64 6.50 -0.06 16.80
C ARG A 64 5.60 -1.23 16.47
N GLN A 65 4.75 -1.61 17.42
CA GLN A 65 3.78 -2.68 17.22
C GLN A 65 2.86 -2.35 16.04
N VAL A 66 2.38 -1.10 16.01
CA VAL A 66 1.52 -0.63 14.93
C VAL A 66 2.27 -0.67 13.60
N ILE A 67 3.47 -0.09 13.60
CA ILE A 67 4.29 -0.06 12.39
C ILE A 67 4.64 -1.48 11.94
N ASP A 68 5.03 -2.32 12.89
CA ASP A 68 5.46 -3.69 12.61
C ASP A 68 4.39 -4.47 11.86
N LYS A 69 3.15 -4.41 12.35
CA LYS A 69 2.05 -5.12 11.73
C LYS A 69 1.70 -4.56 10.35
N ILE A 70 1.64 -3.25 10.24
CA ILE A 70 1.32 -2.60 8.98
C ILE A 70 2.44 -2.79 7.95
N LEU A 71 3.67 -2.72 8.43
CA LEU A 71 4.85 -3.01 7.60
C LEU A 71 4.72 -4.41 7.01
N GLU A 72 4.41 -5.37 7.87
CA GLU A 72 4.27 -6.75 7.48
C GLU A 72 3.09 -6.93 6.51
N ASP A 73 2.01 -6.20 6.78
CA ASP A 73 0.82 -6.24 5.93
C ASP A 73 1.13 -5.65 4.57
N GLU A 74 1.84 -4.53 4.58
CA GLU A 74 2.14 -3.78 3.37
C GLU A 74 2.96 -4.63 2.41
N GLU A 75 3.89 -5.42 2.95
CA GLU A 75 4.68 -6.34 2.15
C GLU A 75 3.80 -7.48 1.64
N LYS A 76 2.84 -7.89 2.46
CA LYS A 76 1.91 -8.95 2.08
C LYS A 76 1.07 -8.52 0.89
N HIS A 77 0.75 -7.22 0.82
CA HIS A 77 0.01 -6.65 -0.31
C HIS A 77 0.80 -6.86 -1.60
N ILE A 78 2.08 -6.53 -1.55
CA ILE A 78 2.94 -6.61 -2.72
C ILE A 78 3.09 -8.06 -3.18
N GLU A 79 3.25 -8.96 -2.21
CA GLU A 79 3.30 -10.38 -2.49
C GLU A 79 2.03 -10.83 -3.21
N TRP A 80 0.89 -10.31 -2.76
CA TRP A 80 -0.40 -10.65 -3.35
C TRP A 80 -0.49 -10.11 -4.79
N HIS A 81 -0.20 -8.82 -4.97
CA HIS A 81 -0.22 -8.22 -6.30
C HIS A 81 0.68 -8.97 -7.27
N LYS A 82 1.84 -9.38 -6.77
CA LYS A 82 2.81 -10.11 -7.57
C LYS A 82 2.23 -11.45 -8.03
N ALA A 83 1.65 -12.18 -7.09
CA ALA A 83 1.12 -13.52 -7.36
C ALA A 83 -0.15 -13.45 -8.21
N ALA A 84 -0.90 -12.37 -8.08
CA ALA A 84 -2.14 -12.21 -8.82
C ALA A 84 -1.88 -11.86 -10.28
N SER A 85 -0.62 -11.52 -10.59
CA SER A 85 -0.25 -11.12 -11.95
C SER A 85 0.06 -12.34 -12.81
N LYS A 86 -0.77 -13.38 -12.70
CA LYS A 86 -0.60 -14.58 -13.50
C LYS A 86 -1.68 -14.65 -14.57
N GLN A 87 -2.93 -14.70 -14.13
CA GLN A 87 -4.07 -14.75 -15.04
C GLN A 87 -5.33 -14.31 -14.31
N GLY A 88 -5.99 -13.29 -14.84
CA GLY A 88 -7.23 -12.82 -14.23
C GLY A 88 -7.18 -11.35 -13.90
N ASN A 89 -7.13 -10.53 -14.94
CA ASN A 89 -7.02 -9.09 -14.75
C ASN A 89 -8.35 -8.39 -15.09
N ALA A 90 -8.33 -7.07 -15.11
CA ALA A 90 -9.50 -6.24 -15.41
C ALA A 90 -10.61 -6.43 -14.37
N GLU A 91 -11.51 -7.38 -14.63
CA GLU A 91 -12.69 -7.56 -13.79
C GLU A 91 -12.30 -8.10 -12.42
N GLN A 92 -11.51 -9.17 -12.40
CA GLN A 92 -11.04 -9.74 -11.16
C GLN A 92 -10.05 -8.80 -10.47
N PHE A 93 -9.27 -8.12 -11.29
CA PHE A 93 -8.24 -7.20 -10.82
C PHE A 93 -8.85 -6.03 -10.04
N ALA A 94 -9.93 -5.45 -10.59
CA ALA A 94 -10.61 -4.35 -9.92
C ALA A 94 -11.18 -4.78 -8.58
N SER A 95 -11.67 -6.01 -8.52
CA SER A 95 -12.21 -6.57 -7.29
C SER A 95 -11.13 -6.70 -6.22
N LEU A 96 -9.92 -7.02 -6.65
CA LEU A 96 -8.77 -7.14 -5.75
C LEU A 96 -8.39 -5.76 -5.18
N VAL A 97 -8.51 -4.75 -6.02
CA VAL A 97 -8.19 -3.38 -5.64
C VAL A 97 -9.09 -2.91 -4.50
N GLN A 98 -10.36 -3.29 -4.55
CA GLN A 98 -11.32 -2.90 -3.51
C GLN A 98 -10.89 -3.43 -2.15
N GLN A 99 -10.35 -4.63 -2.13
CA GLN A 99 -9.90 -5.25 -0.89
C GLN A 99 -8.66 -4.54 -0.35
N HIS A 100 -7.74 -4.22 -1.25
CA HIS A 100 -6.51 -3.50 -0.90
C HIS A 100 -6.86 -2.11 -0.36
N LEU A 101 -7.79 -1.45 -1.03
CA LEU A 101 -8.21 -0.11 -0.66
C LEU A 101 -8.82 -0.08 0.74
N GLN A 102 -9.73 -1.01 1.02
CA GLN A 102 -10.37 -1.11 2.31
C GLN A 102 -9.32 -1.37 3.39
N ASP A 103 -8.37 -2.22 3.08
CA ASP A 103 -7.30 -2.57 3.99
C ASP A 103 -6.46 -1.34 4.36
N GLU A 104 -6.04 -0.58 3.35
CA GLU A 104 -5.19 0.58 3.56
C GLU A 104 -5.93 1.67 4.35
N GLN A 105 -7.24 1.69 4.24
CA GLN A 105 -8.04 2.62 5.02
C GLN A 105 -7.85 2.34 6.49
N ARG A 106 -7.91 1.06 6.85
CA ARG A 106 -7.69 0.64 8.23
C ARG A 106 -6.25 0.89 8.64
N HIS A 107 -5.33 0.78 7.66
CA HIS A 107 -3.93 1.10 7.91
C HIS A 107 -3.78 2.55 8.36
N VAL A 108 -4.39 3.46 7.61
CA VAL A 108 -4.31 4.88 7.91
C VAL A 108 -5.05 5.22 9.20
N GLU A 109 -6.24 4.65 9.37
CA GLU A 109 -7.03 4.88 10.58
C GLU A 109 -6.27 4.46 11.83
N GLU A 110 -5.49 3.39 11.71
CA GLU A 110 -4.68 2.92 12.82
C GLU A 110 -3.51 3.87 13.08
N ILE A 111 -2.84 4.29 12.01
CA ILE A 111 -1.70 5.21 12.12
C ILE A 111 -2.14 6.55 12.71
N GLU A 112 -3.04 7.22 12.01
CA GLU A 112 -3.40 8.58 12.32
C GLU A 112 -4.64 8.62 13.21
N LYS A 113 -4.45 8.15 14.44
CA LYS A 113 -5.48 8.21 15.48
C LYS A 113 -6.06 9.62 15.60
N LYS A 114 -5.18 10.62 15.60
CA LYS A 114 -5.61 12.00 15.68
C LYS A 114 -5.26 12.77 14.42
N ASN A 115 -6.18 12.77 13.48
CA ASN A 115 -6.05 13.56 12.27
C ASN A 115 -7.40 14.20 11.96
ZN ZN B . -3.39 -4.38 4.83
ZN ZN C . -0.51 -1.46 0.37
ZN ZN D . -0.88 0.33 3.95
N MET A 1 11.74 6.81 16.05
CA MET A 1 12.09 7.39 14.74
C MET A 1 11.07 8.47 14.40
N ASP A 2 9.93 8.03 13.88
CA ASP A 2 8.73 8.86 13.78
C ASP A 2 8.97 10.16 13.03
N GLU A 3 9.49 10.08 11.81
CA GLU A 3 9.58 11.25 10.95
C GLU A 3 8.15 11.74 10.67
N LEU A 4 7.25 10.77 10.52
CA LEU A 4 5.81 11.01 10.41
C LEU A 4 5.41 11.61 9.07
N ARG A 5 5.85 12.83 8.82
CA ARG A 5 5.38 13.61 7.68
C ARG A 5 5.66 12.92 6.34
N GLU A 6 6.89 12.49 6.14
CA GLU A 6 7.26 11.80 4.91
C GLU A 6 6.65 10.41 4.86
N LEU A 7 6.55 9.79 6.03
CA LEU A 7 6.13 8.39 6.14
C LEU A 7 4.67 8.23 5.73
N LEU A 8 3.82 9.15 6.16
CA LEU A 8 2.39 9.08 5.89
C LEU A 8 2.09 9.16 4.40
N LYS A 9 2.94 9.87 3.68
CA LYS A 9 2.75 10.10 2.25
C LYS A 9 2.75 8.80 1.46
N ALA A 10 3.53 7.83 1.92
CA ALA A 10 3.64 6.54 1.23
C ALA A 10 2.30 5.80 1.20
N GLU A 11 1.63 5.75 2.35
CA GLU A 11 0.31 5.10 2.42
C GLU A 11 -0.71 5.90 1.61
N GLN A 12 -0.58 7.22 1.64
CA GLN A 12 -1.41 8.09 0.83
C GLN A 12 -1.18 7.82 -0.65
N GLN A 13 0.08 7.65 -1.03
CA GLN A 13 0.46 7.34 -2.39
C GLN A 13 -0.11 5.99 -2.83
N GLY A 14 -0.02 5.00 -1.95
CA GLY A 14 -0.55 3.69 -2.26
C GLY A 14 -2.04 3.73 -2.55
N ILE A 15 -2.80 4.41 -1.69
CA ILE A 15 -4.24 4.54 -1.88
C ILE A 15 -4.52 5.34 -3.15
N LYS A 16 -3.74 6.39 -3.35
CA LYS A 16 -3.87 7.27 -4.51
C LYS A 16 -3.73 6.48 -5.80
N ILE A 17 -2.74 5.61 -5.88
CA ILE A 17 -2.52 4.78 -7.05
C ILE A 17 -3.63 3.74 -7.18
N LEU A 18 -4.05 3.15 -6.06
CA LEU A 18 -5.14 2.19 -6.06
C LEU A 18 -6.41 2.82 -6.63
N LYS A 19 -6.68 4.06 -6.23
CA LYS A 19 -7.80 4.83 -6.76
C LYS A 19 -7.72 4.95 -8.29
N GLU A 20 -6.49 5.08 -8.80
CA GLU A 20 -6.27 5.15 -10.23
C GLU A 20 -6.54 3.79 -10.88
N VAL A 21 -6.12 2.73 -10.21
CA VAL A 21 -6.36 1.37 -10.68
C VAL A 21 -7.86 1.11 -10.80
N LEU A 22 -8.62 1.61 -9.84
CA LEU A 22 -10.08 1.48 -9.85
C LEU A 22 -10.66 2.05 -11.14
N LYS A 23 -10.13 3.19 -11.57
CA LYS A 23 -10.58 3.83 -12.80
C LYS A 23 -10.11 3.06 -14.02
N LYS A 24 -8.82 2.71 -14.03
CA LYS A 24 -8.22 2.06 -15.18
C LYS A 24 -8.68 0.61 -15.35
N ALA A 25 -9.23 0.03 -14.29
CA ALA A 25 -9.78 -1.32 -14.36
C ALA A 25 -10.92 -1.38 -15.36
N LYS A 26 -11.78 -0.37 -15.34
CA LYS A 26 -12.93 -0.33 -16.23
C LYS A 26 -12.49 -0.05 -17.68
N GLU A 27 -11.28 0.49 -17.82
CA GLU A 27 -10.72 0.74 -19.15
C GLU A 27 -10.55 -0.56 -19.93
N GLY A 28 -10.39 -1.66 -19.19
CA GLY A 28 -10.25 -2.96 -19.80
C GLY A 28 -8.88 -3.15 -20.43
N ASP A 29 -7.88 -2.52 -19.86
CA ASP A 29 -6.53 -2.63 -20.39
C ASP A 29 -5.58 -3.17 -19.32
N GLU A 30 -4.96 -4.29 -19.63
CA GLU A 30 -4.10 -4.99 -18.68
C GLU A 30 -2.67 -4.44 -18.75
N GLN A 31 -2.36 -3.78 -19.86
CA GLN A 31 -1.07 -3.14 -20.05
C GLN A 31 -0.88 -2.03 -19.00
N GLU A 32 -1.91 -1.21 -18.86
CA GLU A 32 -1.94 -0.16 -17.85
C GLU A 32 -1.96 -0.78 -16.45
N LEU A 33 -2.75 -1.84 -16.27
CA LEU A 33 -2.86 -2.51 -14.99
C LEU A 33 -1.50 -2.99 -14.51
N ALA A 34 -0.73 -3.58 -15.41
CA ALA A 34 0.61 -4.05 -15.08
C ALA A 34 1.50 -2.89 -14.65
N ARG A 35 1.43 -1.80 -15.39
CA ARG A 35 2.18 -0.59 -15.08
C ARG A 35 1.80 -0.06 -13.70
N LEU A 36 0.50 0.07 -13.46
CA LEU A 36 0.00 0.59 -12.19
C LEU A 36 0.39 -0.33 -11.04
N ASN A 37 0.23 -1.64 -11.27
CA ASN A 37 0.53 -2.64 -10.26
C ASN A 37 1.99 -2.55 -9.83
N GLN A 38 2.88 -2.31 -10.79
CA GLN A 38 4.28 -2.19 -10.51
C GLN A 38 4.58 -0.92 -9.73
N GLU A 39 3.89 0.18 -10.08
CA GLU A 39 4.06 1.44 -9.37
C GLU A 39 3.55 1.33 -7.93
N ILE A 40 2.52 0.51 -7.73
CA ILE A 40 2.03 0.22 -6.39
C ILE A 40 3.16 -0.38 -5.55
N VAL A 41 3.83 -1.38 -6.11
CA VAL A 41 4.98 -2.02 -5.47
C VAL A 41 6.05 -0.99 -5.15
N LYS A 42 6.36 -0.14 -6.13
CA LYS A 42 7.38 0.89 -5.96
C LYS A 42 7.02 1.87 -4.86
N ALA A 43 5.76 2.31 -4.85
CA ALA A 43 5.30 3.28 -3.87
C ALA A 43 5.23 2.68 -2.47
N GLU A 44 4.64 1.50 -2.36
CA GLU A 44 4.49 0.85 -1.07
C GLU A 44 5.84 0.48 -0.47
N LYS A 45 6.75 -0.04 -1.32
CA LYS A 45 8.09 -0.41 -0.85
C LYS A 45 8.92 0.81 -0.50
N GLN A 46 8.65 1.94 -1.16
CA GLN A 46 9.26 3.20 -0.76
C GLN A 46 8.88 3.50 0.69
N GLY A 47 7.61 3.26 1.00
CA GLY A 47 7.15 3.37 2.36
C GLY A 47 7.71 2.29 3.26
N VAL A 48 7.69 1.06 2.77
CA VAL A 48 8.27 -0.07 3.50
C VAL A 48 9.72 0.21 3.88
N LYS A 49 10.45 0.86 2.97
CA LYS A 49 11.86 1.18 3.20
C LYS A 49 12.03 1.99 4.48
N VAL A 50 11.28 3.09 4.59
CA VAL A 50 11.38 3.97 5.75
C VAL A 50 10.75 3.34 7.00
N TYR A 51 9.68 2.58 6.81
CA TYR A 51 9.00 1.94 7.93
C TYR A 51 9.81 0.78 8.49
N LYS A 52 10.48 0.04 7.62
CA LYS A 52 11.33 -1.07 8.04
C LYS A 52 12.51 -0.54 8.85
N GLU A 53 12.97 0.65 8.49
CA GLU A 53 14.01 1.34 9.24
C GLU A 53 13.45 1.77 10.61
N ALA A 54 12.23 2.30 10.59
CA ALA A 54 11.58 2.82 11.78
C ALA A 54 11.15 1.70 12.74
N ALA A 55 10.79 0.55 12.21
CA ALA A 55 10.31 -0.57 13.03
C ALA A 55 11.33 -0.99 14.07
N GLU A 56 12.60 -0.96 13.69
CA GLU A 56 13.68 -1.36 14.59
C GLU A 56 14.21 -0.15 15.36
N LYS A 57 13.50 0.97 15.24
CA LYS A 57 13.94 2.23 15.83
C LYS A 57 12.72 3.03 16.31
N ALA A 58 11.65 2.31 16.64
CA ALA A 58 10.39 2.92 17.00
C ALA A 58 10.38 3.46 18.43
N ARG A 59 11.39 3.06 19.21
CA ARG A 59 11.54 3.51 20.61
C ARG A 59 10.48 2.89 21.52
N ASN A 60 9.22 3.20 21.27
CA ASN A 60 8.12 2.70 22.07
C ASN A 60 7.62 1.36 21.55
N PRO A 61 7.27 0.44 22.46
CA PRO A 61 6.74 -0.88 22.08
C PRO A 61 5.48 -0.80 21.25
N GLU A 62 4.63 0.20 21.54
CA GLU A 62 3.39 0.38 20.79
C GLU A 62 3.70 0.73 19.34
N LYS A 63 4.65 1.64 19.16
CA LYS A 63 5.05 2.05 17.82
C LYS A 63 5.64 0.87 17.07
N ARG A 64 6.47 0.11 17.78
CA ARG A 64 7.14 -1.05 17.20
C ARG A 64 6.10 -2.07 16.70
N GLN A 65 5.05 -2.29 17.48
CA GLN A 65 4.01 -3.24 17.13
C GLN A 65 3.17 -2.73 15.96
N VAL A 66 2.77 -1.46 16.02
CA VAL A 66 1.93 -0.87 14.98
C VAL A 66 2.64 -0.89 13.63
N ILE A 67 3.89 -0.43 13.62
CA ILE A 67 4.67 -0.40 12.41
C ILE A 67 4.87 -1.81 11.85
N ASP A 68 5.11 -2.77 12.75
CA ASP A 68 5.34 -4.17 12.34
C ASP A 68 4.10 -4.75 11.68
N LYS A 69 2.94 -4.50 12.28
CA LYS A 69 1.68 -5.01 11.76
C LYS A 69 1.45 -4.50 10.33
N ILE A 70 1.66 -3.22 10.13
CA ILE A 70 1.48 -2.60 8.82
C ILE A 70 2.60 -3.01 7.87
N LEU A 71 3.83 -3.09 8.38
CA LEU A 71 4.98 -3.48 7.58
C LEU A 71 4.76 -4.86 6.98
N GLU A 72 4.35 -5.81 7.82
CA GLU A 72 4.11 -7.18 7.37
C GLU A 72 2.95 -7.21 6.38
N ASP A 73 1.94 -6.38 6.62
CA ASP A 73 0.78 -6.31 5.75
C ASP A 73 1.14 -5.69 4.43
N GLU A 74 1.94 -4.64 4.48
CA GLU A 74 2.32 -3.90 3.29
C GLU A 74 3.14 -4.79 2.35
N GLU A 75 4.05 -5.57 2.92
CA GLU A 75 4.82 -6.55 2.15
C GLU A 75 3.88 -7.63 1.62
N LYS A 76 2.88 -7.96 2.42
CA LYS A 76 1.86 -8.95 2.06
C LYS A 76 1.06 -8.47 0.85
N HIS A 77 0.74 -7.18 0.83
CA HIS A 77 0.02 -6.59 -0.30
C HIS A 77 0.84 -6.75 -1.57
N ILE A 78 2.11 -6.39 -1.46
CA ILE A 78 3.02 -6.38 -2.60
C ILE A 78 3.24 -7.77 -3.16
N GLU A 79 3.45 -8.77 -2.30
CA GLU A 79 3.64 -10.14 -2.78
C GLU A 79 2.36 -10.63 -3.45
N TRP A 80 1.22 -10.15 -2.98
CA TRP A 80 -0.07 -10.50 -3.56
C TRP A 80 -0.19 -9.88 -4.95
N HIS A 81 0.00 -8.57 -5.04
CA HIS A 81 -0.05 -7.86 -6.31
C HIS A 81 0.98 -8.39 -7.30
N LYS A 82 2.18 -8.70 -6.82
CA LYS A 82 3.24 -9.21 -7.68
C LYS A 82 2.81 -10.52 -8.34
N ALA A 83 2.19 -11.39 -7.56
CA ALA A 83 1.76 -12.69 -8.06
C ALA A 83 0.63 -12.55 -9.07
N ALA A 84 -0.32 -11.67 -8.77
CA ALA A 84 -1.49 -11.48 -9.63
C ALA A 84 -1.13 -10.66 -10.88
N SER A 85 0.00 -9.97 -10.82
CA SER A 85 0.44 -9.10 -11.90
C SER A 85 0.71 -9.89 -13.18
N LYS A 86 0.92 -11.19 -13.05
CA LYS A 86 1.26 -12.02 -14.19
C LYS A 86 0.19 -13.09 -14.43
N GLN A 87 -1.02 -12.84 -13.94
CA GLN A 87 -2.12 -13.78 -14.12
C GLN A 87 -3.25 -13.14 -14.90
N GLY A 88 -3.85 -13.92 -15.80
CA GLY A 88 -5.00 -13.44 -16.54
C GLY A 88 -6.27 -13.54 -15.73
N ASN A 89 -6.72 -12.42 -15.20
CA ASN A 89 -7.85 -12.42 -14.28
C ASN A 89 -8.80 -11.25 -14.58
N ALA A 90 -8.25 -10.04 -14.56
CA ALA A 90 -8.98 -8.81 -14.88
C ALA A 90 -10.05 -8.46 -13.84
N GLU A 91 -11.22 -9.11 -13.93
CA GLU A 91 -12.39 -8.67 -13.17
C GLU A 91 -12.25 -8.88 -11.66
N GLN A 92 -11.81 -10.06 -11.26
CA GLN A 92 -11.67 -10.36 -9.84
C GLN A 92 -10.56 -9.53 -9.23
N PHE A 93 -9.53 -9.27 -10.03
CA PHE A 93 -8.43 -8.40 -9.64
C PHE A 93 -8.95 -7.02 -9.22
N ALA A 94 -9.97 -6.53 -9.93
CA ALA A 94 -10.57 -5.25 -9.61
C ALA A 94 -11.17 -5.27 -8.21
N SER A 95 -11.77 -6.39 -7.84
CA SER A 95 -12.34 -6.56 -6.51
C SER A 95 -11.24 -6.62 -5.46
N LEU A 96 -10.10 -7.18 -5.84
CA LEU A 96 -8.95 -7.28 -4.95
C LEU A 96 -8.41 -5.89 -4.62
N VAL A 97 -8.49 -4.99 -5.59
CA VAL A 97 -8.05 -3.61 -5.38
C VAL A 97 -8.94 -2.93 -4.34
N GLN A 98 -10.23 -3.24 -4.35
CA GLN A 98 -11.17 -2.72 -3.37
C GLN A 98 -10.79 -3.17 -1.97
N GLN A 99 -10.34 -4.41 -1.85
CA GLN A 99 -9.90 -4.95 -0.56
C GLN A 99 -8.68 -4.18 -0.06
N HIS A 100 -7.77 -3.90 -0.98
CA HIS A 100 -6.55 -3.16 -0.66
C HIS A 100 -6.91 -1.73 -0.22
N LEU A 101 -7.83 -1.12 -0.96
CA LEU A 101 -8.30 0.23 -0.66
C LEU A 101 -8.87 0.29 0.75
N GLN A 102 -9.70 -0.69 1.08
CA GLN A 102 -10.33 -0.79 2.38
C GLN A 102 -9.29 -1.10 3.47
N ASP A 103 -8.31 -1.91 3.11
CA ASP A 103 -7.28 -2.35 4.04
C ASP A 103 -6.40 -1.19 4.50
N GLU A 104 -5.93 -0.37 3.56
CA GLU A 104 -5.04 0.73 3.90
C GLU A 104 -5.75 1.75 4.78
N GLN A 105 -7.08 1.80 4.70
CA GLN A 105 -7.85 2.66 5.58
C GLN A 105 -7.69 2.22 7.03
N ARG A 106 -7.62 0.90 7.23
CA ARG A 106 -7.34 0.33 8.54
C ARG A 106 -5.92 0.70 8.96
N HIS A 107 -5.02 0.67 7.99
CA HIS A 107 -3.63 1.06 8.23
C HIS A 107 -3.57 2.51 8.71
N VAL A 108 -4.23 3.39 7.97
CA VAL A 108 -4.26 4.82 8.29
C VAL A 108 -4.84 5.08 9.69
N GLU A 109 -5.92 4.38 10.03
CA GLU A 109 -6.53 4.53 11.35
C GLU A 109 -5.59 4.08 12.44
N GLU A 110 -4.78 3.07 12.15
CA GLU A 110 -3.79 2.59 13.11
C GLU A 110 -2.67 3.61 13.30
N ILE A 111 -2.33 4.33 12.22
CA ILE A 111 -1.24 5.30 12.26
C ILE A 111 -1.69 6.63 12.87
N GLU A 112 -2.69 7.26 12.24
CA GLU A 112 -3.15 8.58 12.65
C GLU A 112 -4.11 8.47 13.83
N LYS A 113 -3.66 7.74 14.85
CA LYS A 113 -4.44 7.54 16.06
C LYS A 113 -4.57 8.84 16.85
N LYS A 114 -3.48 9.59 16.94
CA LYS A 114 -3.46 10.85 17.68
C LYS A 114 -2.89 11.96 16.81
N ASN A 115 -3.00 11.80 15.50
CA ASN A 115 -2.47 12.76 14.56
C ASN A 115 -3.63 13.51 13.89
ZN ZN B . -3.49 -4.33 4.96
ZN ZN C . -0.56 -1.58 0.75
ZN ZN D . -0.63 0.40 4.20
N MET A 1 11.55 11.69 19.61
CA MET A 1 10.48 12.55 19.08
C MET A 1 9.63 11.78 18.08
N ASP A 2 8.36 12.13 18.01
CA ASP A 2 7.42 11.45 17.11
C ASP A 2 6.82 12.45 16.14
N GLU A 3 7.03 12.22 14.84
CA GLU A 3 6.47 13.09 13.82
C GLU A 3 5.82 12.25 12.73
N LEU A 4 6.66 11.53 11.97
CA LEU A 4 6.19 10.64 10.91
C LEU A 4 5.43 11.40 9.82
N ARG A 5 5.63 12.72 9.78
CA ARG A 5 4.92 13.59 8.86
C ARG A 5 5.15 13.18 7.40
N GLU A 6 6.42 12.98 7.04
CA GLU A 6 6.76 12.59 5.68
C GLU A 6 6.32 11.15 5.39
N LEU A 7 6.39 10.31 6.41
CA LEU A 7 6.12 8.89 6.27
C LEU A 7 4.67 8.63 5.89
N LEU A 8 3.77 9.52 6.30
CA LEU A 8 2.35 9.39 6.01
C LEU A 8 2.08 9.45 4.51
N LYS A 9 2.91 10.20 3.79
CA LYS A 9 2.73 10.38 2.35
C LYS A 9 2.83 9.06 1.60
N ALA A 10 3.68 8.16 2.08
CA ALA A 10 3.93 6.89 1.42
C ALA A 10 2.65 6.06 1.27
N GLU A 11 1.88 5.95 2.34
CA GLU A 11 0.64 5.19 2.32
C GLU A 11 -0.39 5.90 1.44
N GLN A 12 -0.45 7.23 1.58
CA GLN A 12 -1.38 8.05 0.82
C GLN A 12 -1.14 7.90 -0.68
N GLN A 13 0.13 7.92 -1.07
CA GLN A 13 0.51 7.79 -2.49
C GLN A 13 0.02 6.47 -3.05
N GLY A 14 0.21 5.39 -2.28
CA GLY A 14 -0.25 4.09 -2.70
C GLY A 14 -1.75 4.06 -2.92
N ILE A 15 -2.49 4.62 -1.97
CA ILE A 15 -3.94 4.68 -2.07
C ILE A 15 -4.38 5.49 -3.29
N LYS A 16 -3.68 6.58 -3.55
CA LYS A 16 -3.97 7.44 -4.69
C LYS A 16 -3.84 6.65 -5.99
N ILE A 17 -2.76 5.89 -6.12
CA ILE A 17 -2.52 5.08 -7.31
C ILE A 17 -3.58 3.99 -7.42
N LEU A 18 -3.98 3.42 -6.29
CA LEU A 18 -5.02 2.40 -6.26
C LEU A 18 -6.32 2.91 -6.87
N LYS A 19 -6.63 4.18 -6.62
CA LYS A 19 -7.83 4.81 -7.15
C LYS A 19 -7.80 4.85 -8.68
N GLU A 20 -6.61 5.07 -9.23
CA GLU A 20 -6.44 5.14 -10.68
C GLU A 20 -6.58 3.74 -11.28
N VAL A 21 -6.11 2.74 -10.54
CA VAL A 21 -6.22 1.34 -10.96
C VAL A 21 -7.68 0.91 -11.08
N LEU A 22 -8.50 1.36 -10.13
CA LEU A 22 -9.93 1.07 -10.15
C LEU A 22 -10.56 1.50 -11.47
N LYS A 23 -10.08 2.62 -12.01
CA LYS A 23 -10.58 3.15 -13.27
C LYS A 23 -10.15 2.26 -14.44
N LYS A 24 -8.87 1.92 -14.45
CA LYS A 24 -8.28 1.13 -15.52
C LYS A 24 -8.79 -0.32 -15.51
N ALA A 25 -9.15 -0.80 -14.33
CA ALA A 25 -9.71 -2.15 -14.20
C ALA A 25 -11.04 -2.24 -14.92
N LYS A 26 -11.86 -1.20 -14.79
CA LYS A 26 -13.15 -1.16 -15.48
C LYS A 26 -12.94 -0.91 -16.98
N GLU A 27 -11.82 -0.28 -17.33
CA GLU A 27 -11.45 -0.11 -18.73
C GLU A 27 -11.04 -1.46 -19.32
N GLY A 28 -10.28 -2.23 -18.56
CA GLY A 28 -9.93 -3.57 -18.96
C GLY A 28 -8.66 -3.63 -19.78
N ASP A 29 -7.71 -2.75 -19.49
CA ASP A 29 -6.42 -2.79 -20.16
C ASP A 29 -5.40 -3.40 -19.20
N GLU A 30 -5.11 -4.67 -19.41
CA GLU A 30 -4.24 -5.42 -18.51
C GLU A 30 -2.79 -4.97 -18.63
N GLN A 31 -2.46 -4.33 -19.73
CA GLN A 31 -1.09 -3.85 -19.96
C GLN A 31 -0.79 -2.68 -19.02
N GLU A 32 -1.71 -1.72 -18.99
CA GLU A 32 -1.58 -0.58 -18.09
C GLU A 32 -1.72 -1.03 -16.65
N LEU A 33 -2.63 -1.98 -16.41
CA LEU A 33 -2.84 -2.52 -15.07
C LEU A 33 -1.57 -3.12 -14.51
N ALA A 34 -0.85 -3.88 -15.33
CA ALA A 34 0.40 -4.49 -14.92
C ALA A 34 1.43 -3.43 -14.58
N ARG A 35 1.49 -2.36 -15.38
CA ARG A 35 2.39 -1.27 -15.09
C ARG A 35 1.97 -0.54 -13.82
N LEU A 36 0.66 -0.39 -13.64
CA LEU A 36 0.14 0.23 -12.43
C LEU A 36 0.52 -0.58 -11.20
N ASN A 37 0.46 -1.90 -11.35
CA ASN A 37 0.89 -2.80 -10.30
C ASN A 37 2.33 -2.51 -9.90
N GLN A 38 3.19 -2.38 -10.91
CA GLN A 38 4.57 -2.02 -10.72
C GLN A 38 4.70 -0.69 -9.99
N GLU A 39 3.91 0.29 -10.41
CA GLU A 39 3.94 1.63 -9.83
C GLU A 39 3.51 1.58 -8.36
N ILE A 40 2.51 0.74 -8.06
CA ILE A 40 2.05 0.54 -6.70
C ILE A 40 3.16 -0.04 -5.84
N VAL A 41 3.81 -1.08 -6.35
CA VAL A 41 4.92 -1.73 -5.64
C VAL A 41 5.99 -0.71 -5.28
N LYS A 42 6.33 0.15 -6.23
CA LYS A 42 7.33 1.18 -6.02
C LYS A 42 6.90 2.14 -4.92
N ALA A 43 5.63 2.52 -4.94
CA ALA A 43 5.11 3.46 -3.96
C ALA A 43 5.02 2.85 -2.58
N GLU A 44 4.47 1.65 -2.49
CA GLU A 44 4.29 0.99 -1.20
C GLU A 44 5.64 0.62 -0.57
N LYS A 45 6.57 0.14 -1.39
CA LYS A 45 7.90 -0.20 -0.90
C LYS A 45 8.63 1.00 -0.35
N GLN A 46 8.32 2.18 -0.89
CA GLN A 46 8.91 3.41 -0.38
C GLN A 46 8.54 3.58 1.09
N GLY A 47 7.28 3.30 1.40
CA GLY A 47 6.83 3.32 2.77
C GLY A 47 7.42 2.18 3.58
N VAL A 48 7.37 0.98 3.02
CA VAL A 48 7.87 -0.21 3.69
C VAL A 48 9.35 -0.05 4.07
N LYS A 49 10.13 0.51 3.17
CA LYS A 49 11.57 0.67 3.38
C LYS A 49 11.84 1.57 4.59
N VAL A 50 11.21 2.74 4.63
CA VAL A 50 11.44 3.66 5.73
C VAL A 50 10.85 3.13 7.03
N TYR A 51 9.77 2.36 6.92
CA TYR A 51 9.15 1.75 8.08
C TYR A 51 10.05 0.64 8.64
N LYS A 52 10.59 -0.18 7.74
CA LYS A 52 11.47 -1.27 8.13
C LYS A 52 12.73 -0.76 8.82
N GLU A 53 13.26 0.33 8.31
CA GLU A 53 14.46 0.92 8.86
C GLU A 53 14.21 1.48 10.26
N ALA A 54 13.09 2.18 10.40
CA ALA A 54 12.73 2.81 11.67
C ALA A 54 12.27 1.79 12.71
N ALA A 55 11.63 0.70 12.26
CA ALA A 55 11.02 -0.28 13.14
C ALA A 55 12.01 -0.85 14.16
N GLU A 56 13.22 -1.15 13.70
CA GLU A 56 14.25 -1.70 14.59
C GLU A 56 14.78 -0.65 15.56
N LYS A 57 14.57 0.62 15.23
CA LYS A 57 15.07 1.72 16.05
C LYS A 57 13.95 2.39 16.81
N ALA A 58 12.82 1.71 16.93
CA ALA A 58 11.70 2.23 17.71
C ALA A 58 11.99 2.11 19.19
N ARG A 59 11.81 3.20 19.93
CA ARG A 59 12.10 3.22 21.36
C ARG A 59 10.89 2.79 22.17
N ASN A 60 10.00 2.04 21.54
CA ASN A 60 8.77 1.58 22.17
C ASN A 60 8.21 0.40 21.39
N PRO A 61 7.98 -0.73 22.07
CA PRO A 61 7.51 -1.96 21.42
C PRO A 61 6.19 -1.76 20.66
N GLU A 62 5.22 -1.14 21.31
CA GLU A 62 3.92 -0.91 20.67
C GLU A 62 4.06 0.07 19.52
N LYS A 63 4.95 1.04 19.67
CA LYS A 63 5.24 1.98 18.59
C LYS A 63 5.74 1.22 17.36
N ARG A 64 6.56 0.20 17.59
CA ARG A 64 6.99 -0.64 16.50
C ARG A 64 5.83 -1.46 15.97
N GLN A 65 5.11 -2.11 16.87
CA GLN A 65 4.06 -3.06 16.50
C GLN A 65 2.97 -2.41 15.66
N VAL A 66 2.63 -1.16 15.96
CA VAL A 66 1.65 -0.43 15.17
C VAL A 66 2.12 -0.33 13.72
N ILE A 67 3.36 0.11 13.54
CA ILE A 67 3.94 0.23 12.21
C ILE A 67 4.20 -1.15 11.61
N ASP A 68 4.73 -2.06 12.42
CA ASP A 68 5.14 -3.39 11.99
C ASP A 68 3.99 -4.16 11.36
N LYS A 69 2.81 -4.13 11.98
CA LYS A 69 1.66 -4.84 11.46
C LYS A 69 1.32 -4.34 10.05
N ILE A 70 1.30 -3.03 9.91
CA ILE A 70 0.99 -2.39 8.64
C ILE A 70 2.13 -2.57 7.65
N LEU A 71 3.35 -2.51 8.16
CA LEU A 71 4.55 -2.71 7.36
C LEU A 71 4.52 -4.06 6.66
N GLU A 72 4.28 -5.11 7.44
CA GLU A 72 4.24 -6.47 6.91
C GLU A 72 3.02 -6.64 6.02
N ASP A 73 1.93 -5.97 6.41
CA ASP A 73 0.71 -5.98 5.62
C ASP A 73 0.98 -5.37 4.25
N GLU A 74 1.78 -4.31 4.25
CA GLU A 74 2.06 -3.56 3.05
C GLU A 74 2.90 -4.39 2.07
N GLU A 75 3.89 -5.13 2.60
CA GLU A 75 4.63 -6.08 1.77
C GLU A 75 3.70 -7.20 1.28
N LYS A 76 2.75 -7.57 2.13
CA LYS A 76 1.77 -8.59 1.77
C LYS A 76 0.92 -8.12 0.58
N HIS A 77 0.62 -6.82 0.55
CA HIS A 77 -0.14 -6.22 -0.55
C HIS A 77 0.63 -6.38 -1.86
N ILE A 78 1.92 -6.09 -1.78
CA ILE A 78 2.80 -6.19 -2.94
C ILE A 78 2.90 -7.62 -3.44
N GLU A 79 3.00 -8.57 -2.51
CA GLU A 79 2.96 -9.98 -2.88
C GLU A 79 1.63 -10.33 -3.54
N TRP A 80 0.57 -9.71 -3.05
CA TRP A 80 -0.77 -9.90 -3.59
C TRP A 80 -0.83 -9.43 -5.05
N HIS A 81 -0.49 -8.18 -5.29
CA HIS A 81 -0.53 -7.61 -6.64
C HIS A 81 0.40 -8.35 -7.59
N LYS A 82 1.58 -8.70 -7.11
CA LYS A 82 2.55 -9.42 -7.94
C LYS A 82 2.03 -10.80 -8.32
N ALA A 83 1.39 -11.48 -7.36
CA ALA A 83 0.84 -12.80 -7.62
C ALA A 83 -0.39 -12.71 -8.54
N ALA A 84 -1.12 -11.60 -8.41
CA ALA A 84 -2.33 -11.39 -9.21
C ALA A 84 -1.99 -11.01 -10.65
N SER A 85 -0.74 -10.68 -10.90
CA SER A 85 -0.30 -10.25 -12.23
C SER A 85 -0.09 -11.43 -13.18
N LYS A 86 -0.98 -12.40 -13.11
CA LYS A 86 -0.96 -13.56 -14.00
C LYS A 86 -1.48 -13.18 -15.37
N GLN A 87 -2.77 -12.86 -15.43
CA GLN A 87 -3.39 -12.43 -16.69
C GLN A 87 -3.50 -10.91 -16.73
N GLY A 88 -3.98 -10.35 -15.63
CA GLY A 88 -4.26 -8.94 -15.56
C GLY A 88 -5.70 -8.72 -15.13
N ASN A 89 -6.62 -9.31 -15.88
CA ASN A 89 -8.04 -9.33 -15.53
C ASN A 89 -8.67 -7.95 -15.66
N ALA A 90 -9.95 -7.86 -15.31
CA ALA A 90 -10.67 -6.60 -15.32
C ALA A 90 -11.66 -6.54 -14.17
N GLU A 91 -12.77 -7.28 -14.29
CA GLU A 91 -13.81 -7.26 -13.27
C GLU A 91 -13.31 -7.95 -12.00
N GLN A 92 -12.64 -9.09 -12.16
CA GLN A 92 -12.07 -9.81 -11.02
C GLN A 92 -11.01 -8.95 -10.36
N PHE A 93 -10.16 -8.34 -11.19
CA PHE A 93 -9.06 -7.52 -10.70
C PHE A 93 -9.59 -6.33 -9.91
N ALA A 94 -10.62 -5.66 -10.44
CA ALA A 94 -11.23 -4.52 -9.77
C ALA A 94 -11.74 -4.91 -8.38
N SER A 95 -12.33 -6.08 -8.29
CA SER A 95 -12.86 -6.58 -7.01
C SER A 95 -11.72 -6.78 -6.02
N LEU A 96 -10.59 -7.28 -6.51
CA LEU A 96 -9.43 -7.56 -5.66
C LEU A 96 -8.75 -6.27 -5.21
N VAL A 97 -8.72 -5.28 -6.09
CA VAL A 97 -8.14 -3.98 -5.77
C VAL A 97 -9.00 -3.26 -4.72
N GLN A 98 -10.33 -3.44 -4.82
CA GLN A 98 -11.24 -2.83 -3.87
C GLN A 98 -10.94 -3.30 -2.45
N GLN A 99 -10.52 -4.55 -2.32
CA GLN A 99 -10.14 -5.08 -1.02
C GLN A 99 -8.92 -4.34 -0.47
N HIS A 100 -7.98 -4.05 -1.36
CA HIS A 100 -6.78 -3.30 -1.01
C HIS A 100 -7.16 -1.92 -0.50
N LEU A 101 -8.11 -1.28 -1.19
CA LEU A 101 -8.60 0.04 -0.79
C LEU A 101 -9.17 0.04 0.62
N GLN A 102 -10.03 -0.95 0.91
CA GLN A 102 -10.64 -1.07 2.22
C GLN A 102 -9.58 -1.29 3.29
N ASP A 103 -8.59 -2.09 2.96
CA ASP A 103 -7.50 -2.42 3.86
C ASP A 103 -6.69 -1.18 4.22
N GLU A 104 -6.29 -0.41 3.21
CA GLU A 104 -5.44 0.76 3.43
C GLU A 104 -6.17 1.84 4.21
N GLN A 105 -7.50 1.84 4.14
CA GLN A 105 -8.29 2.79 4.91
C GLN A 105 -8.06 2.58 6.39
N ARG A 106 -8.09 1.33 6.82
CA ARG A 106 -7.81 0.99 8.21
C ARG A 106 -6.34 1.25 8.53
N HIS A 107 -5.48 1.07 7.52
CA HIS A 107 -4.05 1.32 7.70
C HIS A 107 -3.81 2.74 8.16
N VAL A 108 -4.39 3.71 7.45
CA VAL A 108 -4.24 5.10 7.81
C VAL A 108 -4.75 5.37 9.23
N GLU A 109 -5.84 4.69 9.59
CA GLU A 109 -6.43 4.85 10.91
C GLU A 109 -5.46 4.38 11.99
N GLU A 110 -4.90 3.19 11.80
CA GLU A 110 -4.02 2.60 12.80
C GLU A 110 -2.67 3.33 12.88
N ILE A 111 -2.22 3.91 11.77
CA ILE A 111 -0.94 4.62 11.73
C ILE A 111 -0.95 5.86 12.64
N GLU A 112 -1.58 6.93 12.17
CA GLU A 112 -1.52 8.21 12.85
C GLU A 112 -2.52 8.31 13.99
N LYS A 113 -3.55 7.46 13.94
CA LYS A 113 -4.58 7.30 15.00
C LYS A 113 -5.42 8.55 15.26
N LYS A 114 -4.78 9.72 15.31
CA LYS A 114 -5.46 10.96 15.63
C LYS A 114 -6.05 11.60 14.38
N ASN A 115 -6.30 10.77 13.38
CA ASN A 115 -6.89 11.20 12.12
C ASN A 115 -8.41 11.26 12.26
ZN ZN B . -3.63 -4.25 4.75
ZN ZN C . -0.82 -1.25 0.22
ZN ZN D . -1.11 0.40 3.76
N MET A 1 11.29 13.30 16.72
CA MET A 1 10.21 12.78 17.59
C MET A 1 9.07 12.26 16.73
N ASP A 2 8.11 11.60 17.36
CA ASP A 2 6.97 11.00 16.66
C ASP A 2 6.25 12.01 15.77
N GLU A 3 6.25 11.72 14.48
CA GLU A 3 5.66 12.58 13.47
C GLU A 3 5.52 11.78 12.17
N LEU A 4 6.68 11.50 11.56
CA LEU A 4 6.78 10.57 10.44
C LEU A 4 5.93 10.96 9.23
N ARG A 5 6.15 12.17 8.72
CA ARG A 5 5.57 12.59 7.45
C ARG A 5 6.00 11.63 6.34
N GLU A 6 7.22 11.11 6.46
CA GLU A 6 7.80 10.20 5.48
C GLU A 6 6.92 8.97 5.28
N LEU A 7 6.44 8.41 6.39
CA LEU A 7 5.59 7.22 6.34
C LEU A 7 4.24 7.53 5.71
N LEU A 8 3.70 8.69 6.06
CA LEU A 8 2.41 9.13 5.57
C LEU A 8 2.43 9.23 4.04
N LYS A 9 3.48 9.85 3.51
CA LYS A 9 3.60 10.08 2.07
C LYS A 9 3.59 8.76 1.30
N ALA A 10 4.21 7.73 1.87
CA ALA A 10 4.32 6.44 1.21
C ALA A 10 2.95 5.79 1.05
N GLU A 11 2.18 5.77 2.13
CA GLU A 11 0.84 5.18 2.11
C GLU A 11 -0.09 6.03 1.24
N GLN A 12 0.06 7.34 1.31
CA GLN A 12 -0.73 8.25 0.49
C GLN A 12 -0.44 8.04 -0.99
N GLN A 13 0.81 7.75 -1.31
CA GLN A 13 1.20 7.44 -2.69
C GLN A 13 0.54 6.15 -3.15
N GLY A 14 0.58 5.13 -2.29
CA GLY A 14 -0.08 3.88 -2.62
C GLY A 14 -1.56 4.06 -2.86
N ILE A 15 -2.21 4.81 -1.97
CA ILE A 15 -3.62 5.14 -2.11
C ILE A 15 -3.87 5.88 -3.43
N LYS A 16 -2.99 6.84 -3.71
CA LYS A 16 -3.10 7.66 -4.91
C LYS A 16 -3.12 6.79 -6.17
N ILE A 17 -2.24 5.80 -6.23
CA ILE A 17 -2.21 4.90 -7.37
C ILE A 17 -3.45 4.01 -7.38
N LEU A 18 -3.83 3.51 -6.21
CA LEU A 18 -4.98 2.62 -6.08
C LEU A 18 -6.25 3.30 -6.61
N LYS A 19 -6.37 4.60 -6.37
CA LYS A 19 -7.51 5.39 -6.85
C LYS A 19 -7.64 5.27 -8.37
N GLU A 20 -6.52 5.40 -9.05
CA GLU A 20 -6.49 5.39 -10.51
C GLU A 20 -6.70 3.98 -11.05
N VAL A 21 -6.18 2.99 -10.33
CA VAL A 21 -6.33 1.59 -10.73
C VAL A 21 -7.80 1.20 -10.80
N LEU A 22 -8.58 1.67 -9.84
CA LEU A 22 -10.02 1.41 -9.81
C LEU A 22 -10.68 1.90 -11.10
N LYS A 23 -10.16 3.01 -11.63
CA LYS A 23 -10.66 3.58 -12.87
C LYS A 23 -10.24 2.73 -14.07
N LYS A 24 -8.97 2.35 -14.09
CA LYS A 24 -8.40 1.62 -15.22
C LYS A 24 -8.88 0.18 -15.25
N ALA A 25 -9.22 -0.37 -14.10
CA ALA A 25 -9.82 -1.69 -14.03
C ALA A 25 -11.22 -1.66 -14.64
N LYS A 26 -11.90 -0.54 -14.44
CA LYS A 26 -13.24 -0.34 -14.98
C LYS A 26 -13.19 -0.13 -16.49
N GLU A 27 -12.02 0.26 -16.99
CA GLU A 27 -11.79 0.41 -18.42
C GLU A 27 -11.41 -0.92 -19.05
N GLY A 28 -10.91 -1.84 -18.23
CA GLY A 28 -10.45 -3.11 -18.73
C GLY A 28 -9.18 -2.98 -19.55
N ASP A 29 -8.29 -2.10 -19.10
CA ASP A 29 -7.05 -1.84 -19.83
C ASP A 29 -5.87 -2.55 -19.16
N GLU A 30 -5.40 -3.62 -19.79
CA GLU A 30 -4.32 -4.41 -19.23
C GLU A 30 -2.99 -3.66 -19.24
N GLN A 31 -2.79 -2.78 -20.21
CA GLN A 31 -1.55 -2.04 -20.32
C GLN A 31 -1.44 -1.01 -19.20
N GLU A 32 -2.53 -0.29 -18.98
CA GLU A 32 -2.58 0.66 -17.88
C GLU A 32 -2.50 -0.06 -16.54
N LEU A 33 -3.23 -1.15 -16.42
CA LEU A 33 -3.22 -1.97 -15.21
C LEU A 33 -1.82 -2.49 -14.91
N ALA A 34 -1.11 -2.92 -15.94
CA ALA A 34 0.24 -3.45 -15.77
C ALA A 34 1.18 -2.36 -15.26
N ARG A 35 1.09 -1.18 -15.87
CA ARG A 35 1.92 -0.04 -15.49
C ARG A 35 1.64 0.36 -14.05
N LEU A 36 0.35 0.50 -13.74
CA LEU A 36 -0.06 0.92 -12.41
C LEU A 36 0.32 -0.14 -11.37
N ASN A 37 0.05 -1.40 -11.69
CA ASN A 37 0.37 -2.51 -10.78
C ASN A 37 1.87 -2.51 -10.46
N GLN A 38 2.67 -2.33 -11.49
CA GLN A 38 4.12 -2.28 -11.34
C GLN A 38 4.54 -1.13 -10.43
N GLU A 39 3.94 0.03 -10.64
CA GLU A 39 4.27 1.20 -9.84
C GLU A 39 3.73 1.08 -8.41
N ILE A 40 2.63 0.35 -8.23
CA ILE A 40 2.14 0.04 -6.90
C ILE A 40 3.24 -0.67 -6.10
N VAL A 41 3.83 -1.68 -6.71
CA VAL A 41 4.93 -2.41 -6.10
C VAL A 41 6.06 -1.45 -5.71
N LYS A 42 6.33 -0.50 -6.60
CA LYS A 42 7.34 0.52 -6.34
C LYS A 42 7.03 1.29 -5.05
N ALA A 43 5.77 1.72 -4.93
CA ALA A 43 5.33 2.53 -3.80
C ALA A 43 5.31 1.73 -2.50
N GLU A 44 4.73 0.54 -2.56
CA GLU A 44 4.64 -0.33 -1.38
C GLU A 44 6.04 -0.69 -0.88
N LYS A 45 6.93 -1.07 -1.80
CA LYS A 45 8.31 -1.42 -1.46
C LYS A 45 9.05 -0.22 -0.85
N GLN A 46 8.86 0.94 -1.46
CA GLN A 46 9.52 2.16 -0.99
C GLN A 46 9.04 2.50 0.41
N GLY A 47 7.72 2.37 0.62
CA GLY A 47 7.15 2.60 1.93
C GLY A 47 7.72 1.67 2.97
N VAL A 48 7.80 0.39 2.63
CA VAL A 48 8.36 -0.62 3.53
C VAL A 48 9.77 -0.23 3.96
N LYS A 49 10.55 0.30 3.04
CA LYS A 49 11.92 0.69 3.33
C LYS A 49 11.94 1.84 4.34
N VAL A 50 11.05 2.81 4.17
CA VAL A 50 10.94 3.92 5.10
C VAL A 50 10.39 3.43 6.44
N TYR A 51 9.46 2.49 6.38
CA TYR A 51 8.91 1.88 7.59
C TYR A 51 9.99 1.12 8.35
N LYS A 52 10.85 0.42 7.62
CA LYS A 52 11.97 -0.30 8.23
C LYS A 52 12.86 0.68 9.01
N GLU A 53 12.95 1.91 8.52
CA GLU A 53 13.71 2.94 9.19
C GLU A 53 13.06 3.32 10.51
N ALA A 54 11.76 3.61 10.47
CA ALA A 54 11.02 4.07 11.64
C ALA A 54 10.76 2.95 12.65
N ALA A 55 10.29 1.80 12.17
CA ALA A 55 9.87 0.71 13.06
C ALA A 55 11.03 0.18 13.88
N GLU A 56 12.19 0.05 13.28
CA GLU A 56 13.37 -0.45 13.98
C GLU A 56 13.98 0.62 14.87
N LYS A 57 13.37 1.80 14.85
CA LYS A 57 13.85 2.94 15.62
C LYS A 57 12.72 3.57 16.41
N ALA A 58 11.70 2.77 16.73
CA ALA A 58 10.52 3.26 17.43
C ALA A 58 10.82 3.50 18.91
N ARG A 59 10.02 4.36 19.53
CA ARG A 59 10.26 4.80 20.90
C ARG A 59 9.55 3.90 21.90
N ASN A 60 8.34 3.48 21.56
CA ASN A 60 7.52 2.68 22.46
C ASN A 60 7.14 1.36 21.80
N PRO A 61 7.24 0.23 22.53
CA PRO A 61 6.90 -1.10 22.01
C PRO A 61 5.49 -1.16 21.43
N GLU A 62 4.52 -0.64 22.17
CA GLU A 62 3.12 -0.62 21.73
C GLU A 62 2.98 0.16 20.42
N LYS A 63 3.65 1.29 20.33
CA LYS A 63 3.60 2.12 19.13
C LYS A 63 4.36 1.46 18.01
N ARG A 64 5.45 0.78 18.36
CA ARG A 64 6.26 0.06 17.38
C ARG A 64 5.43 -1.04 16.76
N GLN A 65 4.64 -1.73 17.58
CA GLN A 65 3.81 -2.83 17.12
C GLN A 65 2.82 -2.38 16.06
N VAL A 66 2.34 -1.14 16.17
CA VAL A 66 1.44 -0.56 15.18
C VAL A 66 2.17 -0.43 13.84
N ILE A 67 3.33 0.21 13.88
CA ILE A 67 4.13 0.42 12.68
C ILE A 67 4.65 -0.91 12.13
N ASP A 68 5.02 -1.80 13.04
CA ASP A 68 5.56 -3.11 12.69
C ASP A 68 4.56 -3.92 11.88
N LYS A 69 3.33 -3.99 12.35
CA LYS A 69 2.28 -4.74 11.66
C LYS A 69 1.99 -4.14 10.28
N ILE A 70 1.95 -2.82 10.20
CA ILE A 70 1.71 -2.14 8.93
C ILE A 70 2.86 -2.38 7.96
N LEU A 71 4.07 -2.38 8.49
CA LEU A 71 5.27 -2.60 7.69
C LEU A 71 5.21 -3.98 7.03
N GLU A 72 4.97 -5.00 7.84
CA GLU A 72 4.91 -6.37 7.37
C GLU A 72 3.69 -6.58 6.48
N ASP A 73 2.62 -5.86 6.80
CA ASP A 73 1.38 -5.94 6.02
C ASP A 73 1.62 -5.48 4.60
N GLU A 74 2.41 -4.44 4.47
CA GLU A 74 2.67 -3.81 3.19
C GLU A 74 3.32 -4.81 2.22
N GLU A 75 4.19 -5.68 2.74
CA GLU A 75 4.78 -6.75 1.93
C GLU A 75 3.71 -7.76 1.51
N LYS A 76 2.80 -8.06 2.42
CA LYS A 76 1.73 -9.02 2.15
C LYS A 76 0.84 -8.53 1.01
N HIS A 77 0.69 -7.21 0.91
CA HIS A 77 -0.04 -6.61 -0.21
C HIS A 77 0.70 -6.89 -1.51
N ILE A 78 2.00 -6.64 -1.47
CA ILE A 78 2.87 -6.80 -2.63
C ILE A 78 2.82 -8.22 -3.17
N GLU A 79 2.71 -9.20 -2.27
CA GLU A 79 2.62 -10.60 -2.67
C GLU A 79 1.48 -10.80 -3.67
N TRP A 80 0.36 -10.11 -3.46
CA TRP A 80 -0.77 -10.19 -4.38
C TRP A 80 -0.46 -9.49 -5.68
N HIS A 81 -0.05 -8.24 -5.60
CA HIS A 81 0.21 -7.43 -6.78
C HIS A 81 1.30 -8.04 -7.65
N LYS A 82 2.28 -8.65 -7.02
CA LYS A 82 3.35 -9.32 -7.75
C LYS A 82 2.83 -10.62 -8.39
N ALA A 83 1.93 -11.30 -7.68
CA ALA A 83 1.35 -12.55 -8.19
C ALA A 83 0.46 -12.29 -9.39
N ALA A 84 -0.19 -11.13 -9.40
CA ALA A 84 -1.04 -10.71 -10.51
C ALA A 84 -0.22 -10.50 -11.77
N SER A 85 1.09 -10.33 -11.61
CA SER A 85 1.99 -10.14 -12.74
C SER A 85 2.32 -11.49 -13.39
N LYS A 86 1.99 -12.56 -12.68
CA LYS A 86 2.21 -13.91 -13.20
C LYS A 86 1.08 -14.28 -14.16
N GLN A 87 -0.15 -14.16 -13.67
CA GLN A 87 -1.34 -14.42 -14.46
C GLN A 87 -2.58 -14.11 -13.63
N GLY A 88 -3.72 -14.01 -14.30
CA GLY A 88 -4.96 -13.73 -13.61
C GLY A 88 -5.93 -13.02 -14.51
N ASN A 89 -6.91 -12.36 -13.92
CA ASN A 89 -7.90 -11.61 -14.68
C ASN A 89 -8.25 -10.32 -13.97
N ALA A 90 -8.68 -9.33 -14.74
CA ALA A 90 -8.99 -8.00 -14.20
C ALA A 90 -10.07 -8.05 -13.12
N GLU A 91 -11.03 -8.95 -13.27
CA GLU A 91 -12.15 -9.02 -12.33
C GLU A 91 -11.70 -9.38 -10.93
N GLN A 92 -10.90 -10.44 -10.82
CA GLN A 92 -10.41 -10.88 -9.52
C GLN A 92 -9.43 -9.87 -8.95
N PHE A 93 -8.66 -9.26 -9.84
CA PHE A 93 -7.69 -8.23 -9.47
C PHE A 93 -8.40 -7.05 -8.83
N ALA A 94 -9.41 -6.52 -9.53
CA ALA A 94 -10.14 -5.34 -9.06
C ALA A 94 -10.78 -5.57 -7.70
N SER A 95 -11.45 -6.70 -7.55
CA SER A 95 -12.13 -7.03 -6.30
C SER A 95 -11.15 -7.10 -5.13
N LEU A 96 -9.99 -7.70 -5.36
CA LEU A 96 -8.97 -7.81 -4.32
C LEU A 96 -8.28 -6.47 -4.05
N VAL A 97 -8.13 -5.65 -5.10
CA VAL A 97 -7.58 -4.31 -4.92
C VAL A 97 -8.50 -3.46 -4.06
N GLN A 98 -9.81 -3.65 -4.23
CA GLN A 98 -10.81 -2.97 -3.41
C GLN A 98 -10.62 -3.33 -1.93
N GLN A 99 -10.19 -4.56 -1.68
CA GLN A 99 -9.86 -4.99 -0.32
C GLN A 99 -8.59 -4.27 0.18
N HIS A 100 -7.62 -4.13 -0.72
CA HIS A 100 -6.39 -3.40 -0.42
C HIS A 100 -6.72 -1.97 -0.01
N LEU A 101 -7.73 -1.39 -0.65
CA LEU A 101 -8.20 -0.06 -0.32
C LEU A 101 -8.69 0.01 1.12
N GLN A 102 -9.52 -0.94 1.52
CA GLN A 102 -10.06 -0.98 2.88
C GLN A 102 -8.93 -1.22 3.89
N ASP A 103 -7.97 -2.01 3.49
CA ASP A 103 -6.84 -2.34 4.36
C ASP A 103 -5.97 -1.12 4.63
N GLU A 104 -5.59 -0.40 3.59
CA GLU A 104 -4.72 0.77 3.75
C GLU A 104 -5.48 1.90 4.45
N GLN A 105 -6.81 1.82 4.42
CA GLN A 105 -7.63 2.76 5.19
C GLN A 105 -7.32 2.61 6.66
N ARG A 106 -7.27 1.36 7.14
CA ARG A 106 -6.92 1.09 8.51
C ARG A 106 -5.46 1.42 8.77
N HIS A 107 -4.62 1.25 7.76
CA HIS A 107 -3.21 1.62 7.86
C HIS A 107 -3.09 3.10 8.19
N VAL A 108 -3.78 3.93 7.41
CA VAL A 108 -3.76 5.38 7.60
C VAL A 108 -4.47 5.79 8.89
N GLU A 109 -5.63 5.18 9.16
CA GLU A 109 -6.42 5.50 10.34
C GLU A 109 -5.63 5.26 11.63
N GLU A 110 -4.80 4.24 11.62
CA GLU A 110 -3.99 3.90 12.78
C GLU A 110 -2.90 4.96 13.00
N ILE A 111 -2.45 5.57 11.91
CA ILE A 111 -1.33 6.52 11.99
C ILE A 111 -1.82 7.94 12.28
N GLU A 112 -2.43 8.57 11.27
CA GLU A 112 -2.70 10.01 11.31
C GLU A 112 -3.68 10.40 12.42
N LYS A 113 -4.98 10.35 12.11
CA LYS A 113 -6.03 10.74 13.07
C LYS A 113 -6.07 12.26 13.29
N LYS A 114 -4.92 12.82 13.69
CA LYS A 114 -4.83 14.25 14.00
C LYS A 114 -4.66 15.07 12.72
N ASN A 115 -4.57 14.40 11.59
CA ASN A 115 -4.38 15.06 10.32
C ASN A 115 -5.60 14.86 9.44
ZN ZN B . -2.92 -4.04 5.13
ZN ZN C . -0.10 -1.50 0.48
ZN ZN D . -0.09 0.62 3.91
N MET A 1 4.12 12.48 19.20
CA MET A 1 5.12 13.50 18.80
C MET A 1 5.71 13.15 17.44
N ASP A 2 6.71 13.94 17.03
CA ASP A 2 7.38 13.77 15.75
C ASP A 2 6.43 14.11 14.60
N GLU A 3 6.85 13.85 13.37
CA GLU A 3 6.11 14.34 12.21
C GLU A 3 5.94 13.23 11.16
N LEU A 4 7.07 12.69 10.68
CA LEU A 4 7.06 11.66 9.63
C LEU A 4 6.35 12.16 8.36
N ARG A 5 7.03 13.01 7.62
CA ARG A 5 6.44 13.68 6.46
C ARG A 5 6.16 12.70 5.31
N GLU A 6 7.17 11.90 4.96
CA GLU A 6 7.07 11.07 3.77
C GLU A 6 6.07 9.94 3.93
N LEU A 7 5.92 9.41 5.14
CA LEU A 7 5.02 8.29 5.38
C LEU A 7 3.60 8.60 4.91
N LEU A 8 3.16 9.83 5.12
CA LEU A 8 1.85 10.25 4.67
C LEU A 8 1.75 10.24 3.15
N LYS A 9 2.74 10.83 2.48
CA LYS A 9 2.71 10.91 1.03
C LYS A 9 2.94 9.56 0.38
N ALA A 10 3.75 8.71 1.01
CA ALA A 10 4.06 7.40 0.47
C ALA A 10 2.83 6.48 0.47
N GLU A 11 2.13 6.44 1.60
CA GLU A 11 0.94 5.59 1.73
C GLU A 11 -0.17 6.11 0.81
N GLN A 12 -0.43 7.41 0.89
CA GLN A 12 -1.45 8.04 0.06
C GLN A 12 -1.13 7.93 -1.42
N GLN A 13 0.16 7.92 -1.76
CA GLN A 13 0.58 7.76 -3.15
C GLN A 13 0.07 6.45 -3.71
N GLY A 14 0.23 5.38 -2.94
CA GLY A 14 -0.29 4.09 -3.34
C GLY A 14 -1.79 4.12 -3.52
N ILE A 15 -2.48 4.73 -2.56
CA ILE A 15 -3.92 4.89 -2.60
C ILE A 15 -4.35 5.67 -3.84
N LYS A 16 -3.61 6.74 -4.15
CA LYS A 16 -3.91 7.56 -5.31
C LYS A 16 -3.80 6.77 -6.61
N ILE A 17 -2.78 5.92 -6.69
CA ILE A 17 -2.59 5.06 -7.85
C ILE A 17 -3.68 3.99 -7.90
N LEU A 18 -4.08 3.50 -6.73
CA LEU A 18 -5.18 2.54 -6.63
C LEU A 18 -6.45 3.11 -7.23
N LYS A 19 -6.66 4.41 -7.03
CA LYS A 19 -7.81 5.11 -7.59
C LYS A 19 -7.83 5.00 -9.11
N GLU A 20 -6.65 5.06 -9.72
CA GLU A 20 -6.53 4.93 -11.17
C GLU A 20 -6.89 3.51 -11.59
N VAL A 21 -6.44 2.54 -10.79
CA VAL A 21 -6.69 1.13 -11.06
C VAL A 21 -8.18 0.83 -11.05
N LEU A 22 -8.90 1.42 -10.10
CA LEU A 22 -10.34 1.18 -9.95
C LEU A 22 -11.08 1.49 -11.25
N LYS A 23 -10.71 2.58 -11.90
CA LYS A 23 -11.34 2.98 -13.15
C LYS A 23 -10.92 2.08 -14.32
N LYS A 24 -9.64 1.72 -14.35
CA LYS A 24 -9.08 0.94 -15.46
C LYS A 24 -9.32 -0.56 -15.29
N ALA A 25 -9.69 -0.97 -14.07
CA ALA A 25 -9.97 -2.37 -13.79
C ALA A 25 -11.08 -2.92 -14.71
N LYS A 26 -12.07 -2.08 -14.99
CA LYS A 26 -13.16 -2.49 -15.88
C LYS A 26 -12.68 -2.57 -17.32
N GLU A 27 -11.56 -1.91 -17.61
CA GLU A 27 -10.96 -1.91 -18.93
C GLU A 27 -10.18 -3.20 -19.14
N GLY A 28 -9.28 -3.50 -18.20
CA GLY A 28 -8.51 -4.73 -18.27
C GLY A 28 -7.31 -4.62 -19.18
N ASP A 29 -6.89 -3.39 -19.47
CA ASP A 29 -5.73 -3.19 -20.34
C ASP A 29 -4.46 -3.58 -19.62
N GLU A 30 -3.70 -4.47 -20.24
CA GLU A 30 -2.50 -5.05 -19.64
C GLU A 30 -1.39 -4.03 -19.47
N GLN A 31 -1.23 -3.15 -20.46
CA GLN A 31 -0.17 -2.16 -20.43
C GLN A 31 -0.44 -1.11 -19.35
N GLU A 32 -1.69 -0.68 -19.28
CA GLU A 32 -2.13 0.23 -18.23
C GLU A 32 -1.95 -0.43 -16.87
N LEU A 33 -2.42 -1.68 -16.76
CA LEU A 33 -2.33 -2.43 -15.52
C LEU A 33 -0.89 -2.66 -15.10
N ALA A 34 -0.01 -2.92 -16.07
CA ALA A 34 1.39 -3.14 -15.79
C ALA A 34 2.01 -1.91 -15.14
N ARG A 35 1.73 -0.73 -15.69
CA ARG A 35 2.22 0.50 -15.13
C ARG A 35 1.66 0.74 -13.73
N LEU A 36 0.35 0.61 -13.60
CA LEU A 36 -0.31 0.88 -12.33
C LEU A 36 0.17 -0.06 -11.26
N ASN A 37 0.24 -1.35 -11.59
CA ASN A 37 0.68 -2.37 -10.65
C ASN A 37 2.10 -2.07 -10.17
N GLN A 38 2.97 -1.77 -11.11
CA GLN A 38 4.37 -1.46 -10.82
C GLN A 38 4.49 -0.24 -9.92
N GLU A 39 3.75 0.82 -10.26
CA GLU A 39 3.84 2.06 -9.49
C GLU A 39 3.32 1.89 -8.07
N ILE A 40 2.29 1.07 -7.92
CA ILE A 40 1.78 0.75 -6.58
C ILE A 40 2.86 0.08 -5.75
N VAL A 41 3.51 -0.94 -6.32
CA VAL A 41 4.57 -1.67 -5.64
C VAL A 41 5.68 -0.72 -5.16
N LYS A 42 6.05 0.23 -6.00
CA LYS A 42 7.10 1.19 -5.64
C LYS A 42 6.69 2.02 -4.43
N ALA A 43 5.44 2.46 -4.40
CA ALA A 43 4.94 3.28 -3.31
C ALA A 43 4.87 2.48 -2.02
N GLU A 44 4.31 1.28 -2.12
CA GLU A 44 4.20 0.37 -0.98
C GLU A 44 5.59 0.08 -0.40
N LYS A 45 6.53 -0.24 -1.29
CA LYS A 45 7.90 -0.58 -0.89
C LYS A 45 8.59 0.57 -0.19
N GLN A 46 8.39 1.79 -0.69
CA GLN A 46 8.99 2.97 -0.10
C GLN A 46 8.53 3.13 1.34
N GLY A 47 7.23 2.94 1.56
CA GLY A 47 6.68 3.01 2.89
C GLY A 47 7.25 1.92 3.79
N VAL A 48 7.26 0.69 3.28
CA VAL A 48 7.80 -0.45 4.02
C VAL A 48 9.25 -0.21 4.43
N LYS A 49 10.03 0.31 3.49
CA LYS A 49 11.45 0.58 3.72
C LYS A 49 11.62 1.52 4.90
N VAL A 50 10.85 2.59 4.94
CA VAL A 50 10.92 3.56 6.02
C VAL A 50 10.41 2.96 7.33
N TYR A 51 9.30 2.23 7.25
CA TYR A 51 8.74 1.56 8.42
C TYR A 51 9.74 0.59 9.03
N LYS A 52 10.36 -0.22 8.19
CA LYS A 52 11.34 -1.19 8.66
C LYS A 52 12.56 -0.49 9.26
N GLU A 53 13.01 0.56 8.58
CA GLU A 53 14.14 1.35 9.02
C GLU A 53 13.90 1.94 10.40
N ALA A 54 12.72 2.53 10.58
CA ALA A 54 12.35 3.14 11.85
C ALA A 54 12.07 2.10 12.93
N ALA A 55 11.41 1.01 12.53
CA ALA A 55 11.01 -0.03 13.49
C ALA A 55 12.22 -0.65 14.19
N GLU A 56 13.25 -0.96 13.43
CA GLU A 56 14.45 -1.61 13.99
C GLU A 56 15.42 -0.57 14.55
N LYS A 57 14.99 0.67 14.60
CA LYS A 57 15.80 1.77 15.12
C LYS A 57 14.96 2.61 16.08
N ALA A 58 13.87 2.03 16.56
CA ALA A 58 12.93 2.74 17.40
C ALA A 58 13.35 2.69 18.87
N ARG A 59 12.66 3.44 19.72
CA ARG A 59 13.00 3.51 21.13
C ARG A 59 11.83 3.01 21.98
N ASN A 60 10.89 2.32 21.36
CA ASN A 60 9.71 1.81 22.07
C ASN A 60 9.19 0.55 21.39
N PRO A 61 9.12 -0.57 22.13
CA PRO A 61 8.69 -1.87 21.59
C PRO A 61 7.24 -1.87 21.11
N GLU A 62 6.36 -1.24 21.89
CA GLU A 62 4.93 -1.28 21.59
C GLU A 62 4.63 -0.51 20.30
N LYS A 63 5.30 0.62 20.13
CA LYS A 63 5.15 1.41 18.92
C LYS A 63 5.67 0.64 17.72
N ARG A 64 6.79 -0.07 17.94
CA ARG A 64 7.39 -0.91 16.90
C ARG A 64 6.41 -2.00 16.48
N GLN A 65 5.74 -2.57 17.45
CA GLN A 65 4.75 -3.61 17.26
C GLN A 65 3.66 -3.16 16.29
N VAL A 66 3.19 -1.93 16.45
CA VAL A 66 2.18 -1.39 15.56
C VAL A 66 2.74 -1.19 14.16
N ILE A 67 3.92 -0.61 14.09
CA ILE A 67 4.61 -0.38 12.82
C ILE A 67 4.90 -1.72 12.13
N ASP A 68 5.26 -2.71 12.93
CA ASP A 68 5.55 -4.06 12.46
C ASP A 68 4.34 -4.64 11.74
N LYS A 69 3.17 -4.49 12.35
CA LYS A 69 1.93 -4.95 11.73
C LYS A 69 1.59 -4.16 10.48
N ILE A 70 1.85 -2.86 10.49
CA ILE A 70 1.66 -2.05 9.29
C ILE A 70 2.58 -2.53 8.17
N LEU A 71 3.82 -2.85 8.54
CA LEU A 71 4.80 -3.40 7.61
C LEU A 71 4.32 -4.76 7.10
N GLU A 72 3.85 -5.58 8.03
CA GLU A 72 3.35 -6.91 7.72
C GLU A 72 2.17 -6.82 6.74
N ASP A 73 1.29 -5.84 6.98
CA ASP A 73 0.14 -5.61 6.11
C ASP A 73 0.59 -5.08 4.76
N GLU A 74 1.51 -4.13 4.80
CA GLU A 74 1.99 -3.48 3.59
C GLU A 74 2.70 -4.49 2.68
N GLU A 75 3.48 -5.39 3.28
CA GLU A 75 4.08 -6.49 2.50
C GLU A 75 2.98 -7.42 1.99
N LYS A 76 1.95 -7.60 2.79
CA LYS A 76 0.82 -8.46 2.44
C LYS A 76 0.13 -7.94 1.17
N HIS A 77 0.08 -6.62 1.04
CA HIS A 77 -0.50 -5.99 -0.15
C HIS A 77 0.38 -6.28 -1.35
N ILE A 78 1.67 -6.07 -1.17
CA ILE A 78 2.66 -6.26 -2.21
C ILE A 78 2.64 -7.70 -2.73
N GLU A 79 2.40 -8.65 -1.82
CA GLU A 79 2.31 -10.05 -2.20
C GLU A 79 1.27 -10.26 -3.30
N TRP A 80 0.14 -9.57 -3.18
CA TRP A 80 -0.94 -9.68 -4.16
C TRP A 80 -0.50 -9.06 -5.49
N HIS A 81 0.01 -7.85 -5.42
CA HIS A 81 0.44 -7.13 -6.62
C HIS A 81 1.62 -7.85 -7.29
N LYS A 82 2.47 -8.46 -6.48
CA LYS A 82 3.63 -9.19 -6.97
C LYS A 82 3.20 -10.50 -7.63
N ALA A 83 2.16 -11.13 -7.07
CA ALA A 83 1.63 -12.37 -7.60
C ALA A 83 0.95 -12.12 -8.95
N ALA A 84 0.40 -10.92 -9.10
CA ALA A 84 -0.20 -10.52 -10.37
C ALA A 84 0.89 -10.25 -11.41
N SER A 85 2.05 -9.79 -10.91
CA SER A 85 3.23 -9.54 -11.74
C SER A 85 3.04 -8.31 -12.63
N LYS A 86 2.06 -8.38 -13.52
CA LYS A 86 1.73 -7.27 -14.40
C LYS A 86 0.23 -7.09 -14.50
N GLN A 87 -0.44 -8.13 -14.96
CA GLN A 87 -1.89 -8.09 -15.13
C GLN A 87 -2.47 -9.48 -14.93
N GLY A 88 -3.79 -9.55 -14.80
CA GLY A 88 -4.45 -10.84 -14.64
C GLY A 88 -5.92 -10.74 -14.95
N ASN A 89 -6.74 -11.28 -14.05
CA ASN A 89 -8.19 -11.22 -14.20
C ASN A 89 -8.69 -9.83 -13.81
N ALA A 90 -9.90 -9.48 -14.24
CA ALA A 90 -10.39 -8.11 -14.10
C ALA A 90 -11.16 -7.90 -12.79
N GLU A 91 -12.41 -8.35 -12.76
CA GLU A 91 -13.31 -8.05 -11.64
C GLU A 91 -12.83 -8.66 -10.33
N GLN A 92 -12.25 -9.84 -10.40
CA GLN A 92 -11.65 -10.47 -9.22
C GLN A 92 -10.56 -9.58 -8.63
N PHE A 93 -9.66 -9.12 -9.50
CA PHE A 93 -8.56 -8.26 -9.08
C PHE A 93 -9.09 -6.95 -8.53
N ALA A 94 -10.06 -6.37 -9.23
CA ALA A 94 -10.68 -5.11 -8.82
C ALA A 94 -11.28 -5.22 -7.42
N SER A 95 -11.94 -6.33 -7.15
CA SER A 95 -12.56 -6.57 -5.85
C SER A 95 -11.52 -6.54 -4.73
N LEU A 96 -10.37 -7.16 -4.99
CA LEU A 96 -9.29 -7.18 -4.01
C LEU A 96 -8.63 -5.82 -3.89
N VAL A 97 -8.58 -5.07 -4.99
CA VAL A 97 -8.07 -3.71 -4.97
C VAL A 97 -8.93 -2.83 -4.05
N GLN A 98 -10.24 -3.01 -4.12
CA GLN A 98 -11.17 -2.29 -3.24
C GLN A 98 -10.83 -2.55 -1.78
N GLN A 99 -10.39 -3.77 -1.49
CA GLN A 99 -9.99 -4.14 -0.13
C GLN A 99 -8.74 -3.35 0.27
N HIS A 100 -7.82 -3.21 -0.67
CA HIS A 100 -6.59 -2.44 -0.45
C HIS A 100 -6.95 -0.99 -0.08
N LEU A 101 -7.94 -0.44 -0.78
CA LEU A 101 -8.44 0.90 -0.51
C LEU A 101 -8.95 1.04 0.93
N GLN A 102 -9.76 0.08 1.35
CA GLN A 102 -10.30 0.08 2.70
C GLN A 102 -9.20 -0.17 3.73
N ASP A 103 -8.28 -1.04 3.36
CA ASP A 103 -7.22 -1.51 4.26
C ASP A 103 -6.26 -0.38 4.67
N GLU A 104 -5.78 0.37 3.69
CA GLU A 104 -4.76 1.40 3.94
C GLU A 104 -5.27 2.49 4.88
N GLN A 105 -6.59 2.65 4.94
CA GLN A 105 -7.20 3.66 5.80
C GLN A 105 -6.84 3.40 7.26
N ARG A 106 -6.70 2.12 7.60
CA ARG A 106 -6.31 1.71 8.94
C ARG A 106 -4.89 2.20 9.27
N HIS A 107 -4.04 2.23 8.25
CA HIS A 107 -2.64 2.62 8.43
C HIS A 107 -2.52 4.12 8.64
N VAL A 108 -3.29 4.87 7.87
CA VAL A 108 -3.30 6.32 7.98
C VAL A 108 -3.85 6.75 9.34
N GLU A 109 -4.84 6.00 9.83
CA GLU A 109 -5.43 6.24 11.15
C GLU A 109 -4.39 6.16 12.25
N GLU A 110 -3.44 5.24 12.13
CA GLU A 110 -2.38 5.09 13.11
C GLU A 110 -1.53 6.36 13.16
N ILE A 111 -1.29 6.96 11.99
CA ILE A 111 -0.56 8.20 11.92
C ILE A 111 -1.38 9.33 12.56
N GLU A 112 -2.38 9.83 11.85
CA GLU A 112 -3.24 10.87 12.36
C GLU A 112 -4.68 10.63 11.91
N LYS A 113 -4.95 11.04 10.69
CA LYS A 113 -6.24 10.88 10.05
C LYS A 113 -6.02 10.69 8.56
N LYS A 114 -6.96 10.04 7.89
CA LYS A 114 -6.87 9.86 6.43
C LYS A 114 -6.62 11.20 5.75
N ASN A 115 -7.62 12.06 5.83
CA ASN A 115 -7.53 13.44 5.34
C ASN A 115 -8.93 14.03 5.37
ZN ZN B . -3.65 -4.01 4.98
ZN ZN C . -0.36 -0.87 0.65
ZN ZN D . -0.57 0.91 4.15
N MET A 1 13.07 14.11 16.31
CA MET A 1 11.64 13.97 16.01
C MET A 1 11.28 12.51 15.77
N ASP A 2 10.05 12.15 16.12
CA ASP A 2 9.54 10.80 15.87
C ASP A 2 9.02 10.76 14.44
N GLU A 3 8.25 11.80 14.11
CA GLU A 3 7.82 12.11 12.74
C GLU A 3 7.11 10.94 12.05
N LEU A 4 5.80 10.93 12.14
CA LEU A 4 4.99 9.92 11.47
C LEU A 4 4.29 10.52 10.26
N ARG A 5 4.22 11.85 10.22
CA ARG A 5 3.53 12.56 9.15
C ARG A 5 4.27 12.44 7.83
N GLU A 6 5.59 12.62 7.89
CA GLU A 6 6.45 12.46 6.72
C GLU A 6 6.33 11.04 6.17
N LEU A 7 6.18 10.10 7.09
CA LEU A 7 6.09 8.69 6.76
C LEU A 7 4.75 8.35 6.09
N LEU A 8 3.71 9.10 6.48
CA LEU A 8 2.35 8.89 5.96
C LEU A 8 2.27 9.05 4.45
N LYS A 9 3.16 9.86 3.89
CA LYS A 9 3.15 10.17 2.46
C LYS A 9 3.25 8.90 1.62
N ALA A 10 3.98 7.91 2.12
CA ALA A 10 4.15 6.65 1.40
C ALA A 10 2.80 5.95 1.19
N GLU A 11 2.00 5.89 2.26
CA GLU A 11 0.66 5.30 2.18
C GLU A 11 -0.22 6.10 1.23
N GLN A 12 -0.13 7.42 1.34
CA GLN A 12 -0.93 8.32 0.52
C GLN A 12 -0.61 8.15 -0.96
N GLN A 13 0.67 7.98 -1.27
CA GLN A 13 1.14 7.78 -2.63
C GLN A 13 0.62 6.45 -3.18
N GLY A 14 0.70 5.42 -2.35
CA GLY A 14 0.17 4.12 -2.73
C GLY A 14 -1.31 4.19 -3.05
N ILE A 15 -2.06 4.86 -2.18
CA ILE A 15 -3.49 5.03 -2.38
C ILE A 15 -3.77 5.82 -3.66
N LYS A 16 -2.96 6.83 -3.93
CA LYS A 16 -3.13 7.65 -5.14
C LYS A 16 -3.06 6.78 -6.39
N ILE A 17 -2.05 5.92 -6.44
CA ILE A 17 -1.87 5.02 -7.57
C ILE A 17 -3.03 4.01 -7.65
N LEU A 18 -3.48 3.55 -6.50
CA LEU A 18 -4.62 2.63 -6.42
C LEU A 18 -5.86 3.23 -7.07
N LYS A 19 -6.05 4.54 -6.89
CA LYS A 19 -7.19 5.25 -7.48
C LYS A 19 -7.21 5.10 -9.00
N GLU A 20 -6.05 5.25 -9.61
CA GLU A 20 -5.94 5.18 -11.07
C GLU A 20 -6.20 3.76 -11.55
N VAL A 21 -5.79 2.78 -10.76
CA VAL A 21 -5.99 1.37 -11.10
C VAL A 21 -7.47 1.04 -11.16
N LEU A 22 -8.23 1.57 -10.22
CA LEU A 22 -9.68 1.34 -10.18
C LEU A 22 -10.34 1.83 -11.48
N LYS A 23 -9.82 2.92 -12.01
CA LYS A 23 -10.33 3.48 -13.26
C LYS A 23 -9.99 2.57 -14.44
N LYS A 24 -8.73 2.15 -14.50
CA LYS A 24 -8.24 1.32 -15.60
C LYS A 24 -8.85 -0.07 -15.56
N ALA A 25 -9.23 -0.51 -14.37
CA ALA A 25 -9.87 -1.81 -14.19
C ALA A 25 -11.20 -1.87 -14.93
N LYS A 26 -12.01 -0.84 -14.78
CA LYS A 26 -13.30 -0.78 -15.46
C LYS A 26 -13.11 -0.55 -16.96
N GLU A 27 -12.07 0.22 -17.30
CA GLU A 27 -11.70 0.41 -18.70
C GLU A 27 -11.34 -0.93 -19.35
N GLY A 28 -10.71 -1.79 -18.57
CA GLY A 28 -10.39 -3.12 -19.04
C GLY A 28 -9.13 -3.17 -19.88
N ASP A 29 -8.10 -2.48 -19.43
CA ASP A 29 -6.83 -2.49 -20.13
C ASP A 29 -5.75 -3.13 -19.27
N GLU A 30 -5.29 -4.30 -19.70
CA GLU A 30 -4.31 -5.07 -18.95
C GLU A 30 -2.94 -4.39 -18.96
N GLN A 31 -2.66 -3.64 -20.02
CA GLN A 31 -1.37 -2.99 -20.17
C GLN A 31 -1.23 -1.85 -19.16
N GLU A 32 -2.25 -1.01 -19.07
CA GLU A 32 -2.26 0.05 -18.08
C GLU A 32 -2.27 -0.53 -16.67
N LEU A 33 -3.08 -1.57 -16.48
CA LEU A 33 -3.14 -2.26 -15.20
C LEU A 33 -1.78 -2.81 -14.81
N ALA A 34 -1.08 -3.42 -15.75
CA ALA A 34 0.25 -3.95 -15.49
C ALA A 34 1.23 -2.85 -15.15
N ARG A 35 1.18 -1.76 -15.90
CA ARG A 35 2.07 -0.63 -15.67
C ARG A 35 1.79 0.00 -14.31
N LEU A 36 0.52 0.21 -14.02
CA LEU A 36 0.09 0.77 -12.74
C LEU A 36 0.40 -0.18 -11.60
N ASN A 37 0.30 -1.48 -11.86
CA ASN A 37 0.66 -2.49 -10.87
C ASN A 37 2.13 -2.34 -10.48
N GLN A 38 2.95 -2.10 -11.49
CA GLN A 38 4.38 -1.84 -11.30
C GLN A 38 4.57 -0.62 -10.41
N GLU A 39 3.74 0.41 -10.64
CA GLU A 39 3.77 1.63 -9.85
C GLU A 39 3.38 1.34 -8.40
N ILE A 40 2.40 0.46 -8.21
CA ILE A 40 1.95 0.08 -6.88
C ILE A 40 3.08 -0.61 -6.12
N VAL A 41 3.70 -1.59 -6.76
CA VAL A 41 4.77 -2.35 -6.12
C VAL A 41 5.91 -1.44 -5.65
N LYS A 42 6.38 -0.57 -6.54
CA LYS A 42 7.48 0.34 -6.19
C LYS A 42 7.06 1.31 -5.08
N ALA A 43 5.80 1.73 -5.09
CA ALA A 43 5.29 2.66 -4.08
C ALA A 43 5.25 2.00 -2.71
N GLU A 44 4.70 0.79 -2.67
CA GLU A 44 4.65 0.02 -1.43
C GLU A 44 6.07 -0.26 -0.92
N LYS A 45 6.96 -0.69 -1.83
CA LYS A 45 8.36 -0.96 -1.47
C LYS A 45 9.04 0.29 -0.90
N GLN A 46 8.73 1.44 -1.50
CA GLN A 46 9.29 2.72 -1.05
C GLN A 46 8.88 2.96 0.39
N GLY A 47 7.61 2.72 0.68
CA GLY A 47 7.10 2.85 2.04
C GLY A 47 7.74 1.83 2.97
N VAL A 48 7.79 0.58 2.53
CA VAL A 48 8.39 -0.50 3.31
C VAL A 48 9.82 -0.14 3.73
N LYS A 49 10.57 0.46 2.81
CA LYS A 49 11.93 0.89 3.10
C LYS A 49 11.97 1.81 4.31
N VAL A 50 11.12 2.83 4.32
CA VAL A 50 11.09 3.78 5.41
C VAL A 50 10.55 3.15 6.69
N TYR A 51 9.45 2.41 6.56
CA TYR A 51 8.86 1.74 7.72
C TYR A 51 9.83 0.76 8.36
N LYS A 52 10.50 -0.04 7.53
CA LYS A 52 11.46 -1.04 8.01
C LYS A 52 12.60 -0.38 8.77
N GLU A 53 13.10 0.72 8.22
CA GLU A 53 14.22 1.42 8.84
C GLU A 53 13.78 2.05 10.16
N ALA A 54 12.55 2.57 10.19
CA ALA A 54 12.00 3.19 11.38
C ALA A 54 11.67 2.15 12.46
N ALA A 55 11.23 0.98 12.04
CA ALA A 55 10.82 -0.08 12.97
C ALA A 55 11.95 -0.47 13.92
N GLU A 56 13.13 -0.68 13.37
CA GLU A 56 14.27 -1.13 14.16
C GLU A 56 15.02 0.08 14.75
N LYS A 57 14.35 1.22 14.79
CA LYS A 57 14.94 2.45 15.29
C LYS A 57 13.89 3.28 16.02
N ALA A 58 12.76 2.66 16.32
CA ALA A 58 11.60 3.35 16.88
C ALA A 58 11.77 3.64 18.36
N ARG A 59 10.97 4.56 18.88
CA ARG A 59 11.00 4.93 20.29
C ARG A 59 10.45 3.81 21.17
N ASN A 60 9.13 3.69 21.20
CA ASN A 60 8.48 2.72 22.07
C ASN A 60 7.97 1.52 21.28
N PRO A 61 7.85 0.35 21.92
CA PRO A 61 7.39 -0.89 21.29
C PRO A 61 6.00 -0.76 20.65
N GLU A 62 5.18 0.13 21.21
CA GLU A 62 3.84 0.37 20.67
C GLU A 62 3.93 0.89 19.24
N LYS A 63 4.91 1.75 18.99
CA LYS A 63 5.14 2.28 17.66
C LYS A 63 5.59 1.18 16.71
N ARG A 64 6.49 0.33 17.20
CA ARG A 64 7.02 -0.75 16.38
C ARG A 64 5.92 -1.75 16.07
N GLN A 65 5.03 -1.99 17.02
CA GLN A 65 3.90 -2.88 16.81
C GLN A 65 3.07 -2.41 15.62
N VAL A 66 2.79 -1.11 15.58
CA VAL A 66 2.02 -0.54 14.48
C VAL A 66 2.80 -0.65 13.17
N ILE A 67 4.06 -0.22 13.21
CA ILE A 67 4.92 -0.24 12.04
C ILE A 67 5.12 -1.67 11.52
N ASP A 68 5.38 -2.59 12.44
CA ASP A 68 5.70 -3.98 12.08
C ASP A 68 4.52 -4.67 11.39
N LYS A 69 3.33 -4.54 11.96
CA LYS A 69 2.16 -5.20 11.39
C LYS A 69 1.77 -4.56 10.06
N ILE A 70 1.98 -3.25 9.95
CA ILE A 70 1.76 -2.55 8.68
C ILE A 70 2.84 -2.96 7.67
N LEU A 71 4.07 -3.09 8.16
CA LEU A 71 5.18 -3.59 7.35
C LEU A 71 4.86 -4.97 6.80
N GLU A 72 4.41 -5.85 7.68
CA GLU A 72 4.02 -7.19 7.32
C GLU A 72 2.82 -7.13 6.36
N ASP A 73 1.95 -6.16 6.60
CA ASP A 73 0.76 -5.98 5.78
C ASP A 73 1.11 -5.50 4.38
N GLU A 74 2.02 -4.54 4.29
CA GLU A 74 2.40 -3.99 2.99
C GLU A 74 3.05 -5.07 2.12
N GLU A 75 3.91 -5.89 2.73
CA GLU A 75 4.50 -7.03 2.02
C GLU A 75 3.41 -8.02 1.62
N LYS A 76 2.41 -8.12 2.49
CA LYS A 76 1.23 -8.96 2.24
C LYS A 76 0.46 -8.41 1.03
N HIS A 77 0.36 -7.09 0.94
CA HIS A 77 -0.32 -6.44 -0.18
C HIS A 77 0.44 -6.71 -1.48
N ILE A 78 1.75 -6.50 -1.41
CA ILE A 78 2.63 -6.69 -2.55
C ILE A 78 2.58 -8.12 -3.05
N GLU A 79 2.53 -9.07 -2.12
CA GLU A 79 2.45 -10.49 -2.47
C GLU A 79 1.24 -10.75 -3.37
N TRP A 80 0.15 -10.00 -3.16
CA TRP A 80 -1.01 -10.10 -4.02
C TRP A 80 -0.74 -9.50 -5.39
N HIS A 81 -0.35 -8.23 -5.42
CA HIS A 81 -0.08 -7.52 -6.68
C HIS A 81 0.99 -8.23 -7.49
N LYS A 82 1.92 -8.86 -6.80
CA LYS A 82 2.98 -9.64 -7.40
C LYS A 82 2.41 -10.87 -8.11
N ALA A 83 1.54 -11.60 -7.42
CA ALA A 83 0.95 -12.81 -7.98
C ALA A 83 -0.05 -12.49 -9.09
N ALA A 84 -0.75 -11.37 -8.94
CA ALA A 84 -1.75 -10.94 -9.92
C ALA A 84 -1.10 -10.42 -11.19
N SER A 85 0.21 -10.21 -11.15
CA SER A 85 0.95 -9.63 -12.26
C SER A 85 0.95 -10.55 -13.49
N LYS A 86 0.57 -11.81 -13.31
CA LYS A 86 0.51 -12.74 -14.42
C LYS A 86 -0.93 -13.14 -14.72
N GLN A 87 -1.89 -12.39 -14.18
CA GLN A 87 -3.30 -12.71 -14.33
C GLN A 87 -4.03 -11.62 -15.09
N GLY A 88 -4.64 -11.99 -16.22
CA GLY A 88 -5.40 -11.04 -17.00
C GLY A 88 -6.83 -10.92 -16.49
N ASN A 89 -6.96 -10.41 -15.27
CA ASN A 89 -8.26 -10.27 -14.63
C ASN A 89 -8.47 -8.81 -14.25
N ALA A 90 -9.69 -8.32 -14.44
CA ALA A 90 -9.98 -6.91 -14.20
C ALA A 90 -10.97 -6.72 -13.05
N GLU A 91 -12.18 -7.26 -13.20
CA GLU A 91 -13.25 -7.02 -12.24
C GLU A 91 -12.96 -7.70 -10.91
N GLN A 92 -12.58 -8.97 -10.95
CA GLN A 92 -12.27 -9.71 -9.72
C GLN A 92 -11.00 -9.17 -9.09
N PHE A 93 -10.06 -8.78 -9.93
CA PHE A 93 -8.83 -8.13 -9.48
C PHE A 93 -9.14 -6.80 -8.80
N ALA A 94 -9.97 -5.98 -9.44
CA ALA A 94 -10.36 -4.70 -8.90
C ALA A 94 -11.05 -4.85 -7.56
N SER A 95 -11.88 -5.88 -7.44
CA SER A 95 -12.60 -6.17 -6.20
C SER A 95 -11.61 -6.36 -5.05
N LEU A 96 -10.54 -7.10 -5.31
CA LEU A 96 -9.50 -7.33 -4.32
C LEU A 96 -8.66 -6.07 -4.11
N VAL A 97 -8.46 -5.29 -5.16
CA VAL A 97 -7.76 -4.02 -5.06
C VAL A 97 -8.53 -3.07 -4.14
N GLN A 98 -9.85 -3.10 -4.23
CA GLN A 98 -10.70 -2.30 -3.35
C GLN A 98 -10.46 -2.64 -1.89
N GLN A 99 -10.15 -3.90 -1.62
CA GLN A 99 -9.80 -4.34 -0.27
C GLN A 99 -8.51 -3.66 0.18
N HIS A 100 -7.57 -3.47 -0.74
CA HIS A 100 -6.33 -2.77 -0.46
C HIS A 100 -6.63 -1.32 -0.08
N LEU A 101 -7.57 -0.71 -0.82
CA LEU A 101 -8.01 0.66 -0.53
C LEU A 101 -8.59 0.76 0.88
N GLN A 102 -9.47 -0.16 1.21
CA GLN A 102 -10.10 -0.18 2.53
C GLN A 102 -9.06 -0.45 3.61
N ASP A 103 -8.09 -1.29 3.27
CA ASP A 103 -7.04 -1.69 4.20
C ASP A 103 -6.11 -0.53 4.56
N GLU A 104 -5.62 0.17 3.54
CA GLU A 104 -4.67 1.26 3.76
C GLU A 104 -5.34 2.39 4.55
N GLN A 105 -6.67 2.44 4.52
CA GLN A 105 -7.41 3.41 5.30
C GLN A 105 -7.17 3.19 6.79
N ARG A 106 -7.26 1.93 7.24
CA ARG A 106 -7.00 1.62 8.64
C ARG A 106 -5.54 1.89 8.98
N HIS A 107 -4.67 1.68 8.00
CA HIS A 107 -3.25 1.95 8.17
C HIS A 107 -3.07 3.42 8.55
N VAL A 108 -3.79 4.30 7.85
CA VAL A 108 -3.82 5.72 8.15
C VAL A 108 -4.54 6.00 9.48
N GLU A 109 -5.67 5.33 9.69
CA GLU A 109 -6.50 5.56 10.88
C GLU A 109 -5.72 5.29 12.17
N GLU A 110 -4.88 4.27 12.16
CA GLU A 110 -4.08 3.95 13.34
C GLU A 110 -3.01 5.01 13.58
N ILE A 111 -2.56 5.67 12.52
CA ILE A 111 -1.53 6.70 12.64
C ILE A 111 -2.14 8.05 13.03
N GLU A 112 -2.81 8.71 12.08
CA GLU A 112 -3.31 10.06 12.29
C GLU A 112 -4.82 10.08 12.51
N LYS A 113 -5.37 8.93 12.89
CA LYS A 113 -6.80 8.80 13.24
C LYS A 113 -7.70 8.77 12.02
N LYS A 114 -7.49 9.70 11.09
CA LYS A 114 -8.35 9.79 9.91
C LYS A 114 -7.71 10.71 8.86
N ASN A 115 -7.76 10.28 7.61
CA ASN A 115 -7.36 11.14 6.50
C ASN A 115 -8.57 11.95 6.04
ZN ZN B . -3.31 -3.71 5.16
ZN ZN C . -0.09 -1.34 0.94
ZN ZN D . -0.34 0.92 4.21
N MET A 1 12.68 19.19 9.98
CA MET A 1 12.18 18.26 11.02
C MET A 1 10.75 17.81 10.67
N ASP A 2 10.66 16.64 10.06
CA ASP A 2 9.37 16.04 9.73
C ASP A 2 9.43 14.56 10.03
N GLU A 3 8.70 14.15 11.05
CA GLU A 3 8.71 12.76 11.48
C GLU A 3 7.32 12.14 11.31
N LEU A 4 6.59 12.61 10.31
CA LEU A 4 5.24 12.10 10.06
C LEU A 4 4.89 12.12 8.58
N ARG A 5 4.80 13.32 8.01
CA ARG A 5 4.25 13.48 6.65
C ARG A 5 5.12 12.81 5.61
N GLU A 6 6.43 12.88 5.79
CA GLU A 6 7.36 12.27 4.85
C GLU A 6 7.23 10.75 4.87
N LEU A 7 6.97 10.19 6.05
CA LEU A 7 6.74 8.76 6.17
C LEU A 7 5.36 8.39 5.60
N LEU A 8 4.37 9.22 5.92
CA LEU A 8 3.00 9.04 5.44
C LEU A 8 2.93 9.05 3.92
N LYS A 9 3.87 9.78 3.32
CA LYS A 9 3.89 10.00 1.87
C LYS A 9 3.91 8.68 1.11
N ALA A 10 4.58 7.68 1.67
CA ALA A 10 4.69 6.39 1.02
C ALA A 10 3.35 5.67 0.99
N GLU A 11 2.66 5.66 2.14
CA GLU A 11 1.36 5.01 2.25
C GLU A 11 0.32 5.78 1.44
N GLN A 12 0.41 7.11 1.50
CA GLN A 12 -0.50 7.98 0.75
C GLN A 12 -0.33 7.79 -0.75
N GLN A 13 0.91 7.62 -1.19
CA GLN A 13 1.20 7.43 -2.61
C GLN A 13 0.58 6.13 -3.11
N GLY A 14 0.68 5.10 -2.29
CA GLY A 14 0.08 3.82 -2.63
C GLY A 14 -1.42 3.94 -2.84
N ILE A 15 -2.09 4.64 -1.92
CA ILE A 15 -3.53 4.86 -2.01
C ILE A 15 -3.87 5.68 -3.25
N LYS A 16 -3.04 6.66 -3.54
CA LYS A 16 -3.20 7.50 -4.73
C LYS A 16 -3.23 6.65 -5.99
N ILE A 17 -2.29 5.72 -6.07
CA ILE A 17 -2.22 4.81 -7.20
C ILE A 17 -3.44 3.89 -7.24
N LEU A 18 -3.85 3.42 -6.07
CA LEU A 18 -5.02 2.55 -5.95
C LEU A 18 -6.27 3.23 -6.51
N LYS A 19 -6.37 4.55 -6.29
CA LYS A 19 -7.49 5.33 -6.83
C LYS A 19 -7.53 5.24 -8.35
N GLU A 20 -6.36 5.39 -8.98
CA GLU A 20 -6.25 5.35 -10.42
C GLU A 20 -6.67 3.99 -10.97
N VAL A 21 -6.40 2.94 -10.20
CA VAL A 21 -6.74 1.58 -10.62
C VAL A 21 -8.24 1.45 -10.86
N LEU A 22 -9.03 2.05 -9.97
CA LEU A 22 -10.49 2.00 -10.10
C LEU A 22 -10.93 2.61 -11.43
N LYS A 23 -10.29 3.69 -11.82
CA LYS A 23 -10.60 4.35 -13.08
C LYS A 23 -10.07 3.56 -14.27
N LYS A 24 -8.82 3.12 -14.17
CA LYS A 24 -8.15 2.46 -15.29
C LYS A 24 -8.72 1.07 -15.57
N ALA A 25 -9.29 0.45 -14.54
CA ALA A 25 -9.98 -0.82 -14.73
C ALA A 25 -11.21 -0.64 -15.61
N LYS A 26 -11.84 0.52 -15.47
CA LYS A 26 -13.01 0.87 -16.28
C LYS A 26 -12.62 1.16 -17.72
N GLU A 27 -11.42 1.72 -17.89
CA GLU A 27 -10.89 2.01 -19.22
C GLU A 27 -10.66 0.71 -19.99
N GLY A 28 -10.39 -0.36 -19.24
CA GLY A 28 -10.23 -1.67 -19.85
C GLY A 28 -8.90 -1.85 -20.53
N ASP A 29 -7.94 -0.98 -20.21
CA ASP A 29 -6.61 -1.06 -20.79
C ASP A 29 -5.68 -1.85 -19.88
N GLU A 30 -5.24 -3.00 -20.36
CA GLU A 30 -4.40 -3.89 -19.57
C GLU A 30 -2.98 -3.34 -19.39
N GLN A 31 -2.56 -2.45 -20.28
CA GLN A 31 -1.23 -1.85 -20.15
C GLN A 31 -1.20 -0.95 -18.92
N GLU A 32 -2.26 -0.17 -18.74
CA GLU A 32 -2.43 0.65 -17.55
C GLU A 32 -2.48 -0.24 -16.31
N LEU A 33 -3.21 -1.34 -16.41
CA LEU A 33 -3.33 -2.28 -15.31
C LEU A 33 -1.97 -2.87 -14.92
N ALA A 34 -1.20 -3.27 -15.92
CA ALA A 34 0.14 -3.80 -15.68
C ALA A 34 1.02 -2.73 -15.07
N ARG A 35 0.91 -1.51 -15.59
CA ARG A 35 1.62 -0.36 -15.07
C ARG A 35 1.25 -0.12 -13.61
N LEU A 36 -0.04 -0.16 -13.31
CA LEU A 36 -0.55 0.08 -11.97
C LEU A 36 0.04 -0.91 -10.98
N ASN A 37 0.03 -2.18 -11.34
CA ASN A 37 0.52 -3.22 -10.45
C ASN A 37 2.00 -3.00 -10.14
N GLN A 38 2.76 -2.62 -11.17
CA GLN A 38 4.17 -2.29 -11.02
C GLN A 38 4.33 -1.07 -10.09
N GLU A 39 3.54 -0.03 -10.37
CA GLU A 39 3.57 1.19 -9.57
C GLU A 39 3.23 0.92 -8.11
N ILE A 40 2.24 0.06 -7.89
CA ILE A 40 1.83 -0.31 -6.55
C ILE A 40 2.99 -0.99 -5.82
N VAL A 41 3.61 -1.97 -6.45
CA VAL A 41 4.77 -2.65 -5.86
C VAL A 41 5.87 -1.65 -5.50
N LYS A 42 6.15 -0.75 -6.43
CA LYS A 42 7.18 0.27 -6.23
C LYS A 42 6.84 1.18 -5.06
N ALA A 43 5.57 1.59 -4.97
CA ALA A 43 5.12 2.47 -3.91
C ALA A 43 5.09 1.76 -2.55
N GLU A 44 4.53 0.56 -2.53
CA GLU A 44 4.42 -0.23 -1.30
C GLU A 44 5.82 -0.49 -0.73
N LYS A 45 6.76 -0.90 -1.59
CA LYS A 45 8.12 -1.19 -1.14
C LYS A 45 8.85 0.08 -0.73
N GLN A 46 8.51 1.19 -1.36
CA GLN A 46 9.08 2.48 -0.98
C GLN A 46 8.70 2.76 0.47
N GLY A 47 7.45 2.44 0.81
CA GLY A 47 7.00 2.55 2.17
C GLY A 47 7.68 1.52 3.07
N VAL A 48 7.74 0.29 2.60
CA VAL A 48 8.39 -0.79 3.34
C VAL A 48 9.83 -0.40 3.72
N LYS A 49 10.53 0.23 2.79
CA LYS A 49 11.92 0.60 3.00
C LYS A 49 12.09 1.49 4.23
N VAL A 50 11.29 2.56 4.30
CA VAL A 50 11.34 3.47 5.44
C VAL A 50 10.69 2.86 6.69
N TYR A 51 9.56 2.18 6.51
CA TYR A 51 8.82 1.63 7.64
C TYR A 51 9.61 0.52 8.33
N LYS A 52 10.30 -0.30 7.56
CA LYS A 52 11.07 -1.40 8.13
C LYS A 52 12.17 -0.86 9.04
N GLU A 53 12.76 0.25 8.64
CA GLU A 53 13.78 0.92 9.44
C GLU A 53 13.16 1.48 10.72
N ALA A 54 11.98 2.08 10.58
CA ALA A 54 11.31 2.68 11.71
C ALA A 54 10.78 1.62 12.68
N ALA A 55 10.40 0.46 12.14
CA ALA A 55 9.87 -0.62 12.95
C ALA A 55 10.93 -1.18 13.90
N GLU A 56 12.15 -1.33 13.40
CA GLU A 56 13.23 -1.88 14.21
C GLU A 56 13.85 -0.81 15.11
N LYS A 57 13.51 0.44 14.84
CA LYS A 57 14.11 1.56 15.55
C LYS A 57 13.02 2.44 16.17
N ALA A 58 11.89 1.82 16.49
CA ALA A 58 10.78 2.52 17.10
C ALA A 58 11.04 2.74 18.59
N ARG A 59 10.38 3.73 19.16
CA ARG A 59 10.62 4.12 20.53
C ARG A 59 9.54 3.56 21.45
N ASN A 60 8.30 3.94 21.20
CA ASN A 60 7.18 3.46 22.00
C ASN A 60 6.73 2.08 21.51
N PRO A 61 6.62 1.11 22.43
CA PRO A 61 6.31 -0.28 22.08
C PRO A 61 4.96 -0.44 21.38
N GLU A 62 3.97 0.33 21.82
CA GLU A 62 2.63 0.24 21.27
C GLU A 62 2.63 0.63 19.80
N LYS A 63 3.31 1.72 19.47
CA LYS A 63 3.44 2.16 18.09
C LYS A 63 4.43 1.29 17.33
N ARG A 64 5.41 0.74 18.05
CA ARG A 64 6.37 -0.19 17.45
C ARG A 64 5.63 -1.37 16.84
N GLN A 65 4.69 -1.91 17.59
CA GLN A 65 3.84 -3.00 17.14
C GLN A 65 3.06 -2.57 15.89
N VAL A 66 2.53 -1.35 15.95
CA VAL A 66 1.76 -0.79 14.83
C VAL A 66 2.60 -0.73 13.56
N ILE A 67 3.77 -0.11 13.66
CA ILE A 67 4.65 0.05 12.51
C ILE A 67 5.10 -1.31 11.98
N ASP A 68 5.43 -2.21 12.90
CA ASP A 68 5.86 -3.56 12.53
C ASP A 68 4.77 -4.29 11.76
N LYS A 69 3.55 -4.21 12.27
CA LYS A 69 2.43 -4.92 11.67
C LYS A 69 2.14 -4.39 10.27
N ILE A 70 2.13 -3.06 10.16
CA ILE A 70 1.86 -2.40 8.88
C ILE A 70 2.98 -2.67 7.89
N LEU A 71 4.22 -2.68 8.39
CA LEU A 71 5.38 -2.98 7.58
C LEU A 71 5.25 -4.36 6.93
N GLU A 72 4.93 -5.36 7.76
CA GLU A 72 4.78 -6.71 7.27
C GLU A 72 3.54 -6.84 6.38
N ASP A 73 2.49 -6.12 6.73
CA ASP A 73 1.26 -6.12 5.95
C ASP A 73 1.52 -5.59 4.55
N GLU A 74 2.31 -4.54 4.47
CA GLU A 74 2.61 -3.86 3.23
C GLU A 74 3.31 -4.82 2.26
N GLU A 75 4.20 -5.66 2.77
CA GLU A 75 4.83 -6.70 1.94
C GLU A 75 3.81 -7.75 1.51
N LYS A 76 2.86 -8.06 2.39
CA LYS A 76 1.84 -9.06 2.09
C LYS A 76 0.95 -8.59 0.94
N HIS A 77 0.72 -7.28 0.87
CA HIS A 77 -0.03 -6.70 -0.24
C HIS A 77 0.70 -6.97 -1.55
N ILE A 78 1.99 -6.70 -1.51
CA ILE A 78 2.87 -6.91 -2.66
C ILE A 78 2.89 -8.39 -3.04
N GLU A 79 2.87 -9.26 -2.04
CA GLU A 79 2.80 -10.69 -2.26
C GLU A 79 1.57 -11.03 -3.09
N TRP A 80 0.44 -10.42 -2.75
CA TRP A 80 -0.79 -10.60 -3.51
C TRP A 80 -0.64 -10.05 -4.92
N HIS A 81 -0.23 -8.78 -5.04
CA HIS A 81 -0.11 -8.13 -6.34
C HIS A 81 0.86 -8.85 -7.27
N LYS A 82 1.94 -9.38 -6.72
CA LYS A 82 2.90 -10.13 -7.54
C LYS A 82 2.29 -11.45 -8.01
N ALA A 83 1.47 -12.07 -7.17
CA ALA A 83 0.78 -13.29 -7.54
C ALA A 83 -0.32 -13.00 -8.56
N ALA A 84 -0.95 -11.83 -8.42
CA ALA A 84 -2.01 -11.41 -9.33
C ALA A 84 -1.44 -10.91 -10.66
N SER A 85 -0.13 -10.71 -10.70
CA SER A 85 0.53 -10.24 -11.91
C SER A 85 0.35 -11.22 -13.06
N LYS A 86 0.18 -10.68 -14.26
CA LYS A 86 0.05 -11.48 -15.48
C LYS A 86 -1.28 -12.23 -15.52
N GLN A 87 -2.19 -11.90 -14.61
CA GLN A 87 -3.52 -12.46 -14.61
C GLN A 87 -4.54 -11.33 -14.66
N GLY A 88 -4.81 -10.85 -15.87
CA GLY A 88 -5.66 -9.68 -16.02
C GLY A 88 -7.13 -9.98 -15.84
N ASN A 89 -7.74 -9.31 -14.87
CA ASN A 89 -9.17 -9.42 -14.61
C ASN A 89 -9.74 -8.03 -14.32
N ALA A 90 -11.06 -7.89 -14.37
CA ALA A 90 -11.68 -6.61 -14.07
C ALA A 90 -12.65 -6.71 -12.91
N GLU A 91 -13.73 -7.46 -13.11
CA GLU A 91 -14.80 -7.53 -12.11
C GLU A 91 -14.32 -8.13 -10.80
N GLN A 92 -13.60 -9.25 -10.89
CA GLN A 92 -13.03 -9.89 -9.71
C GLN A 92 -11.94 -9.01 -9.11
N PHE A 93 -11.16 -8.41 -10.01
CA PHE A 93 -10.03 -7.59 -9.64
C PHE A 93 -10.47 -6.38 -8.81
N ALA A 94 -11.48 -5.67 -9.29
CA ALA A 94 -11.96 -4.46 -8.62
C ALA A 94 -12.59 -4.78 -7.26
N SER A 95 -13.07 -6.00 -7.10
CA SER A 95 -13.57 -6.43 -5.80
C SER A 95 -12.39 -6.65 -4.85
N LEU A 96 -11.34 -7.27 -5.36
CA LEU A 96 -10.16 -7.58 -4.56
C LEU A 96 -9.34 -6.33 -4.24
N VAL A 97 -9.31 -5.36 -5.15
CA VAL A 97 -8.59 -4.12 -4.93
C VAL A 97 -9.18 -3.34 -3.75
N GLN A 98 -10.51 -3.42 -3.61
CA GLN A 98 -11.22 -2.77 -2.51
C GLN A 98 -10.68 -3.25 -1.16
N GLN A 99 -10.25 -4.51 -1.09
CA GLN A 99 -9.69 -5.07 0.11
C GLN A 99 -8.42 -4.31 0.49
N HIS A 100 -7.59 -4.02 -0.52
CA HIS A 100 -6.36 -3.27 -0.32
C HIS A 100 -6.69 -1.83 0.09
N LEU A 101 -7.71 -1.26 -0.56
CA LEU A 101 -8.15 0.10 -0.25
C LEU A 101 -8.59 0.23 1.20
N GLN A 102 -9.41 -0.70 1.66
CA GLN A 102 -9.90 -0.69 3.02
C GLN A 102 -8.76 -0.97 3.99
N ASP A 103 -7.85 -1.83 3.58
CA ASP A 103 -6.72 -2.23 4.40
C ASP A 103 -5.81 -1.04 4.71
N GLU A 104 -5.45 -0.28 3.68
CA GLU A 104 -4.55 0.85 3.86
C GLU A 104 -5.22 1.94 4.69
N GLN A 105 -6.55 2.01 4.62
CA GLN A 105 -7.29 2.93 5.47
C GLN A 105 -7.17 2.50 6.93
N ARG A 106 -7.20 1.19 7.15
CA ARG A 106 -6.92 0.62 8.46
C ARG A 106 -5.51 0.95 8.89
N HIS A 107 -4.59 0.91 7.93
CA HIS A 107 -3.20 1.29 8.18
C HIS A 107 -3.13 2.74 8.64
N VAL A 108 -3.79 3.63 7.91
CA VAL A 108 -3.80 5.05 8.24
C VAL A 108 -4.43 5.31 9.61
N GLU A 109 -5.51 4.60 9.91
CA GLU A 109 -6.16 4.72 11.22
C GLU A 109 -5.17 4.40 12.34
N GLU A 110 -4.41 3.33 12.14
CA GLU A 110 -3.49 2.85 13.14
C GLU A 110 -2.30 3.81 13.27
N ILE A 111 -1.96 4.50 12.19
CA ILE A 111 -0.87 5.47 12.20
C ILE A 111 -1.33 6.81 12.77
N GLU A 112 -2.22 7.48 12.05
CA GLU A 112 -2.63 8.84 12.39
C GLU A 112 -3.74 8.84 13.42
N LYS A 113 -4.84 8.13 13.09
CA LYS A 113 -6.02 8.06 13.94
C LYS A 113 -6.81 9.38 13.92
N LYS A 114 -6.11 10.51 13.96
CA LYS A 114 -6.76 11.82 13.96
C LYS A 114 -6.94 12.32 12.52
N ASN A 115 -6.99 11.40 11.58
CA ASN A 115 -7.19 11.74 10.18
C ASN A 115 -8.25 10.83 9.57
ZN ZN B . -2.93 -4.22 5.15
ZN ZN C . -0.17 -1.61 0.60
ZN ZN D . -0.23 0.49 4.01
N MET A 1 8.82 15.56 17.51
CA MET A 1 9.73 14.41 17.28
C MET A 1 9.22 13.52 16.16
N ASP A 2 8.06 12.89 16.39
CA ASP A 2 7.45 12.01 15.40
C ASP A 2 6.86 12.81 14.25
N GLU A 3 7.62 12.92 13.18
CA GLU A 3 7.18 13.59 11.98
C GLU A 3 7.25 12.63 10.79
N LEU A 4 6.25 11.78 10.68
CA LEU A 4 6.23 10.74 9.66
C LEU A 4 5.45 11.20 8.43
N ARG A 5 5.65 12.45 8.04
CA ARG A 5 4.91 13.04 6.92
C ARG A 5 5.18 12.27 5.63
N GLU A 6 6.46 12.07 5.32
CA GLU A 6 6.85 11.39 4.09
C GLU A 6 6.45 9.91 4.14
N LEU A 7 6.51 9.33 5.33
CA LEU A 7 6.20 7.92 5.51
C LEU A 7 4.71 7.67 5.32
N LEU A 8 3.89 8.59 5.82
CA LEU A 8 2.45 8.48 5.69
C LEU A 8 2.04 8.72 4.23
N LYS A 9 2.72 9.67 3.58
CA LYS A 9 2.47 9.98 2.18
C LYS A 9 2.69 8.76 1.29
N ALA A 10 3.60 7.89 1.68
CA ALA A 10 3.86 6.65 0.95
C ALA A 10 2.59 5.80 0.84
N GLU A 11 1.87 5.66 1.95
CA GLU A 11 0.60 4.95 1.95
C GLU A 11 -0.45 5.68 1.12
N GLN A 12 -0.47 7.00 1.23
CA GLN A 12 -1.36 7.83 0.45
C GLN A 12 -1.06 7.68 -1.05
N GLN A 13 0.22 7.50 -1.36
CA GLN A 13 0.66 7.30 -2.73
C GLN A 13 0.05 6.02 -3.29
N GLY A 14 0.08 4.96 -2.49
CA GLY A 14 -0.53 3.71 -2.89
C GLY A 14 -2.01 3.85 -3.12
N ILE A 15 -2.69 4.49 -2.17
CA ILE A 15 -4.13 4.73 -2.26
C ILE A 15 -4.47 5.55 -3.51
N LYS A 16 -3.67 6.57 -3.77
CA LYS A 16 -3.83 7.42 -4.95
C LYS A 16 -3.79 6.58 -6.22
N ILE A 17 -2.83 5.66 -6.28
CA ILE A 17 -2.69 4.76 -7.42
C ILE A 17 -3.87 3.78 -7.47
N LEU A 18 -4.24 3.23 -6.32
CA LEU A 18 -5.33 2.27 -6.23
C LEU A 18 -6.63 2.86 -6.78
N LYS A 19 -6.85 4.15 -6.53
CA LYS A 19 -8.01 4.85 -7.06
C LYS A 19 -8.06 4.77 -8.58
N GLU A 20 -6.91 4.95 -9.20
CA GLU A 20 -6.83 4.92 -10.65
C GLU A 20 -6.91 3.48 -11.18
N VAL A 21 -6.41 2.54 -10.40
CA VAL A 21 -6.45 1.13 -10.77
C VAL A 21 -7.89 0.66 -10.95
N LEU A 22 -8.76 1.03 -10.01
CA LEU A 22 -10.17 0.64 -10.09
C LEU A 22 -10.83 1.28 -11.32
N LYS A 23 -10.42 2.49 -11.66
CA LYS A 23 -10.89 3.16 -12.87
C LYS A 23 -10.47 2.37 -14.10
N LYS A 24 -9.19 2.01 -14.13
CA LYS A 24 -8.60 1.32 -15.27
C LYS A 24 -9.07 -0.13 -15.35
N ALA A 25 -9.55 -0.66 -14.23
CA ALA A 25 -10.12 -2.00 -14.22
C ALA A 25 -11.46 -2.01 -14.93
N LYS A 26 -12.19 -0.90 -14.84
CA LYS A 26 -13.46 -0.74 -15.55
C LYS A 26 -13.22 -0.54 -17.04
N GLU A 27 -12.08 0.07 -17.36
CA GLU A 27 -11.69 0.30 -18.74
C GLU A 27 -11.13 -0.98 -19.36
N GLY A 28 -10.47 -1.77 -18.55
CA GLY A 28 -9.79 -2.96 -19.06
C GLY A 28 -8.55 -2.59 -19.83
N ASP A 29 -7.83 -1.61 -19.32
CA ASP A 29 -6.64 -1.09 -19.99
C ASP A 29 -5.40 -1.78 -19.45
N GLU A 30 -4.90 -2.76 -20.21
CA GLU A 30 -3.76 -3.56 -19.79
C GLU A 30 -2.51 -2.70 -19.58
N GLN A 31 -2.30 -1.74 -20.46
CA GLN A 31 -1.10 -0.90 -20.41
C GLN A 31 -1.06 -0.13 -19.10
N GLU A 32 -2.16 0.53 -18.78
CA GLU A 32 -2.26 1.31 -17.56
C GLU A 32 -2.33 0.41 -16.34
N LEU A 33 -3.05 -0.70 -16.45
CA LEU A 33 -3.16 -1.66 -15.34
C LEU A 33 -1.78 -2.19 -14.96
N ALA A 34 -0.98 -2.56 -15.95
CA ALA A 34 0.36 -3.05 -15.71
C ALA A 34 1.23 -1.96 -15.11
N ARG A 35 1.13 -0.76 -15.67
CA ARG A 35 1.86 0.40 -15.18
C ARG A 35 1.49 0.70 -13.74
N LEU A 36 0.20 0.75 -13.46
CA LEU A 36 -0.28 1.04 -12.12
C LEU A 36 0.14 -0.03 -11.14
N ASN A 37 0.00 -1.30 -11.54
CA ASN A 37 0.39 -2.42 -10.70
C ASN A 37 1.88 -2.34 -10.37
N GLN A 38 2.67 -1.96 -11.36
CA GLN A 38 4.11 -1.80 -11.19
C GLN A 38 4.44 -0.63 -10.27
N GLU A 39 3.73 0.47 -10.44
CA GLU A 39 3.95 1.65 -9.62
C GLU A 39 3.46 1.44 -8.19
N ILE A 40 2.44 0.62 -8.01
CA ILE A 40 2.02 0.22 -6.67
C ILE A 40 3.18 -0.42 -5.94
N VAL A 41 3.83 -1.38 -6.60
CA VAL A 41 5.01 -2.06 -6.06
C VAL A 41 6.08 -1.05 -5.65
N LYS A 42 6.27 -0.01 -6.47
CA LYS A 42 7.26 1.02 -6.17
C LYS A 42 6.95 1.67 -4.81
N ALA A 43 5.70 2.04 -4.62
CA ALA A 43 5.27 2.74 -3.41
C ALA A 43 5.30 1.82 -2.20
N GLU A 44 4.76 0.61 -2.36
CA GLU A 44 4.71 -0.36 -1.28
C GLU A 44 6.12 -0.69 -0.77
N LYS A 45 7.05 -0.93 -1.71
CA LYS A 45 8.43 -1.24 -1.36
C LYS A 45 9.11 -0.06 -0.69
N GLN A 46 8.80 1.14 -1.17
CA GLN A 46 9.35 2.36 -0.59
C GLN A 46 8.93 2.46 0.88
N GLY A 47 7.65 2.18 1.12
CA GLY A 47 7.13 2.21 2.47
C GLY A 47 7.72 1.12 3.34
N VAL A 48 7.76 -0.11 2.84
CA VAL A 48 8.30 -1.24 3.59
C VAL A 48 9.75 -0.99 3.99
N LYS A 49 10.54 -0.43 3.08
CA LYS A 49 11.95 -0.22 3.32
C LYS A 49 12.17 0.76 4.48
N VAL A 50 11.50 1.90 4.42
CA VAL A 50 11.64 2.91 5.47
C VAL A 50 10.97 2.46 6.77
N TYR A 51 9.87 1.74 6.66
CA TYR A 51 9.16 1.24 7.85
C TYR A 51 10.00 0.25 8.62
N LYS A 52 10.76 -0.58 7.90
CA LYS A 52 11.63 -1.56 8.54
C LYS A 52 12.63 -0.87 9.47
N GLU A 53 13.21 0.22 9.00
CA GLU A 53 14.14 1.00 9.80
C GLU A 53 13.41 1.70 10.94
N ALA A 54 12.23 2.26 10.60
CA ALA A 54 11.41 2.99 11.57
C ALA A 54 10.96 2.07 12.70
N ALA A 55 10.76 0.81 12.40
CA ALA A 55 10.35 -0.18 13.39
C ALA A 55 11.40 -0.32 14.50
N GLU A 56 12.66 -0.15 14.13
CA GLU A 56 13.75 -0.27 15.09
C GLU A 56 14.07 1.09 15.72
N LYS A 57 13.51 2.14 15.14
CA LYS A 57 13.66 3.48 15.68
C LYS A 57 12.35 3.98 16.27
N ALA A 58 11.47 3.03 16.60
CA ALA A 58 10.12 3.37 17.05
C ALA A 58 10.14 4.10 18.38
N ARG A 59 11.16 3.82 19.20
CA ARG A 59 11.41 4.53 20.45
C ARG A 59 10.46 4.06 21.57
N ASN A 60 9.32 3.51 21.20
CA ASN A 60 8.34 3.03 22.17
C ASN A 60 7.65 1.76 21.65
N PRO A 61 7.50 0.75 22.51
CA PRO A 61 6.93 -0.56 22.14
C PRO A 61 5.52 -0.47 21.54
N GLU A 62 4.67 0.41 22.06
CA GLU A 62 3.29 0.49 21.61
C GLU A 62 3.20 1.02 20.18
N LYS A 63 3.96 2.06 19.90
CA LYS A 63 3.99 2.63 18.55
C LYS A 63 4.82 1.75 17.63
N ARG A 64 5.77 1.01 18.21
CA ARG A 64 6.55 0.02 17.46
C ARG A 64 5.62 -1.01 16.84
N GLN A 65 4.65 -1.45 17.63
CA GLN A 65 3.67 -2.43 17.21
C GLN A 65 2.91 -1.93 15.97
N VAL A 66 2.55 -0.65 15.98
CA VAL A 66 1.83 -0.04 14.87
C VAL A 66 2.63 -0.14 13.57
N ILE A 67 3.89 0.25 13.63
CA ILE A 67 4.77 0.22 12.46
C ILE A 67 5.01 -1.22 12.01
N ASP A 68 5.31 -2.09 12.98
CA ASP A 68 5.60 -3.49 12.70
C ASP A 68 4.40 -4.21 12.10
N LYS A 69 3.21 -3.87 12.56
CA LYS A 69 1.98 -4.44 12.04
C LYS A 69 1.80 -4.13 10.55
N ILE A 70 2.02 -2.87 10.19
CA ILE A 70 1.93 -2.45 8.81
C ILE A 70 3.11 -2.99 7.99
N LEU A 71 4.29 -3.03 8.59
CA LEU A 71 5.46 -3.60 7.95
C LEU A 71 5.16 -5.04 7.49
N GLU A 72 4.46 -5.77 8.36
CA GLU A 72 4.02 -7.13 8.04
C GLU A 72 3.00 -7.11 6.89
N ASP A 73 2.03 -6.22 7.00
CA ASP A 73 0.91 -6.18 6.05
C ASP A 73 1.35 -5.68 4.68
N GLU A 74 2.22 -4.70 4.67
CA GLU A 74 2.61 -4.03 3.44
C GLU A 74 3.38 -4.99 2.53
N GLU A 75 4.19 -5.89 3.13
CA GLU A 75 4.84 -6.95 2.36
C GLU A 75 3.81 -7.95 1.84
N LYS A 76 2.76 -8.15 2.63
CA LYS A 76 1.66 -9.05 2.26
C LYS A 76 0.97 -8.55 1.00
N HIS A 77 0.90 -7.23 0.84
CA HIS A 77 0.27 -6.62 -0.32
C HIS A 77 1.09 -6.88 -1.59
N ILE A 78 2.39 -6.64 -1.48
CA ILE A 78 3.30 -6.73 -2.61
C ILE A 78 3.28 -8.12 -3.21
N GLU A 79 3.42 -9.13 -2.35
CA GLU A 79 3.41 -10.52 -2.80
C GLU A 79 2.10 -10.85 -3.51
N TRP A 80 1.01 -10.21 -3.08
CA TRP A 80 -0.29 -10.43 -3.70
C TRP A 80 -0.31 -9.85 -5.12
N HIS A 81 0.12 -8.60 -5.26
CA HIS A 81 0.21 -7.97 -6.58
C HIS A 81 1.19 -8.71 -7.50
N LYS A 82 2.23 -9.28 -6.91
CA LYS A 82 3.18 -10.09 -7.68
C LYS A 82 2.47 -11.31 -8.27
N ALA A 83 1.70 -11.99 -7.45
CA ALA A 83 0.98 -13.19 -7.89
C ALA A 83 -0.13 -12.84 -8.88
N ALA A 84 -0.68 -11.64 -8.73
CA ALA A 84 -1.84 -11.22 -9.52
C ALA A 84 -1.45 -10.84 -10.95
N SER A 85 -0.16 -10.71 -11.23
CA SER A 85 0.30 -10.28 -12.55
C SER A 85 0.23 -11.42 -13.57
N LYS A 86 -0.98 -11.89 -13.84
CA LYS A 86 -1.19 -12.95 -14.81
C LYS A 86 -2.41 -12.65 -15.67
N GLN A 87 -2.43 -13.21 -16.88
CA GLN A 87 -3.50 -12.97 -17.83
C GLN A 87 -4.83 -13.54 -17.34
N GLY A 88 -5.91 -12.83 -17.62
CA GLY A 88 -7.22 -13.24 -17.17
C GLY A 88 -7.69 -12.41 -16.00
N ASN A 89 -6.77 -11.64 -15.43
CA ASN A 89 -7.08 -10.84 -14.26
C ASN A 89 -7.68 -9.49 -14.69
N ALA A 90 -8.99 -9.47 -14.89
CA ALA A 90 -9.70 -8.25 -15.24
C ALA A 90 -10.83 -7.99 -14.26
N GLU A 91 -11.89 -8.80 -14.37
CA GLU A 91 -13.02 -8.71 -13.45
C GLU A 91 -12.55 -8.93 -12.01
N GLN A 92 -11.62 -9.86 -11.86
CA GLN A 92 -11.07 -10.19 -10.54
C GLN A 92 -10.25 -9.03 -10.01
N PHE A 93 -9.51 -8.37 -10.90
CA PHE A 93 -8.62 -7.27 -10.53
C PHE A 93 -9.44 -6.12 -9.94
N ALA A 94 -10.62 -5.89 -10.52
CA ALA A 94 -11.54 -4.87 -10.02
C ALA A 94 -11.96 -5.16 -8.59
N SER A 95 -12.00 -6.43 -8.22
CA SER A 95 -12.34 -6.82 -6.88
C SER A 95 -11.11 -6.80 -5.98
N LEU A 96 -9.97 -7.18 -6.54
CA LEU A 96 -8.72 -7.24 -5.78
C LEU A 96 -8.28 -5.86 -5.33
N VAL A 97 -8.46 -4.87 -6.20
CA VAL A 97 -8.10 -3.50 -5.86
C VAL A 97 -8.92 -3.00 -4.66
N GLN A 98 -10.17 -3.45 -4.59
CA GLN A 98 -11.06 -3.09 -3.47
C GLN A 98 -10.43 -3.50 -2.15
N GLN A 99 -9.89 -4.70 -2.12
CA GLN A 99 -9.34 -5.28 -0.89
C GLN A 99 -8.13 -4.47 -0.40
N HIS A 100 -7.26 -4.11 -1.34
CA HIS A 100 -6.06 -3.34 -1.02
C HIS A 100 -6.44 -1.93 -0.59
N LEU A 101 -7.39 -1.34 -1.31
CA LEU A 101 -7.86 0.02 -1.02
C LEU A 101 -8.44 0.11 0.39
N GLN A 102 -9.32 -0.84 0.72
CA GLN A 102 -9.95 -0.88 2.02
C GLN A 102 -8.93 -1.17 3.10
N ASP A 103 -7.95 -2.01 2.77
CA ASP A 103 -6.91 -2.40 3.70
C ASP A 103 -6.03 -1.20 4.10
N GLU A 104 -5.55 -0.45 3.11
CA GLU A 104 -4.66 0.68 3.37
C GLU A 104 -5.40 1.77 4.13
N GLN A 105 -6.73 1.77 4.03
CA GLN A 105 -7.54 2.67 4.84
C GLN A 105 -7.35 2.37 6.31
N ARG A 106 -7.40 1.09 6.67
CA ARG A 106 -7.14 0.66 8.04
C ARG A 106 -5.70 1.00 8.43
N HIS A 107 -4.79 0.92 7.46
CA HIS A 107 -3.40 1.27 7.69
C HIS A 107 -3.28 2.73 8.13
N VAL A 108 -3.92 3.61 7.37
CA VAL A 108 -3.91 5.03 7.68
C VAL A 108 -4.67 5.32 8.97
N GLU A 109 -5.77 4.59 9.17
CA GLU A 109 -6.54 4.68 10.41
C GLU A 109 -5.68 4.35 11.62
N GLU A 110 -4.74 3.44 11.42
CA GLU A 110 -3.86 3.01 12.50
C GLU A 110 -2.87 4.13 12.89
N ILE A 111 -2.28 4.77 11.89
CA ILE A 111 -1.23 5.77 12.13
C ILE A 111 -1.81 7.19 12.21
N GLU A 112 -2.33 7.64 11.08
CA GLU A 112 -2.66 9.05 10.87
C GLU A 112 -3.79 9.50 11.80
N LYS A 113 -4.98 8.94 11.63
CA LYS A 113 -6.11 9.15 12.54
C LYS A 113 -6.72 10.56 12.44
N LYS A 114 -6.25 11.38 11.51
CA LYS A 114 -6.78 12.73 11.34
C LYS A 114 -7.66 12.78 10.10
N ASN A 115 -7.11 12.33 9.00
CA ASN A 115 -7.81 12.25 7.72
C ASN A 115 -9.03 11.35 7.83
ZN ZN B . -3.14 -4.30 4.74
ZN ZN C . 0.09 -1.48 0.34
ZN ZN D . -0.20 0.32 3.81
N MET A 1 16.51 8.26 9.59
CA MET A 1 16.40 9.70 9.29
C MET A 1 15.53 10.42 10.33
N ASP A 2 14.75 9.63 11.07
CA ASP A 2 13.87 10.16 12.12
C ASP A 2 12.82 11.08 11.50
N GLU A 3 11.85 10.46 10.83
CA GLU A 3 10.83 11.19 10.10
C GLU A 3 9.62 10.30 9.89
N LEU A 4 8.43 10.89 9.87
CA LEU A 4 7.20 10.11 9.78
C LEU A 4 6.41 10.46 8.51
N ARG A 5 6.57 11.68 8.03
CA ARG A 5 5.78 12.17 6.90
C ARG A 5 6.14 11.44 5.60
N GLU A 6 7.42 11.13 5.40
CA GLU A 6 7.85 10.35 4.24
C GLU A 6 7.13 9.00 4.19
N LEU A 7 6.91 8.42 5.37
CA LEU A 7 6.23 7.14 5.48
C LEU A 7 4.74 7.29 5.14
N LEU A 8 4.15 8.36 5.65
CA LEU A 8 2.75 8.65 5.41
C LEU A 8 2.52 8.97 3.93
N LYS A 9 3.46 9.71 3.36
CA LYS A 9 3.39 10.09 1.95
C LYS A 9 3.39 8.87 1.04
N ALA A 10 4.23 7.89 1.35
CA ALA A 10 4.31 6.67 0.55
C ALA A 10 3.02 5.88 0.64
N GLU A 11 2.46 5.80 1.84
CA GLU A 11 1.19 5.12 2.06
C GLU A 11 0.09 5.82 1.26
N GLN A 12 0.09 7.16 1.31
CA GLN A 12 -0.86 7.96 0.55
C GLN A 12 -0.70 7.74 -0.95
N GLN A 13 0.55 7.61 -1.40
CA GLN A 13 0.85 7.38 -2.79
C GLN A 13 0.24 6.08 -3.28
N GLY A 14 0.38 5.02 -2.48
CA GLY A 14 -0.22 3.74 -2.84
C GLY A 14 -1.73 3.84 -2.97
N ILE A 15 -2.36 4.49 -2.01
CA ILE A 15 -3.81 4.69 -2.01
C ILE A 15 -4.26 5.45 -3.27
N LYS A 16 -3.50 6.47 -3.62
CA LYS A 16 -3.83 7.31 -4.77
C LYS A 16 -3.76 6.51 -6.07
N ILE A 17 -2.74 5.66 -6.18
CA ILE A 17 -2.59 4.82 -7.37
C ILE A 17 -3.69 3.75 -7.40
N LEU A 18 -4.10 3.29 -6.23
CA LEU A 18 -5.16 2.29 -6.11
C LEU A 18 -6.45 2.76 -6.79
N LYS A 19 -6.75 4.06 -6.66
CA LYS A 19 -7.94 4.63 -7.28
C LYS A 19 -7.83 4.61 -8.80
N GLU A 20 -6.62 4.84 -9.30
CA GLU A 20 -6.37 4.81 -10.74
C GLU A 20 -6.65 3.44 -11.33
N VAL A 21 -6.32 2.41 -10.56
CA VAL A 21 -6.54 1.04 -10.98
C VAL A 21 -8.02 0.78 -11.21
N LEU A 22 -8.85 1.32 -10.33
CA LEU A 22 -10.30 1.14 -10.41
C LEU A 22 -10.85 1.77 -11.68
N LYS A 23 -10.28 2.92 -12.05
CA LYS A 23 -10.69 3.63 -13.24
C LYS A 23 -10.22 2.91 -14.51
N LYS A 24 -8.95 2.53 -14.52
CA LYS A 24 -8.33 1.92 -15.70
C LYS A 24 -8.82 0.50 -15.93
N ALA A 25 -9.24 -0.17 -14.86
CA ALA A 25 -9.81 -1.50 -14.98
C ALA A 25 -11.15 -1.45 -15.70
N LYS A 26 -11.92 -0.40 -15.44
CA LYS A 26 -13.20 -0.19 -16.09
C LYS A 26 -13.00 0.20 -17.55
N GLU A 27 -11.92 0.95 -17.81
CA GLU A 27 -11.56 1.31 -19.17
C GLU A 27 -11.12 0.07 -19.95
N GLY A 28 -10.53 -0.88 -19.24
CA GLY A 28 -10.21 -2.16 -19.81
C GLY A 28 -8.89 -2.19 -20.54
N ASP A 29 -7.92 -1.44 -20.04
CA ASP A 29 -6.59 -1.45 -20.64
C ASP A 29 -5.59 -2.15 -19.71
N GLU A 30 -4.85 -3.09 -20.26
CA GLU A 30 -3.95 -3.91 -19.48
C GLU A 30 -2.57 -3.28 -19.40
N GLN A 31 -2.24 -2.44 -20.38
CA GLN A 31 -1.00 -1.70 -20.36
C GLN A 31 -0.97 -0.77 -19.15
N GLU A 32 -2.07 -0.06 -18.95
CA GLU A 32 -2.24 0.77 -17.77
C GLU A 32 -2.19 -0.08 -16.50
N LEU A 33 -2.89 -1.21 -16.51
CA LEU A 33 -2.93 -2.09 -15.35
C LEU A 33 -1.54 -2.58 -14.99
N ALA A 34 -0.74 -2.92 -15.99
CA ALA A 34 0.64 -3.36 -15.76
C ALA A 34 1.46 -2.25 -15.13
N ARG A 35 1.34 -1.05 -15.69
CA ARG A 35 2.02 0.12 -15.18
C ARG A 35 1.60 0.41 -13.74
N LEU A 36 0.30 0.43 -13.50
CA LEU A 36 -0.25 0.73 -12.19
C LEU A 36 0.20 -0.31 -11.17
N ASN A 37 0.15 -1.57 -11.57
CA ASN A 37 0.58 -2.68 -10.71
C ASN A 37 2.01 -2.45 -10.25
N GLN A 38 2.89 -2.13 -11.21
CA GLN A 38 4.29 -1.88 -10.93
C GLN A 38 4.47 -0.68 -10.01
N GLU A 39 3.80 0.42 -10.33
CA GLU A 39 3.93 1.64 -9.56
C GLU A 39 3.40 1.48 -8.14
N ILE A 40 2.37 0.65 -7.98
CA ILE A 40 1.87 0.33 -6.65
C ILE A 40 2.95 -0.39 -5.85
N VAL A 41 3.56 -1.41 -6.45
CA VAL A 41 4.63 -2.16 -5.80
C VAL A 41 5.78 -1.24 -5.41
N LYS A 42 6.11 -0.29 -6.28
CA LYS A 42 7.15 0.69 -6.02
C LYS A 42 6.82 1.51 -4.77
N ALA A 43 5.58 1.96 -4.68
CA ALA A 43 5.12 2.77 -3.56
C ALA A 43 5.10 1.96 -2.27
N GLU A 44 4.53 0.76 -2.35
CA GLU A 44 4.43 -0.13 -1.19
C GLU A 44 5.82 -0.45 -0.65
N LYS A 45 6.74 -0.82 -1.54
CA LYS A 45 8.10 -1.16 -1.15
C LYS A 45 8.84 0.04 -0.57
N GLN A 46 8.59 1.22 -1.14
CA GLN A 46 9.19 2.44 -0.64
C GLN A 46 8.76 2.68 0.80
N GLY A 47 7.48 2.42 1.05
CA GLY A 47 6.95 2.54 2.39
C GLY A 47 7.51 1.46 3.31
N VAL A 48 7.48 0.22 2.86
CA VAL A 48 7.99 -0.90 3.65
C VAL A 48 9.43 -0.65 4.12
N LYS A 49 10.26 -0.11 3.23
CA LYS A 49 11.64 0.15 3.57
C LYS A 49 11.77 1.22 4.65
N VAL A 50 11.04 2.33 4.49
CA VAL A 50 11.11 3.40 5.47
C VAL A 50 10.45 3.01 6.78
N TYR A 51 9.41 2.18 6.71
CA TYR A 51 8.78 1.65 7.92
C TYR A 51 9.75 0.75 8.67
N LYS A 52 10.47 -0.08 7.92
CA LYS A 52 11.47 -0.96 8.51
C LYS A 52 12.55 -0.16 9.22
N GLU A 53 12.98 0.94 8.59
CA GLU A 53 13.99 1.82 9.17
C GLU A 53 13.52 2.38 10.51
N ALA A 54 12.28 2.85 10.55
CA ALA A 54 11.72 3.44 11.75
C ALA A 54 11.41 2.39 12.81
N ALA A 55 11.03 1.20 12.38
CA ALA A 55 10.62 0.13 13.28
C ALA A 55 11.75 -0.27 14.23
N GLU A 56 12.94 -0.48 13.69
CA GLU A 56 14.07 -0.93 14.51
C GLU A 56 14.81 0.23 15.15
N LYS A 57 14.25 1.42 15.03
CA LYS A 57 14.87 2.62 15.59
C LYS A 57 13.81 3.52 16.21
N ALA A 58 12.68 2.90 16.58
CA ALA A 58 11.52 3.64 17.09
C ALA A 58 11.78 4.22 18.48
N ARG A 59 11.04 5.28 18.80
CA ARG A 59 11.17 5.94 20.10
C ARG A 59 10.16 5.39 21.10
N ASN A 60 9.30 4.50 20.63
CA ASN A 60 8.26 3.92 21.47
C ASN A 60 7.87 2.53 20.96
N PRO A 61 8.10 1.49 21.78
CA PRO A 61 7.76 0.10 21.42
C PRO A 61 6.29 -0.10 21.07
N GLU A 62 5.40 0.49 21.86
CA GLU A 62 3.96 0.36 21.63
C GLU A 62 3.58 0.93 20.27
N LYS A 63 4.13 2.09 19.93
CA LYS A 63 3.82 2.71 18.65
C LYS A 63 4.52 1.96 17.52
N ARG A 64 5.66 1.33 17.83
CA ARG A 64 6.38 0.52 16.86
C ARG A 64 5.55 -0.70 16.48
N GLN A 65 4.85 -1.28 17.46
CA GLN A 65 4.01 -2.42 17.24
C GLN A 65 2.92 -2.09 16.23
N VAL A 66 2.49 -0.84 16.23
CA VAL A 66 1.61 -0.32 15.20
C VAL A 66 2.27 -0.48 13.83
N ILE A 67 3.52 -0.04 13.76
CA ILE A 67 4.32 -0.13 12.54
C ILE A 67 4.52 -1.59 12.13
N ASP A 68 4.75 -2.46 13.10
CA ASP A 68 4.93 -3.90 12.85
C ASP A 68 3.72 -4.46 12.12
N LYS A 69 2.53 -4.09 12.56
CA LYS A 69 1.30 -4.57 11.95
C LYS A 69 1.18 -4.06 10.50
N ILE A 70 1.45 -2.77 10.30
CA ILE A 70 1.39 -2.17 8.98
C ILE A 70 2.47 -2.76 8.08
N LEU A 71 3.65 -2.97 8.64
CA LEU A 71 4.78 -3.52 7.89
C LEU A 71 4.43 -4.89 7.32
N GLU A 72 3.90 -5.76 8.17
CA GLU A 72 3.54 -7.12 7.75
C GLU A 72 2.37 -7.06 6.76
N ASP A 73 1.39 -6.23 7.07
CA ASP A 73 0.22 -6.06 6.21
C ASP A 73 0.63 -5.52 4.84
N GLU A 74 1.49 -4.51 4.86
CA GLU A 74 1.92 -3.83 3.64
C GLU A 74 2.74 -4.78 2.76
N GLU A 75 3.58 -5.61 3.38
CA GLU A 75 4.33 -6.62 2.64
C GLU A 75 3.37 -7.65 2.03
N LYS A 76 2.29 -7.94 2.73
CA LYS A 76 1.28 -8.87 2.23
C LYS A 76 0.60 -8.30 0.98
N HIS A 77 0.45 -6.98 0.93
CA HIS A 77 -0.10 -6.32 -0.26
C HIS A 77 0.79 -6.60 -1.45
N ILE A 78 2.10 -6.50 -1.23
CA ILE A 78 3.08 -6.73 -2.26
C ILE A 78 3.09 -8.19 -2.68
N GLU A 79 2.90 -9.09 -1.71
CA GLU A 79 2.76 -10.51 -2.00
C GLU A 79 1.63 -10.73 -3.01
N TRP A 80 0.52 -10.01 -2.79
CA TRP A 80 -0.63 -10.11 -3.66
C TRP A 80 -0.35 -9.49 -5.03
N HIS A 81 0.01 -8.21 -5.05
CA HIS A 81 0.16 -7.47 -6.31
C HIS A 81 1.17 -8.10 -7.25
N LYS A 82 2.23 -8.69 -6.72
CA LYS A 82 3.25 -9.29 -7.56
C LYS A 82 2.72 -10.59 -8.18
N ALA A 83 1.98 -11.37 -7.39
CA ALA A 83 1.37 -12.60 -7.88
C ALA A 83 0.22 -12.28 -8.82
N ALA A 84 -0.43 -11.14 -8.58
CA ALA A 84 -1.58 -10.70 -9.35
C ALA A 84 -1.20 -10.30 -10.78
N SER A 85 0.09 -10.20 -11.04
CA SER A 85 0.57 -9.85 -12.38
C SER A 85 0.25 -10.96 -13.38
N LYS A 86 -0.95 -10.90 -13.95
CA LYS A 86 -1.39 -11.87 -14.94
C LYS A 86 -1.77 -11.15 -16.23
N GLN A 87 -2.27 -11.90 -17.21
CA GLN A 87 -2.71 -11.33 -18.46
C GLN A 87 -4.18 -11.67 -18.68
N GLY A 88 -4.95 -10.69 -19.14
CA GLY A 88 -6.35 -10.91 -19.43
C GLY A 88 -7.20 -11.11 -18.19
N ASN A 89 -6.83 -10.45 -17.09
CA ASN A 89 -7.59 -10.54 -15.86
C ASN A 89 -7.65 -9.18 -15.17
N ALA A 90 -8.85 -8.67 -15.00
CA ALA A 90 -9.03 -7.38 -14.33
C ALA A 90 -10.25 -7.40 -13.40
N GLU A 91 -11.17 -8.33 -13.65
CA GLU A 91 -12.42 -8.38 -12.92
C GLU A 91 -12.19 -8.72 -11.46
N GLN A 92 -11.44 -9.78 -11.21
CA GLN A 92 -11.08 -10.18 -9.86
C GLN A 92 -10.09 -9.17 -9.29
N PHE A 93 -9.13 -8.80 -10.12
CA PHE A 93 -8.04 -7.91 -9.74
C PHE A 93 -8.57 -6.59 -9.16
N ALA A 94 -9.44 -5.92 -9.89
CA ALA A 94 -9.98 -4.63 -9.46
C ALA A 94 -10.76 -4.75 -8.16
N SER A 95 -11.55 -5.82 -8.05
CA SER A 95 -12.36 -6.06 -6.86
C SER A 95 -11.46 -6.22 -5.63
N LEU A 96 -10.35 -6.91 -5.82
CA LEU A 96 -9.39 -7.13 -4.75
C LEU A 96 -8.61 -5.84 -4.44
N VAL A 97 -8.37 -5.01 -5.46
CA VAL A 97 -7.74 -3.72 -5.26
C VAL A 97 -8.61 -2.79 -4.41
N GLN A 98 -9.91 -2.89 -4.60
CA GLN A 98 -10.87 -2.10 -3.81
C GLN A 98 -10.73 -2.41 -2.33
N GLN A 99 -10.44 -3.67 -2.02
CA GLN A 99 -10.26 -4.09 -0.64
C GLN A 99 -8.92 -3.60 -0.09
N HIS A 100 -7.93 -3.55 -0.96
CA HIS A 100 -6.62 -2.97 -0.62
C HIS A 100 -6.80 -1.51 -0.24
N LEU A 101 -7.65 -0.82 -1.00
CA LEU A 101 -7.94 0.60 -0.76
C LEU A 101 -8.51 0.81 0.65
N GLN A 102 -9.48 0.00 1.02
CA GLN A 102 -10.09 0.10 2.33
C GLN A 102 -9.10 -0.27 3.43
N ASP A 103 -8.24 -1.24 3.12
CA ASP A 103 -7.20 -1.71 4.03
C ASP A 103 -6.27 -0.58 4.44
N GLU A 104 -5.80 0.18 3.45
CA GLU A 104 -4.83 1.24 3.68
C GLU A 104 -5.43 2.36 4.52
N GLN A 105 -6.76 2.48 4.50
CA GLN A 105 -7.42 3.47 5.34
C GLN A 105 -7.22 3.15 6.81
N ARG A 106 -7.29 1.86 7.14
CA ARG A 106 -7.03 1.40 8.50
C ARG A 106 -5.59 1.72 8.88
N HIS A 107 -4.70 1.61 7.89
CA HIS A 107 -3.30 1.92 8.10
C HIS A 107 -3.16 3.38 8.53
N VAL A 108 -3.79 4.27 7.77
CA VAL A 108 -3.75 5.70 8.04
C VAL A 108 -4.29 6.02 9.45
N GLU A 109 -5.33 5.30 9.86
CA GLU A 109 -5.92 5.52 11.18
C GLU A 109 -4.88 5.32 12.27
N GLU A 110 -4.15 4.22 12.19
CA GLU A 110 -3.11 3.91 13.17
C GLU A 110 -1.91 4.83 13.03
N ILE A 111 -1.55 5.16 11.79
CA ILE A 111 -0.40 6.02 11.53
C ILE A 111 -0.61 7.41 12.14
N GLU A 112 -1.59 8.15 11.62
CA GLU A 112 -1.85 9.50 12.04
C GLU A 112 -3.33 9.76 12.24
N LYS A 113 -3.84 9.35 13.38
CA LYS A 113 -5.22 9.63 13.75
C LYS A 113 -5.37 11.05 14.30
N LYS A 114 -4.28 11.81 14.25
CA LYS A 114 -4.29 13.21 14.66
C LYS A 114 -4.37 14.12 13.43
N ASN A 115 -3.97 13.58 12.28
CA ASN A 115 -3.90 14.34 11.05
C ASN A 115 -5.30 14.71 10.57
ZN ZN B . -3.41 -3.78 4.85
ZN ZN C . -0.42 -1.22 0.52
ZN ZN D . -0.56 0.76 3.90
N MET A 1 10.12 15.70 17.46
CA MET A 1 10.41 14.53 16.63
C MET A 1 9.14 13.99 15.98
N ASP A 2 9.01 14.22 14.69
CA ASP A 2 7.88 13.70 13.93
C ASP A 2 8.30 13.35 12.52
N GLU A 3 8.48 12.09 12.27
CA GLU A 3 8.79 11.61 10.93
C GLU A 3 7.53 11.01 10.31
N LEU A 4 6.49 10.92 11.12
CA LEU A 4 5.24 10.28 10.69
C LEU A 4 4.56 11.08 9.59
N ARG A 5 4.73 12.39 9.61
CA ARG A 5 4.15 13.25 8.59
C ARG A 5 4.65 12.85 7.20
N GLU A 6 5.96 12.72 7.06
CA GLU A 6 6.55 12.28 5.80
C GLU A 6 6.28 10.80 5.55
N LEU A 7 6.25 10.00 6.63
CA LEU A 7 5.97 8.56 6.52
C LEU A 7 4.59 8.29 5.92
N LEU A 8 3.67 9.23 6.14
CA LEU A 8 2.30 9.11 5.64
C LEU A 8 2.26 8.96 4.13
N LYS A 9 3.25 9.54 3.45
CA LYS A 9 3.26 9.61 2.00
C LYS A 9 3.16 8.22 1.36
N ALA A 10 3.76 7.22 2.00
CA ALA A 10 3.77 5.88 1.43
C ALA A 10 2.37 5.30 1.33
N GLU A 11 1.62 5.39 2.42
CA GLU A 11 0.24 4.89 2.46
C GLU A 11 -0.67 5.77 1.61
N GLN A 12 -0.44 7.08 1.68
CA GLN A 12 -1.24 8.02 0.90
C GLN A 12 -1.06 7.78 -0.60
N GLN A 13 0.20 7.61 -1.01
CA GLN A 13 0.53 7.39 -2.41
C GLN A 13 -0.03 6.05 -2.88
N GLY A 14 0.13 5.02 -2.06
CA GLY A 14 -0.38 3.71 -2.41
C GLY A 14 -1.88 3.73 -2.64
N ILE A 15 -2.61 4.37 -1.75
CA ILE A 15 -4.06 4.49 -1.88
C ILE A 15 -4.41 5.32 -3.12
N LYS A 16 -3.64 6.37 -3.37
CA LYS A 16 -3.86 7.23 -4.52
C LYS A 16 -3.78 6.40 -5.81
N ILE A 17 -2.76 5.56 -5.91
CA ILE A 17 -2.56 4.72 -7.08
C ILE A 17 -3.69 3.68 -7.18
N LEU A 18 -4.18 3.22 -6.04
CA LEU A 18 -5.28 2.25 -6.01
C LEU A 18 -6.51 2.81 -6.74
N LYS A 19 -6.78 4.10 -6.57
CA LYS A 19 -7.89 4.74 -7.28
C LYS A 19 -7.64 4.76 -8.78
N GLU A 20 -6.39 5.01 -9.16
CA GLU A 20 -6.00 5.06 -10.57
C GLU A 20 -6.24 3.72 -11.24
N VAL A 21 -5.92 2.67 -10.51
CA VAL A 21 -6.12 1.30 -10.98
C VAL A 21 -7.60 1.03 -11.24
N LEU A 22 -8.44 1.44 -10.30
CA LEU A 22 -9.88 1.25 -10.42
C LEU A 22 -10.42 1.97 -11.65
N LYS A 23 -9.88 3.14 -11.93
CA LYS A 23 -10.28 3.92 -13.09
C LYS A 23 -10.03 3.15 -14.38
N LYS A 24 -8.82 2.61 -14.50
CA LYS A 24 -8.41 1.93 -15.72
C LYS A 24 -9.13 0.60 -15.86
N ALA A 25 -9.35 -0.08 -14.73
CA ALA A 25 -10.05 -1.35 -14.72
C ALA A 25 -11.46 -1.20 -15.27
N LYS A 26 -12.14 -0.14 -14.89
CA LYS A 26 -13.50 0.12 -15.36
C LYS A 26 -13.50 0.55 -16.83
N GLU A 27 -12.36 1.03 -17.31
CA GLU A 27 -12.21 1.36 -18.73
C GLU A 27 -11.89 0.09 -19.53
N GLY A 28 -11.41 -0.92 -18.83
CA GLY A 28 -11.11 -2.19 -19.47
C GLY A 28 -9.81 -2.15 -20.24
N ASP A 29 -8.90 -1.27 -19.85
CA ASP A 29 -7.61 -1.17 -20.53
C ASP A 29 -6.54 -1.88 -19.71
N GLU A 30 -5.84 -2.79 -20.36
CA GLU A 30 -4.87 -3.63 -19.67
C GLU A 30 -3.46 -3.05 -19.76
N GLN A 31 -3.30 -2.04 -20.59
CA GLN A 31 -1.98 -1.45 -20.84
C GLN A 31 -1.49 -0.71 -19.60
N GLU A 32 -2.32 0.19 -19.09
CA GLU A 32 -1.97 0.93 -17.88
C GLU A 32 -1.99 0.02 -16.66
N LEU A 33 -2.95 -0.89 -16.61
CA LEU A 33 -3.15 -1.74 -15.44
C LEU A 33 -1.89 -2.52 -15.06
N ALA A 34 -1.13 -2.97 -16.05
CA ALA A 34 0.11 -3.68 -15.77
C ALA A 34 1.13 -2.76 -15.10
N ARG A 35 1.25 -1.55 -15.65
CA ARG A 35 2.17 -0.56 -15.14
C ARG A 35 1.70 -0.03 -13.78
N LEU A 36 0.40 0.19 -13.64
CA LEU A 36 -0.17 0.67 -12.38
C LEU A 36 0.05 -0.35 -11.28
N ASN A 37 -0.15 -1.61 -11.59
CA ASN A 37 0.11 -2.70 -10.66
C ASN A 37 1.57 -2.69 -10.22
N GLN A 38 2.45 -2.40 -11.16
CA GLN A 38 3.88 -2.31 -10.90
C GLN A 38 4.21 -1.07 -10.06
N GLU A 39 3.49 0.02 -10.33
CA GLU A 39 3.71 1.27 -9.61
C GLU A 39 3.36 1.10 -8.13
N ILE A 40 2.33 0.30 -7.87
CA ILE A 40 1.91 -0.01 -6.49
C ILE A 40 3.05 -0.69 -5.73
N VAL A 41 3.65 -1.69 -6.36
CA VAL A 41 4.75 -2.44 -5.74
C VAL A 41 5.86 -1.51 -5.27
N LYS A 42 6.17 -0.50 -6.09
CA LYS A 42 7.19 0.48 -5.76
C LYS A 42 6.81 1.26 -4.50
N ALA A 43 5.56 1.69 -4.44
CA ALA A 43 5.07 2.52 -3.34
C ALA A 43 5.01 1.73 -2.04
N GLU A 44 4.46 0.52 -2.10
CA GLU A 44 4.33 -0.33 -0.93
C GLU A 44 5.70 -0.62 -0.31
N LYS A 45 6.67 -0.99 -1.15
CA LYS A 45 8.01 -1.30 -0.68
C LYS A 45 8.73 -0.03 -0.21
N GLN A 46 8.40 1.10 -0.82
CA GLN A 46 8.97 2.38 -0.42
C GLN A 46 8.62 2.66 1.04
N GLY A 47 7.37 2.37 1.39
CA GLY A 47 6.95 2.53 2.77
C GLY A 47 7.63 1.52 3.68
N VAL A 48 7.62 0.26 3.27
CA VAL A 48 8.23 -0.82 4.05
C VAL A 48 9.68 -0.53 4.39
N LYS A 49 10.44 -0.15 3.37
CA LYS A 49 11.87 0.12 3.52
C LYS A 49 12.13 1.19 4.58
N VAL A 50 11.41 2.31 4.48
CA VAL A 50 11.59 3.39 5.43
C VAL A 50 11.03 3.01 6.81
N TYR A 51 9.92 2.29 6.82
CA TYR A 51 9.29 1.87 8.06
C TYR A 51 10.20 0.95 8.88
N LYS A 52 10.83 0.00 8.22
CA LYS A 52 11.68 -0.97 8.90
C LYS A 52 12.86 -0.27 9.58
N GLU A 53 13.37 0.76 8.92
CA GLU A 53 14.49 1.54 9.45
C GLU A 53 14.10 2.15 10.79
N ALA A 54 12.94 2.79 10.82
CA ALA A 54 12.44 3.43 12.02
C ALA A 54 11.97 2.41 13.07
N ALA A 55 11.33 1.33 12.62
CA ALA A 55 10.75 0.33 13.50
C ALA A 55 11.79 -0.27 14.45
N GLU A 56 12.95 -0.60 13.91
CA GLU A 56 14.01 -1.22 14.71
C GLU A 56 14.82 -0.15 15.44
N LYS A 57 14.40 1.09 15.32
CA LYS A 57 15.16 2.22 15.82
C LYS A 57 14.39 2.96 16.92
N ALA A 58 13.08 2.79 16.91
CA ALA A 58 12.22 3.44 17.90
C ALA A 58 12.32 2.76 19.25
N ARG A 59 12.25 3.56 20.31
CA ARG A 59 12.36 3.04 21.67
C ARG A 59 10.97 2.75 22.24
N ASN A 60 9.94 3.02 21.46
CA ASN A 60 8.57 2.86 21.91
C ASN A 60 7.97 1.58 21.38
N PRO A 61 7.67 0.63 22.28
CA PRO A 61 7.13 -0.69 21.90
C PRO A 61 5.83 -0.62 21.11
N GLU A 62 4.88 0.18 21.59
CA GLU A 62 3.57 0.28 20.96
C GLU A 62 3.69 1.01 19.63
N LYS A 63 4.53 2.04 19.58
CA LYS A 63 4.77 2.78 18.35
C LYS A 63 5.42 1.88 17.31
N ARG A 64 6.28 0.98 17.77
CA ARG A 64 6.92 0.00 16.90
C ARG A 64 5.88 -1.01 16.39
N GLN A 65 4.98 -1.43 17.28
CA GLN A 65 3.95 -2.40 16.95
C GLN A 65 3.10 -1.91 15.77
N VAL A 66 2.74 -0.64 15.80
CA VAL A 66 1.95 -0.04 14.73
C VAL A 66 2.69 -0.15 13.41
N ILE A 67 3.97 0.21 13.43
CA ILE A 67 4.81 0.17 12.23
C ILE A 67 4.97 -1.28 11.75
N ASP A 68 5.30 -2.18 12.68
CA ASP A 68 5.52 -3.59 12.36
C ASP A 68 4.30 -4.22 11.73
N LYS A 69 3.13 -3.94 12.28
CA LYS A 69 1.88 -4.49 11.79
C LYS A 69 1.62 -4.05 10.34
N ILE A 70 1.83 -2.76 10.08
CA ILE A 70 1.64 -2.21 8.75
C ILE A 70 2.69 -2.74 7.78
N LEU A 71 3.92 -2.81 8.27
CA LEU A 71 5.04 -3.32 7.48
C LEU A 71 4.76 -4.75 7.02
N GLU A 72 4.25 -5.57 7.92
CA GLU A 72 3.93 -6.95 7.63
C GLU A 72 2.82 -7.05 6.59
N ASP A 73 1.80 -6.20 6.74
CA ASP A 73 0.65 -6.20 5.85
C ASP A 73 1.05 -5.73 4.46
N GLU A 74 1.89 -4.70 4.42
CA GLU A 74 2.27 -4.06 3.17
C GLU A 74 2.98 -5.04 2.23
N GLU A 75 3.86 -5.88 2.76
CA GLU A 75 4.51 -6.90 1.95
C GLU A 75 3.50 -7.97 1.52
N LYS A 76 2.53 -8.25 2.40
CA LYS A 76 1.48 -9.21 2.09
C LYS A 76 0.69 -8.78 0.86
N HIS A 77 0.49 -7.47 0.72
CA HIS A 77 -0.18 -6.89 -0.45
C HIS A 77 0.67 -7.11 -1.70
N ILE A 78 1.96 -6.82 -1.55
CA ILE A 78 2.91 -6.92 -2.64
C ILE A 78 2.99 -8.35 -3.18
N GLU A 79 2.89 -9.33 -2.29
CA GLU A 79 2.92 -10.73 -2.68
C GLU A 79 1.84 -11.02 -3.73
N TRP A 80 0.66 -10.43 -3.54
CA TRP A 80 -0.43 -10.61 -4.48
C TRP A 80 -0.15 -9.88 -5.79
N HIS A 81 0.13 -8.58 -5.69
CA HIS A 81 0.38 -7.76 -6.88
C HIS A 81 1.55 -8.28 -7.70
N LYS A 82 2.53 -8.86 -7.04
CA LYS A 82 3.68 -9.45 -7.72
C LYS A 82 3.25 -10.58 -8.66
N ALA A 83 2.35 -11.41 -8.18
CA ALA A 83 1.83 -12.52 -8.98
C ALA A 83 0.94 -12.01 -10.11
N ALA A 84 0.30 -10.87 -9.88
CA ALA A 84 -0.58 -10.26 -10.87
C ALA A 84 0.19 -9.57 -11.99
N SER A 85 1.50 -9.45 -11.83
CA SER A 85 2.34 -8.67 -12.73
C SER A 85 2.62 -9.38 -14.07
N LYS A 86 1.59 -10.00 -14.63
CA LYS A 86 1.69 -10.60 -15.96
C LYS A 86 0.43 -10.32 -16.74
N GLN A 87 0.44 -9.21 -17.48
CA GLN A 87 -0.72 -8.70 -18.23
C GLN A 87 -1.79 -8.20 -17.28
N GLY A 88 -2.28 -6.99 -17.54
CA GLY A 88 -3.31 -6.41 -16.70
C GLY A 88 -4.64 -7.12 -16.83
N ASN A 89 -5.33 -7.27 -15.71
CA ASN A 89 -6.65 -7.86 -15.71
C ASN A 89 -7.65 -6.80 -15.25
N ALA A 90 -8.89 -6.88 -15.69
CA ALA A 90 -9.88 -5.88 -15.36
C ALA A 90 -10.91 -6.41 -14.36
N GLU A 91 -11.72 -7.36 -14.81
CA GLU A 91 -12.88 -7.80 -14.05
C GLU A 91 -12.51 -8.46 -12.70
N GLN A 92 -11.57 -9.40 -12.72
CA GLN A 92 -11.12 -10.04 -11.47
C GLN A 92 -10.30 -9.07 -10.65
N PHE A 93 -9.34 -8.44 -11.31
CA PHE A 93 -8.34 -7.61 -10.67
C PHE A 93 -8.95 -6.42 -9.91
N ALA A 94 -10.00 -5.84 -10.48
CA ALA A 94 -10.65 -4.67 -9.89
C ALA A 94 -11.14 -4.97 -8.47
N SER A 95 -11.71 -6.15 -8.27
CA SER A 95 -12.27 -6.51 -6.97
C SER A 95 -11.16 -6.69 -5.93
N LEU A 96 -10.00 -7.12 -6.39
CA LEU A 96 -8.86 -7.33 -5.49
C LEU A 96 -8.27 -6.00 -5.02
N VAL A 97 -8.26 -5.03 -5.93
CA VAL A 97 -7.75 -3.70 -5.60
C VAL A 97 -8.61 -3.03 -4.53
N GLN A 98 -9.91 -3.28 -4.59
CA GLN A 98 -10.85 -2.75 -3.62
C GLN A 98 -10.53 -3.29 -2.22
N GLN A 99 -10.17 -4.56 -2.15
CA GLN A 99 -9.80 -5.20 -0.91
C GLN A 99 -8.56 -4.55 -0.32
N HIS A 100 -7.59 -4.26 -1.21
CA HIS A 100 -6.36 -3.60 -0.82
C HIS A 100 -6.66 -2.23 -0.20
N LEU A 101 -7.57 -1.50 -0.83
CA LEU A 101 -7.93 -0.16 -0.38
C LEU A 101 -8.58 -0.21 1.01
N GLN A 102 -9.48 -1.17 1.21
CA GLN A 102 -10.13 -1.34 2.50
C GLN A 102 -9.11 -1.65 3.59
N ASP A 103 -8.10 -2.40 3.20
CA ASP A 103 -7.03 -2.83 4.11
C ASP A 103 -6.18 -1.64 4.55
N GLU A 104 -5.78 -0.81 3.60
CA GLU A 104 -4.92 0.35 3.88
C GLU A 104 -5.63 1.36 4.77
N GLN A 105 -6.96 1.42 4.67
CA GLN A 105 -7.74 2.36 5.47
C GLN A 105 -7.55 2.08 6.96
N ARG A 106 -7.43 0.80 7.30
CA ARG A 106 -7.18 0.38 8.67
C ARG A 106 -5.83 0.90 9.16
N HIS A 107 -4.84 0.83 8.26
CA HIS A 107 -3.50 1.34 8.56
C HIS A 107 -3.56 2.83 8.87
N VAL A 108 -4.21 3.57 7.99
CA VAL A 108 -4.31 5.01 8.12
C VAL A 108 -4.99 5.42 9.43
N GLU A 109 -6.04 4.70 9.82
CA GLU A 109 -6.77 5.01 11.03
C GLU A 109 -5.88 4.89 12.27
N GLU A 110 -5.00 3.89 12.27
CA GLU A 110 -4.06 3.71 13.36
C GLU A 110 -2.97 4.78 13.37
N ILE A 111 -2.63 5.30 12.19
CA ILE A 111 -1.56 6.28 12.08
C ILE A 111 -2.07 7.71 12.32
N GLU A 112 -2.95 8.18 11.43
CA GLU A 112 -3.36 9.58 11.41
C GLU A 112 -4.37 9.92 12.50
N LYS A 113 -4.14 9.42 13.70
CA LYS A 113 -4.97 9.79 14.83
C LYS A 113 -4.22 10.73 15.77
N LYS A 114 -2.89 10.65 15.74
CA LYS A 114 -2.04 11.59 16.48
C LYS A 114 -1.38 12.56 15.52
N ASN A 115 -1.59 12.33 14.23
CA ASN A 115 -1.07 13.21 13.21
C ASN A 115 -2.21 13.74 12.37
ZN ZN B . -3.45 -5.37 4.84
ZN ZN C . -0.50 -1.92 0.74
ZN ZN D . -0.68 0.19 4.25
N MET A 1 13.25 13.84 6.02
CA MET A 1 12.93 15.13 6.68
C MET A 1 12.19 14.89 7.99
N ASP A 2 11.07 14.18 7.92
CA ASP A 2 10.24 13.94 9.10
C ASP A 2 9.57 12.58 9.02
N GLU A 3 9.58 11.85 10.14
CA GLU A 3 9.02 10.51 10.20
C GLU A 3 7.60 10.48 9.66
N LEU A 4 6.76 11.38 10.17
CA LEU A 4 5.34 11.38 9.86
C LEU A 4 5.10 11.58 8.36
N ARG A 5 5.77 12.56 7.77
CA ARG A 5 5.57 12.88 6.36
C ARG A 5 6.04 11.76 5.46
N GLU A 6 7.21 11.19 5.77
CA GLU A 6 7.77 10.12 4.97
C GLU A 6 6.93 8.85 5.09
N LEU A 7 6.46 8.54 6.29
CA LEU A 7 5.67 7.32 6.52
C LEU A 7 4.27 7.45 5.93
N LEU A 8 3.63 8.59 6.14
CA LEU A 8 2.24 8.79 5.75
C LEU A 8 2.12 8.90 4.23
N LYS A 9 3.05 9.62 3.60
CA LYS A 9 3.02 9.84 2.16
C LYS A 9 3.12 8.53 1.39
N ALA A 10 3.85 7.57 1.95
CA ALA A 10 4.01 6.26 1.33
C ALA A 10 2.65 5.59 1.10
N GLU A 11 1.81 5.62 2.14
CA GLU A 11 0.47 5.06 2.05
C GLU A 11 -0.37 5.82 1.04
N GLN A 12 -0.32 7.14 1.12
CA GLN A 12 -1.09 7.99 0.23
C GLN A 12 -0.67 7.82 -1.22
N GLN A 13 0.63 7.56 -1.43
CA GLN A 13 1.13 7.29 -2.77
C GLN A 13 0.54 6.01 -3.30
N GLY A 14 0.51 4.98 -2.47
CA GLY A 14 -0.13 3.73 -2.84
C GLY A 14 -1.61 3.92 -3.10
N ILE A 15 -2.28 4.62 -2.19
CA ILE A 15 -3.70 4.91 -2.31
C ILE A 15 -3.99 5.71 -3.57
N LYS A 16 -3.16 6.71 -3.83
CA LYS A 16 -3.29 7.56 -5.01
C LYS A 16 -3.32 6.71 -6.28
N ILE A 17 -2.38 5.76 -6.37
CA ILE A 17 -2.32 4.88 -7.53
C ILE A 17 -3.51 3.93 -7.55
N LEU A 18 -3.86 3.38 -6.38
CA LEU A 18 -4.99 2.46 -6.27
C LEU A 18 -6.28 3.09 -6.76
N LYS A 19 -6.46 4.37 -6.45
CA LYS A 19 -7.64 5.11 -6.88
C LYS A 19 -7.64 5.31 -8.40
N GLU A 20 -6.45 5.47 -8.98
CA GLU A 20 -6.32 5.57 -10.43
C GLU A 20 -6.63 4.23 -11.09
N VAL A 21 -6.23 3.15 -10.41
CA VAL A 21 -6.48 1.80 -10.88
C VAL A 21 -7.97 1.54 -11.03
N LEU A 22 -8.76 2.08 -10.12
CA LEU A 22 -10.20 1.87 -10.11
C LEU A 22 -10.84 2.25 -11.45
N LYS A 23 -10.46 3.42 -11.99
CA LYS A 23 -11.00 3.86 -13.27
C LYS A 23 -10.45 2.99 -14.40
N LYS A 24 -9.16 2.70 -14.34
CA LYS A 24 -8.49 1.96 -15.41
C LYS A 24 -8.89 0.49 -15.41
N ALA A 25 -9.40 0.01 -14.29
CA ALA A 25 -9.97 -1.32 -14.21
C ALA A 25 -11.30 -1.34 -14.95
N LYS A 26 -12.03 -0.24 -14.87
CA LYS A 26 -13.28 -0.08 -15.59
C LYS A 26 -13.02 0.07 -17.08
N GLU A 27 -11.85 0.61 -17.42
CA GLU A 27 -11.43 0.72 -18.80
C GLU A 27 -11.25 -0.67 -19.38
N GLY A 28 -10.69 -1.57 -18.59
CA GLY A 28 -10.53 -2.95 -19.00
C GLY A 28 -9.32 -3.16 -19.88
N ASP A 29 -8.27 -2.39 -19.65
CA ASP A 29 -7.05 -2.55 -20.42
C ASP A 29 -5.98 -3.24 -19.58
N GLU A 30 -5.53 -4.38 -20.06
CA GLU A 30 -4.61 -5.23 -19.33
C GLU A 30 -3.19 -4.68 -19.41
N GLN A 31 -2.87 -4.03 -20.53
CA GLN A 31 -1.56 -3.42 -20.72
C GLN A 31 -1.41 -2.23 -19.78
N GLU A 32 -2.49 -1.48 -19.63
CA GLU A 32 -2.57 -0.38 -18.69
C GLU A 32 -2.38 -0.90 -17.26
N LEU A 33 -3.11 -1.97 -16.95
CA LEU A 33 -3.07 -2.59 -15.62
C LEU A 33 -1.65 -3.03 -15.24
N ALA A 34 -0.94 -3.62 -16.18
CA ALA A 34 0.42 -4.11 -15.94
C ALA A 34 1.35 -2.96 -15.58
N ARG A 35 1.19 -1.83 -16.26
CA ARG A 35 2.00 -0.66 -16.01
C ARG A 35 1.73 -0.11 -14.61
N LEU A 36 0.45 -0.12 -14.24
CA LEU A 36 0.02 0.39 -12.94
C LEU A 36 0.60 -0.43 -11.80
N ASN A 37 0.54 -1.75 -11.95
CA ASN A 37 1.00 -2.68 -10.91
C ASN A 37 2.45 -2.40 -10.55
N GLN A 38 3.28 -2.16 -11.58
CA GLN A 38 4.69 -1.89 -11.40
C GLN A 38 4.88 -0.70 -10.46
N GLU A 39 4.16 0.38 -10.72
CA GLU A 39 4.28 1.60 -9.93
C GLU A 39 3.80 1.38 -8.49
N ILE A 40 2.83 0.49 -8.32
CA ILE A 40 2.30 0.17 -7.00
C ILE A 40 3.36 -0.52 -6.16
N VAL A 41 4.03 -1.50 -6.74
CA VAL A 41 5.08 -2.23 -6.05
C VAL A 41 6.18 -1.27 -5.59
N LYS A 42 6.51 -0.31 -6.45
CA LYS A 42 7.52 0.69 -6.14
C LYS A 42 7.11 1.51 -4.92
N ALA A 43 5.83 1.88 -4.87
CA ALA A 43 5.31 2.70 -3.79
C ALA A 43 5.26 1.92 -2.48
N GLU A 44 4.75 0.69 -2.54
CA GLU A 44 4.64 -0.16 -1.36
C GLU A 44 6.02 -0.43 -0.76
N LYS A 45 7.00 -0.74 -1.61
CA LYS A 45 8.36 -1.00 -1.15
C LYS A 45 9.02 0.26 -0.60
N GLN A 46 8.66 1.41 -1.15
CA GLN A 46 9.12 2.69 -0.63
C GLN A 46 8.64 2.83 0.81
N GLY A 47 7.38 2.46 1.03
CA GLY A 47 6.84 2.44 2.37
C GLY A 47 7.57 1.48 3.27
N VAL A 48 7.79 0.26 2.78
CA VAL A 48 8.49 -0.77 3.55
C VAL A 48 9.85 -0.27 4.05
N LYS A 49 10.57 0.45 3.18
CA LYS A 49 11.88 0.97 3.53
C LYS A 49 11.78 1.91 4.73
N VAL A 50 10.89 2.89 4.66
CA VAL A 50 10.74 3.86 5.71
C VAL A 50 10.12 3.25 6.97
N TYR A 51 9.28 2.23 6.78
CA TYR A 51 8.65 1.55 7.91
C TYR A 51 9.67 0.74 8.69
N LYS A 52 10.60 0.11 8.01
CA LYS A 52 11.67 -0.62 8.69
C LYS A 52 12.60 0.37 9.39
N GLU A 53 12.85 1.50 8.73
CA GLU A 53 13.64 2.57 9.31
C GLU A 53 12.96 3.12 10.55
N ALA A 54 11.63 3.21 10.50
CA ALA A 54 10.84 3.66 11.64
C ALA A 54 10.81 2.61 12.74
N ALA A 55 10.65 1.35 12.35
CA ALA A 55 10.58 0.24 13.30
C ALA A 55 11.87 0.13 14.10
N GLU A 56 13.01 0.34 13.44
CA GLU A 56 14.30 0.30 14.10
C GLU A 56 14.62 1.62 14.80
N LYS A 57 13.70 2.57 14.69
CA LYS A 57 13.85 3.87 15.33
C LYS A 57 12.75 4.06 16.37
N ALA A 58 11.96 3.01 16.55
CA ALA A 58 10.79 3.09 17.42
C ALA A 58 11.18 3.18 18.89
N ARG A 59 10.36 3.87 19.66
CA ARG A 59 10.58 4.01 21.09
C ARG A 59 9.54 3.20 21.84
N ASN A 60 10.00 2.21 22.61
CA ASN A 60 9.14 1.28 23.33
C ASN A 60 8.49 0.28 22.37
N PRO A 61 8.43 -1.00 22.77
CA PRO A 61 7.93 -2.09 21.93
C PRO A 61 6.51 -1.86 21.42
N GLU A 62 5.71 -1.17 22.21
CA GLU A 62 4.31 -0.92 21.87
C GLU A 62 4.19 -0.11 20.57
N LYS A 63 5.04 0.91 20.45
CA LYS A 63 5.00 1.77 19.27
C LYS A 63 5.50 1.01 18.05
N ARG A 64 6.49 0.14 18.26
CA ARG A 64 7.01 -0.68 17.19
C ARG A 64 5.95 -1.67 16.71
N GLN A 65 5.18 -2.20 17.64
CA GLN A 65 4.12 -3.15 17.35
C GLN A 65 3.14 -2.57 16.32
N VAL A 66 2.81 -1.30 16.49
CA VAL A 66 1.94 -0.60 15.57
C VAL A 66 2.54 -0.54 14.16
N ILE A 67 3.78 -0.10 14.08
CA ILE A 67 4.48 0.01 12.79
C ILE A 67 4.73 -1.37 12.18
N ASP A 68 5.06 -2.33 13.04
CA ASP A 68 5.33 -3.71 12.63
C ASP A 68 4.13 -4.29 11.88
N LYS A 69 2.94 -4.06 12.42
CA LYS A 69 1.71 -4.54 11.79
C LYS A 69 1.57 -3.96 10.38
N ILE A 70 1.86 -2.67 10.25
CA ILE A 70 1.75 -1.99 8.96
C ILE A 70 2.76 -2.57 7.97
N LEU A 71 3.99 -2.76 8.42
CA LEU A 71 5.04 -3.30 7.57
C LEU A 71 4.68 -4.70 7.09
N GLU A 72 4.25 -5.54 8.02
CA GLU A 72 3.84 -6.90 7.68
C GLU A 72 2.65 -6.90 6.73
N ASP A 73 1.77 -5.93 6.92
CA ASP A 73 0.58 -5.79 6.08
C ASP A 73 0.98 -5.44 4.64
N GLU A 74 1.90 -4.49 4.50
CA GLU A 74 2.32 -4.03 3.18
C GLU A 74 2.95 -5.16 2.37
N GLU A 75 3.73 -6.01 3.02
CA GLU A 75 4.34 -7.15 2.33
C GLU A 75 3.27 -8.09 1.78
N LYS A 76 2.19 -8.23 2.52
CA LYS A 76 1.06 -9.04 2.07
C LYS A 76 0.39 -8.40 0.86
N HIS A 77 0.39 -7.07 0.83
CA HIS A 77 -0.18 -6.32 -0.29
C HIS A 77 0.65 -6.57 -1.55
N ILE A 78 1.96 -6.43 -1.40
CA ILE A 78 2.90 -6.61 -2.50
C ILE A 78 2.85 -8.03 -3.03
N GLU A 79 2.71 -8.98 -2.10
CA GLU A 79 2.64 -10.40 -2.45
C GLU A 79 1.50 -10.65 -3.43
N TRP A 80 0.36 -9.98 -3.21
CA TRP A 80 -0.77 -10.06 -4.11
C TRP A 80 -0.41 -9.47 -5.47
N HIS A 81 0.11 -8.25 -5.47
CA HIS A 81 0.41 -7.54 -6.69
C HIS A 81 1.37 -8.32 -7.60
N LYS A 82 2.29 -9.08 -7.01
CA LYS A 82 3.20 -9.91 -7.79
C LYS A 82 2.43 -10.94 -8.59
N ALA A 83 1.51 -11.63 -7.91
CA ALA A 83 0.72 -12.70 -8.51
C ALA A 83 -0.31 -12.15 -9.50
N ALA A 84 -0.79 -10.95 -9.19
CA ALA A 84 -1.87 -10.33 -9.94
C ALA A 84 -1.53 -10.16 -11.43
N SER A 85 -0.39 -9.57 -11.73
CA SER A 85 -0.07 -9.25 -13.11
C SER A 85 0.87 -10.26 -13.76
N LYS A 86 0.43 -11.51 -13.81
CA LYS A 86 1.03 -12.47 -14.74
C LYS A 86 0.62 -12.04 -16.14
N GLN A 87 -0.67 -11.78 -16.26
CA GLN A 87 -1.24 -11.13 -17.43
C GLN A 87 -2.20 -10.06 -16.95
N GLY A 88 -3.32 -10.50 -16.42
CA GLY A 88 -4.32 -9.61 -15.87
C GLY A 88 -5.59 -10.36 -15.57
N ASN A 89 -6.13 -10.17 -14.37
CA ASN A 89 -7.36 -10.86 -13.97
C ASN A 89 -8.54 -9.90 -13.87
N ALA A 90 -8.31 -8.67 -14.34
CA ALA A 90 -9.34 -7.62 -14.39
C ALA A 90 -10.16 -7.51 -13.11
N GLU A 91 -11.31 -8.19 -13.08
CA GLU A 91 -12.25 -8.07 -11.97
C GLU A 91 -11.68 -8.63 -10.68
N GLN A 92 -10.99 -9.77 -10.78
CA GLN A 92 -10.39 -10.41 -9.62
C GLN A 92 -9.34 -9.50 -9.00
N PHE A 93 -8.66 -8.78 -9.87
CA PHE A 93 -7.65 -7.82 -9.46
C PHE A 93 -8.29 -6.61 -8.81
N ALA A 94 -9.28 -6.04 -9.50
CA ALA A 94 -9.97 -4.83 -9.03
C ALA A 94 -10.62 -5.05 -7.66
N SER A 95 -11.28 -6.19 -7.50
CA SER A 95 -11.97 -6.51 -6.26
C SER A 95 -10.98 -6.54 -5.09
N LEU A 96 -9.83 -7.15 -5.30
CA LEU A 96 -8.80 -7.24 -4.28
C LEU A 96 -8.11 -5.90 -4.08
N VAL A 97 -8.00 -5.10 -5.15
CA VAL A 97 -7.44 -3.75 -5.05
C VAL A 97 -8.31 -2.89 -4.13
N GLN A 98 -9.62 -3.09 -4.21
CA GLN A 98 -10.56 -2.39 -3.32
C GLN A 98 -10.23 -2.69 -1.86
N GLN A 99 -9.86 -3.93 -1.58
CA GLN A 99 -9.50 -4.33 -0.23
C GLN A 99 -8.21 -3.65 0.20
N HIS A 100 -7.25 -3.59 -0.72
CA HIS A 100 -5.97 -2.91 -0.49
C HIS A 100 -6.24 -1.43 -0.20
N LEU A 101 -7.14 -0.84 -0.98
CA LEU A 101 -7.50 0.57 -0.83
C LEU A 101 -8.04 0.84 0.57
N GLN A 102 -8.98 0.00 1.02
CA GLN A 102 -9.56 0.14 2.35
C GLN A 102 -8.50 -0.11 3.42
N ASP A 103 -7.65 -1.09 3.15
CA ASP A 103 -6.60 -1.50 4.07
C ASP A 103 -5.67 -0.33 4.39
N GLU A 104 -5.21 0.36 3.36
CA GLU A 104 -4.29 1.47 3.53
C GLU A 104 -4.96 2.65 4.22
N GLN A 105 -6.25 2.83 3.98
CA GLN A 105 -7.00 3.92 4.62
C GLN A 105 -6.99 3.76 6.13
N ARG A 106 -7.16 2.52 6.59
CA ARG A 106 -7.15 2.21 8.01
C ARG A 106 -5.75 2.44 8.59
N HIS A 107 -4.73 2.21 7.78
CA HIS A 107 -3.35 2.50 8.18
C HIS A 107 -3.17 4.00 8.41
N VAL A 108 -3.67 4.80 7.47
CA VAL A 108 -3.61 6.26 7.59
C VAL A 108 -4.38 6.74 8.81
N GLU A 109 -5.55 6.15 9.04
CA GLU A 109 -6.40 6.49 10.18
C GLU A 109 -5.66 6.26 11.51
N GLU A 110 -4.81 5.25 11.53
CA GLU A 110 -4.02 4.96 12.73
C GLU A 110 -2.97 6.05 12.96
N ILE A 111 -2.25 6.40 11.91
CA ILE A 111 -1.15 7.36 12.02
C ILE A 111 -1.67 8.79 12.22
N GLU A 112 -2.64 9.18 11.39
CA GLU A 112 -3.18 10.53 11.44
C GLU A 112 -4.18 10.70 12.57
N LYS A 113 -5.01 9.67 12.77
CA LYS A 113 -6.05 9.62 13.81
C LYS A 113 -6.90 10.89 13.86
N LYS A 114 -6.95 11.62 12.74
CA LYS A 114 -7.76 12.82 12.61
C LYS A 114 -7.63 13.41 11.21
N ASN A 115 -7.60 12.53 10.22
CA ASN A 115 -7.46 12.95 8.83
C ASN A 115 -7.96 11.86 7.90
ZN ZN B . -3.28 -4.21 5.09
ZN ZN C . 0.14 -1.37 0.83
ZN ZN D . -0.41 0.69 4.35
N MET A 1 0.02 11.83 17.95
CA MET A 1 -0.84 11.73 16.74
C MET A 1 0.01 12.02 15.51
N ASP A 2 0.79 13.08 15.59
CA ASP A 2 1.72 13.45 14.53
C ASP A 2 3.10 12.89 14.85
N GLU A 3 3.27 11.60 14.62
CA GLU A 3 4.53 10.93 14.91
C GLU A 3 5.57 11.23 13.82
N LEU A 4 5.32 10.72 12.63
CA LEU A 4 6.25 10.91 11.53
C LEU A 4 5.49 11.28 10.26
N ARG A 5 5.69 12.50 9.80
CA ARG A 5 4.97 13.07 8.66
C ARG A 5 5.28 12.31 7.37
N GLU A 6 6.55 12.04 7.15
CA GLU A 6 7.02 11.42 5.91
C GLU A 6 6.40 10.05 5.69
N LEU A 7 6.18 9.31 6.77
CA LEU A 7 5.61 7.97 6.70
C LEU A 7 4.17 8.00 6.17
N LEU A 8 3.48 9.10 6.41
CA LEU A 8 2.10 9.27 5.96
C LEU A 8 2.00 9.16 4.43
N LYS A 9 3.02 9.67 3.75
CA LYS A 9 3.01 9.75 2.30
C LYS A 9 2.95 8.36 1.65
N ALA A 10 3.58 7.37 2.27
CA ALA A 10 3.67 6.05 1.66
C ALA A 10 2.29 5.41 1.50
N GLU A 11 1.50 5.42 2.57
CA GLU A 11 0.16 4.85 2.52
C GLU A 11 -0.76 5.71 1.66
N GLN A 12 -0.67 7.03 1.85
CA GLN A 12 -1.48 7.97 1.09
C GLN A 12 -1.24 7.82 -0.41
N GLN A 13 0.02 7.66 -0.79
CA GLN A 13 0.39 7.54 -2.19
C GLN A 13 -0.11 6.22 -2.77
N GLY A 14 0.05 5.15 -2.01
CA GLY A 14 -0.42 3.85 -2.45
C GLY A 14 -1.90 3.85 -2.71
N ILE A 15 -2.67 4.41 -1.79
CA ILE A 15 -4.12 4.53 -1.94
C ILE A 15 -4.47 5.36 -3.17
N LYS A 16 -3.70 6.41 -3.40
CA LYS A 16 -3.96 7.32 -4.51
C LYS A 16 -3.77 6.60 -5.85
N ILE A 17 -2.73 5.78 -5.94
CA ILE A 17 -2.46 5.01 -7.15
C ILE A 17 -3.53 3.93 -7.34
N LEU A 18 -3.98 3.34 -6.23
CA LEU A 18 -5.02 2.32 -6.26
C LEU A 18 -6.29 2.85 -6.93
N LYS A 19 -6.59 4.12 -6.68
CA LYS A 19 -7.77 4.76 -7.26
C LYS A 19 -7.69 4.80 -8.79
N GLU A 20 -6.48 5.02 -9.31
CA GLU A 20 -6.28 5.06 -10.75
C GLU A 20 -6.52 3.67 -11.36
N VAL A 21 -6.17 2.64 -10.61
CA VAL A 21 -6.36 1.26 -11.03
C VAL A 21 -7.83 0.95 -11.19
N LEU A 22 -8.65 1.46 -10.27
CA LEU A 22 -10.09 1.27 -10.33
C LEU A 22 -10.67 1.86 -11.61
N LYS A 23 -10.14 3.01 -12.00
CA LYS A 23 -10.57 3.69 -13.21
C LYS A 23 -10.21 2.87 -14.46
N LYS A 24 -9.05 2.24 -14.41
CA LYS A 24 -8.56 1.45 -15.52
C LYS A 24 -9.15 0.05 -15.53
N ALA A 25 -9.68 -0.38 -14.39
CA ALA A 25 -10.30 -1.68 -14.27
C ALA A 25 -11.59 -1.74 -15.09
N LYS A 26 -12.35 -0.65 -15.08
CA LYS A 26 -13.58 -0.58 -15.86
C LYS A 26 -13.27 -0.47 -17.35
N GLU A 27 -12.11 0.11 -17.67
CA GLU A 27 -11.65 0.19 -19.05
C GLU A 27 -11.21 -1.18 -19.53
N GLY A 28 -10.65 -1.96 -18.61
CA GLY A 28 -10.35 -3.34 -18.89
C GLY A 28 -9.19 -3.53 -19.84
N ASP A 29 -8.11 -2.80 -19.63
CA ASP A 29 -6.89 -3.00 -20.42
C ASP A 29 -5.71 -3.22 -19.50
N GLU A 30 -4.95 -4.27 -19.77
CA GLU A 30 -3.85 -4.66 -18.90
C GLU A 30 -2.61 -3.81 -19.15
N GLN A 31 -2.54 -3.14 -20.30
CA GLN A 31 -1.38 -2.33 -20.63
C GLN A 31 -1.19 -1.24 -19.58
N GLU A 32 -2.27 -0.56 -19.25
CA GLU A 32 -2.24 0.44 -18.18
C GLU A 32 -2.17 -0.22 -16.82
N LEU A 33 -2.98 -1.26 -16.63
CA LEU A 33 -3.09 -1.94 -15.34
C LEU A 33 -1.74 -2.48 -14.86
N ALA A 34 -1.01 -3.11 -15.77
CA ALA A 34 0.28 -3.71 -15.42
C ALA A 34 1.26 -2.64 -14.92
N ARG A 35 1.35 -1.53 -15.64
CA ARG A 35 2.24 -0.45 -15.26
C ARG A 35 1.82 0.17 -13.95
N LEU A 36 0.52 0.42 -13.79
CA LEU A 36 0.00 0.98 -12.55
C LEU A 36 0.31 0.04 -11.38
N ASN A 37 0.13 -1.26 -11.61
CA ASN A 37 0.43 -2.27 -10.62
C ASN A 37 1.91 -2.23 -10.25
N GLN A 38 2.74 -2.04 -11.27
CA GLN A 38 4.18 -1.94 -11.07
C GLN A 38 4.54 -0.72 -10.23
N GLU A 39 3.85 0.39 -10.46
CA GLU A 39 4.05 1.59 -9.67
C GLU A 39 3.66 1.37 -8.22
N ILE A 40 2.60 0.58 -8.01
CA ILE A 40 2.15 0.24 -6.66
C ILE A 40 3.23 -0.54 -5.93
N VAL A 41 3.79 -1.55 -6.60
CA VAL A 41 4.85 -2.37 -6.04
C VAL A 41 6.00 -1.52 -5.52
N LYS A 42 6.52 -0.64 -6.38
CA LYS A 42 7.63 0.22 -6.00
C LYS A 42 7.25 1.19 -4.89
N ALA A 43 6.03 1.72 -4.96
CA ALA A 43 5.56 2.68 -3.97
C ALA A 43 5.44 2.06 -2.59
N GLU A 44 4.84 0.88 -2.53
CA GLU A 44 4.64 0.21 -1.25
C GLU A 44 5.96 -0.28 -0.68
N LYS A 45 6.85 -0.78 -1.53
CA LYS A 45 8.17 -1.23 -1.09
C LYS A 45 9.00 -0.07 -0.58
N GLN A 46 8.82 1.11 -1.17
CA GLN A 46 9.48 2.31 -0.67
C GLN A 46 8.99 2.61 0.74
N GLY A 47 7.70 2.41 0.95
CA GLY A 47 7.13 2.56 2.26
C GLY A 47 7.66 1.51 3.23
N VAL A 48 7.74 0.28 2.77
CA VAL A 48 8.30 -0.81 3.55
C VAL A 48 9.72 -0.48 3.99
N LYS A 49 10.49 0.13 3.10
CA LYS A 49 11.87 0.49 3.39
C LYS A 49 11.94 1.50 4.54
N VAL A 50 11.15 2.57 4.46
CA VAL A 50 11.15 3.59 5.50
C VAL A 50 10.54 3.05 6.80
N TYR A 51 9.56 2.17 6.69
CA TYR A 51 8.97 1.54 7.87
C TYR A 51 9.98 0.64 8.55
N LYS A 52 10.71 -0.14 7.76
CA LYS A 52 11.77 -1.00 8.28
C LYS A 52 12.83 -0.18 9.01
N GLU A 53 13.21 0.94 8.40
CA GLU A 53 14.23 1.81 8.96
C GLU A 53 13.75 2.46 10.25
N ALA A 54 12.55 3.02 10.21
CA ALA A 54 12.00 3.74 11.35
C ALA A 54 11.65 2.81 12.51
N ALA A 55 11.19 1.61 12.19
CA ALA A 55 10.77 0.64 13.21
C ALA A 55 11.95 0.24 14.10
N GLU A 56 13.06 -0.11 13.48
CA GLU A 56 14.23 -0.56 14.22
C GLU A 56 14.91 0.60 14.94
N LYS A 57 14.66 1.81 14.47
CA LYS A 57 15.22 2.99 15.09
C LYS A 57 14.22 3.63 16.06
N ALA A 58 13.05 3.03 16.17
CA ALA A 58 12.01 3.55 17.05
C ALA A 58 12.39 3.35 18.52
N ARG A 59 12.33 4.43 19.27
CA ARG A 59 12.69 4.40 20.69
C ARG A 59 11.54 3.81 21.51
N ASN A 60 10.33 3.88 20.97
CA ASN A 60 9.15 3.35 21.65
C ASN A 60 8.70 2.04 21.00
N PRO A 61 8.73 0.93 21.77
CA PRO A 61 8.36 -0.40 21.27
C PRO A 61 6.89 -0.52 20.87
N GLU A 62 6.02 0.19 21.59
CA GLU A 62 4.58 0.16 21.31
C GLU A 62 4.31 0.66 19.90
N LYS A 63 4.97 1.74 19.52
CA LYS A 63 4.83 2.32 18.20
C LYS A 63 5.47 1.42 17.15
N ARG A 64 6.55 0.75 17.55
CA ARG A 64 7.24 -0.17 16.66
C ARG A 64 6.34 -1.35 16.29
N GLN A 65 5.58 -1.84 17.26
CA GLN A 65 4.64 -2.93 17.04
C GLN A 65 3.61 -2.54 15.98
N VAL A 66 3.16 -1.30 16.05
CA VAL A 66 2.23 -0.76 15.06
C VAL A 66 2.85 -0.77 13.67
N ILE A 67 4.10 -0.31 13.59
CA ILE A 67 4.83 -0.30 12.33
C ILE A 67 5.07 -1.71 11.83
N ASP A 68 5.35 -2.63 12.75
CA ASP A 68 5.57 -4.03 12.43
C ASP A 68 4.30 -4.64 11.82
N LYS A 69 3.16 -4.27 12.38
CA LYS A 69 1.87 -4.72 11.86
C LYS A 69 1.69 -4.29 10.40
N ILE A 70 2.03 -3.03 10.12
CA ILE A 70 1.91 -2.49 8.77
C ILE A 70 2.95 -3.11 7.86
N LEU A 71 4.17 -3.25 8.37
CA LEU A 71 5.28 -3.84 7.62
C LEU A 71 4.91 -5.22 7.11
N GLU A 72 4.37 -6.05 8.00
CA GLU A 72 3.99 -7.42 7.68
C GLU A 72 2.88 -7.44 6.63
N ASP A 73 1.92 -6.53 6.79
CA ASP A 73 0.77 -6.46 5.90
C ASP A 73 1.16 -5.92 4.52
N GLU A 74 2.00 -4.89 4.53
CA GLU A 74 2.30 -4.12 3.34
C GLU A 74 3.00 -4.98 2.27
N GLU A 75 3.95 -5.83 2.69
CA GLU A 75 4.61 -6.74 1.76
C GLU A 75 3.60 -7.73 1.17
N LYS A 76 2.63 -8.14 2.00
CA LYS A 76 1.61 -9.08 1.56
C LYS A 76 0.75 -8.48 0.46
N HIS A 77 0.53 -7.18 0.51
CA HIS A 77 -0.22 -6.47 -0.53
C HIS A 77 0.50 -6.60 -1.86
N ILE A 78 1.79 -6.33 -1.81
CA ILE A 78 2.64 -6.37 -2.99
C ILE A 78 2.64 -7.76 -3.61
N GLU A 79 2.84 -8.76 -2.77
CA GLU A 79 2.81 -10.14 -3.23
C GLU A 79 1.42 -10.51 -3.75
N TRP A 80 0.39 -9.92 -3.14
CA TRP A 80 -0.99 -10.18 -3.52
C TRP A 80 -1.28 -9.64 -4.91
N HIS A 81 -0.90 -8.39 -5.14
CA HIS A 81 -1.07 -7.77 -6.46
C HIS A 81 -0.32 -8.54 -7.54
N LYS A 82 0.85 -9.07 -7.19
CA LYS A 82 1.65 -9.82 -8.14
C LYS A 82 0.97 -11.16 -8.48
N ALA A 83 0.45 -11.82 -7.44
CA ALA A 83 -0.22 -13.11 -7.61
C ALA A 83 -1.57 -12.96 -8.30
N ALA A 84 -2.19 -11.79 -8.15
CA ALA A 84 -3.52 -11.51 -8.66
C ALA A 84 -3.61 -11.74 -10.17
N SER A 85 -2.47 -11.68 -10.85
CA SER A 85 -2.42 -11.82 -12.31
C SER A 85 -2.95 -13.19 -12.76
N LYS A 86 -2.86 -14.18 -11.88
CA LYS A 86 -3.35 -15.53 -12.20
C LYS A 86 -4.68 -15.82 -11.51
N GLN A 87 -5.14 -14.89 -10.69
CA GLN A 87 -6.28 -15.14 -9.83
C GLN A 87 -7.53 -14.41 -10.30
N GLY A 88 -7.40 -13.12 -10.63
CA GLY A 88 -8.57 -12.33 -10.89
C GLY A 88 -8.60 -11.71 -12.28
N ASN A 89 -9.77 -11.73 -12.90
CA ASN A 89 -10.02 -11.02 -14.14
C ASN A 89 -10.22 -9.53 -13.83
N ALA A 90 -10.54 -8.71 -14.83
CA ALA A 90 -10.65 -7.26 -14.67
C ALA A 90 -11.46 -6.85 -13.43
N GLU A 91 -12.73 -7.24 -13.38
CA GLU A 91 -13.60 -6.87 -12.27
C GLU A 91 -13.14 -7.50 -10.96
N GLN A 92 -12.65 -8.73 -11.05
CA GLN A 92 -12.20 -9.47 -9.88
C GLN A 92 -10.94 -8.83 -9.30
N PHE A 93 -10.03 -8.44 -10.18
CA PHE A 93 -8.81 -7.74 -9.80
C PHE A 93 -9.16 -6.41 -9.14
N ALA A 94 -10.13 -5.71 -9.72
CA ALA A 94 -10.63 -4.47 -9.15
C ALA A 94 -11.15 -4.70 -7.73
N SER A 95 -11.78 -5.85 -7.53
CA SER A 95 -12.31 -6.21 -6.22
C SER A 95 -11.18 -6.38 -5.21
N LEU A 96 -10.04 -6.92 -5.67
CA LEU A 96 -8.86 -7.07 -4.82
C LEU A 96 -8.29 -5.70 -4.45
N VAL A 97 -8.39 -4.76 -5.38
CA VAL A 97 -7.97 -3.39 -5.12
C VAL A 97 -8.85 -2.77 -4.05
N GLN A 98 -10.15 -3.06 -4.10
CA GLN A 98 -11.08 -2.56 -3.09
C GLN A 98 -10.75 -3.15 -1.72
N GLN A 99 -10.31 -4.40 -1.72
CA GLN A 99 -9.85 -5.05 -0.51
C GLN A 99 -8.61 -4.34 0.04
N HIS A 100 -7.72 -3.97 -0.87
CA HIS A 100 -6.51 -3.23 -0.53
C HIS A 100 -6.88 -1.90 0.13
N LEU A 101 -7.90 -1.23 -0.43
CA LEU A 101 -8.35 0.07 0.09
C LEU A 101 -8.76 -0.03 1.56
N GLN A 102 -9.58 -1.02 1.87
CA GLN A 102 -10.07 -1.19 3.24
C GLN A 102 -8.93 -1.52 4.18
N ASP A 103 -7.98 -2.29 3.67
CA ASP A 103 -6.83 -2.71 4.43
C ASP A 103 -5.95 -1.50 4.80
N GLU A 104 -5.67 -0.65 3.82
CA GLU A 104 -4.82 0.51 4.05
C GLU A 104 -5.52 1.56 4.90
N GLN A 105 -6.86 1.62 4.79
CA GLN A 105 -7.63 2.56 5.62
C GLN A 105 -7.44 2.23 7.09
N ARG A 106 -7.35 0.93 7.38
CA ARG A 106 -7.08 0.47 8.74
C ARG A 106 -5.68 0.87 9.18
N HIS A 107 -4.72 0.77 8.25
CA HIS A 107 -3.36 1.23 8.51
C HIS A 107 -3.36 2.73 8.81
N VAL A 108 -4.08 3.47 7.99
CA VAL A 108 -4.20 4.92 8.13
C VAL A 108 -4.72 5.30 9.51
N GLU A 109 -5.67 4.55 10.03
CA GLU A 109 -6.24 4.82 11.35
C GLU A 109 -5.19 4.65 12.44
N GLU A 110 -4.30 3.70 12.26
CA GLU A 110 -3.20 3.48 13.20
C GLU A 110 -2.19 4.62 13.11
N ILE A 111 -1.95 5.11 11.89
CA ILE A 111 -0.95 6.14 11.67
C ILE A 111 -1.48 7.54 11.97
N GLU A 112 -2.39 8.02 11.14
CA GLU A 112 -2.87 9.39 11.24
C GLU A 112 -4.27 9.44 11.86
N LYS A 113 -4.33 9.10 13.13
CA LYS A 113 -5.53 9.32 13.92
C LYS A 113 -5.64 10.81 14.24
N LYS A 114 -6.84 11.35 14.09
CA LYS A 114 -7.08 12.80 14.17
C LYS A 114 -6.40 13.51 13.01
N ASN A 115 -7.13 13.64 11.92
CA ASN A 115 -6.60 14.21 10.70
C ASN A 115 -7.70 14.90 9.91
ZN ZN B . -3.23 -5.23 4.92
ZN ZN C . -0.48 -1.68 0.68
ZN ZN D . -0.61 0.00 4.35
N MET A 1 12.82 5.78 8.73
CA MET A 1 13.91 6.78 8.60
C MET A 1 13.96 7.66 9.85
N ASP A 2 13.31 8.80 9.79
CA ASP A 2 13.30 9.73 10.92
C ASP A 2 11.93 10.37 11.07
N GLU A 3 11.60 11.27 10.16
CA GLU A 3 10.33 11.97 10.19
C GLU A 3 9.19 11.07 9.72
N LEU A 4 8.02 11.27 10.31
CA LEU A 4 6.87 10.39 10.07
C LEU A 4 5.99 10.92 8.94
N ARG A 5 5.99 12.24 8.76
CA ARG A 5 5.16 12.86 7.74
C ARG A 5 5.56 12.37 6.35
N GLU A 6 6.85 12.14 6.16
CA GLU A 6 7.36 11.63 4.90
C GLU A 6 6.85 10.21 4.66
N LEU A 7 6.77 9.44 5.74
CA LEU A 7 6.34 8.04 5.67
C LEU A 7 4.85 7.96 5.31
N LEU A 8 4.06 8.84 5.93
CA LEU A 8 2.61 8.85 5.72
C LEU A 8 2.26 9.09 4.26
N LYS A 9 3.06 9.91 3.60
CA LYS A 9 2.82 10.26 2.20
C LYS A 9 2.92 9.04 1.30
N ALA A 10 3.80 8.10 1.65
CA ALA A 10 3.97 6.87 0.88
C ALA A 10 2.66 6.09 0.81
N GLU A 11 1.99 5.98 1.94
CA GLU A 11 0.70 5.28 2.02
C GLU A 11 -0.35 6.03 1.19
N GLN A 12 -0.36 7.35 1.30
CA GLN A 12 -1.30 8.17 0.54
C GLN A 12 -1.05 8.08 -0.96
N GLN A 13 0.22 7.99 -1.34
CA GLN A 13 0.61 7.82 -2.73
C GLN A 13 0.05 6.52 -3.28
N GLY A 14 0.17 5.46 -2.49
CA GLY A 14 -0.40 4.18 -2.87
C GLY A 14 -1.91 4.27 -3.05
N ILE A 15 -2.57 4.91 -2.10
CA ILE A 15 -4.01 5.11 -2.15
C ILE A 15 -4.41 5.86 -3.43
N LYS A 16 -3.66 6.91 -3.75
CA LYS A 16 -3.92 7.72 -4.93
C LYS A 16 -3.83 6.86 -6.20
N ILE A 17 -2.80 6.04 -6.28
CA ILE A 17 -2.60 5.17 -7.44
C ILE A 17 -3.67 4.08 -7.49
N LEU A 18 -4.06 3.59 -6.32
CA LEU A 18 -5.10 2.55 -6.22
C LEU A 18 -6.40 3.00 -6.88
N LYS A 19 -6.75 4.26 -6.70
CA LYS A 19 -7.97 4.81 -7.28
C LYS A 19 -7.88 4.86 -8.80
N GLU A 20 -6.69 5.14 -9.32
CA GLU A 20 -6.47 5.16 -10.76
C GLU A 20 -6.48 3.74 -11.32
N VAL A 21 -5.97 2.80 -10.54
CA VAL A 21 -5.99 1.40 -10.93
C VAL A 21 -7.43 0.89 -11.03
N LEU A 22 -8.27 1.30 -10.08
CA LEU A 22 -9.69 0.96 -10.09
C LEU A 22 -10.33 1.36 -11.42
N LYS A 23 -9.93 2.52 -11.91
CA LYS A 23 -10.43 3.02 -13.18
C LYS A 23 -9.95 2.15 -14.33
N LYS A 24 -8.66 1.84 -14.33
CA LYS A 24 -8.06 1.06 -15.40
C LYS A 24 -8.54 -0.39 -15.40
N ALA A 25 -8.83 -0.91 -14.22
CA ALA A 25 -9.39 -2.26 -14.10
C ALA A 25 -10.82 -2.28 -14.63
N LYS A 26 -11.54 -1.19 -14.40
CA LYS A 26 -12.89 -1.04 -14.89
C LYS A 26 -12.87 -0.84 -16.40
N GLU A 27 -11.87 -0.11 -16.88
CA GLU A 27 -11.69 0.11 -18.31
C GLU A 27 -11.26 -1.17 -19.01
N GLY A 28 -10.41 -1.94 -18.33
CA GLY A 28 -9.94 -3.20 -18.88
C GLY A 28 -8.70 -3.01 -19.72
N ASP A 29 -7.88 -2.02 -19.37
CA ASP A 29 -6.65 -1.75 -20.10
C ASP A 29 -5.46 -2.34 -19.36
N GLU A 30 -4.88 -3.39 -19.90
CA GLU A 30 -3.82 -4.12 -19.22
C GLU A 30 -2.49 -3.38 -19.34
N GLN A 31 -2.37 -2.49 -20.32
CA GLN A 31 -1.12 -1.80 -20.57
C GLN A 31 -0.81 -0.80 -19.45
N GLU A 32 -1.79 0.04 -19.14
CA GLU A 32 -1.63 0.99 -18.05
C GLU A 32 -1.74 0.26 -16.72
N LEU A 33 -2.65 -0.73 -16.65
CA LEU A 33 -2.92 -1.45 -15.42
C LEU A 33 -1.66 -2.14 -14.90
N ALA A 34 -0.93 -2.80 -15.79
CA ALA A 34 0.30 -3.49 -15.41
C ALA A 34 1.33 -2.50 -14.90
N ARG A 35 1.48 -1.40 -15.61
CA ARG A 35 2.38 -0.33 -15.24
C ARG A 35 2.02 0.24 -13.86
N LEU A 36 0.74 0.52 -13.67
CA LEU A 36 0.26 1.03 -12.39
C LEU A 36 0.48 0.02 -11.28
N ASN A 37 0.16 -1.25 -11.57
CA ASN A 37 0.39 -2.34 -10.64
C ASN A 37 1.86 -2.39 -10.24
N GLN A 38 2.73 -2.31 -11.24
CA GLN A 38 4.16 -2.30 -11.05
C GLN A 38 4.60 -1.13 -10.18
N GLU A 39 4.05 0.05 -10.46
CA GLU A 39 4.39 1.25 -9.71
C GLU A 39 3.93 1.14 -8.25
N ILE A 40 2.80 0.48 -8.03
CA ILE A 40 2.30 0.26 -6.68
C ILE A 40 3.28 -0.58 -5.87
N VAL A 41 3.71 -1.70 -6.45
CA VAL A 41 4.67 -2.58 -5.80
C VAL A 41 5.93 -1.81 -5.39
N LYS A 42 6.41 -0.99 -6.31
CA LYS A 42 7.59 -0.18 -6.06
C LYS A 42 7.36 0.82 -4.93
N ALA A 43 6.17 1.42 -4.91
CA ALA A 43 5.82 2.40 -3.89
C ALA A 43 5.67 1.72 -2.52
N GLU A 44 4.94 0.61 -2.50
CA GLU A 44 4.70 -0.13 -1.27
C GLU A 44 6.02 -0.55 -0.61
N LYS A 45 6.93 -1.09 -1.42
CA LYS A 45 8.22 -1.55 -0.89
C LYS A 45 9.10 -0.38 -0.48
N GLN A 46 8.99 0.74 -1.18
CA GLN A 46 9.74 1.94 -0.78
C GLN A 46 9.27 2.39 0.59
N GLY A 47 7.96 2.29 0.79
CA GLY A 47 7.38 2.58 2.10
C GLY A 47 7.87 1.58 3.14
N VAL A 48 7.82 0.30 2.80
CA VAL A 48 8.31 -0.75 3.68
C VAL A 48 9.75 -0.46 4.09
N LYS A 49 10.54 -0.03 3.12
CA LYS A 49 11.95 0.26 3.34
C LYS A 49 12.13 1.33 4.42
N VAL A 50 11.43 2.45 4.27
CA VAL A 50 11.56 3.56 5.21
C VAL A 50 10.92 3.24 6.56
N TYR A 51 9.84 2.45 6.55
CA TYR A 51 9.19 2.04 7.78
C TYR A 51 10.06 1.07 8.57
N LYS A 52 10.53 0.02 7.90
CA LYS A 52 11.38 -1.00 8.53
C LYS A 52 12.62 -0.35 9.11
N GLU A 53 13.13 0.67 8.41
CA GLU A 53 14.28 1.45 8.87
C GLU A 53 13.99 2.05 10.24
N ALA A 54 12.83 2.70 10.38
CA ALA A 54 12.46 3.35 11.62
C ALA A 54 12.06 2.34 12.70
N ALA A 55 11.42 1.25 12.28
CA ALA A 55 10.84 0.27 13.20
C ALA A 55 11.88 -0.29 14.17
N GLU A 56 13.04 -0.66 13.66
CA GLU A 56 14.06 -1.29 14.48
C GLU A 56 14.86 -0.26 15.27
N LYS A 57 14.58 1.01 15.03
CA LYS A 57 15.23 2.09 15.75
C LYS A 57 14.21 2.91 16.54
N ALA A 58 13.04 2.31 16.75
CA ALA A 58 12.00 2.95 17.53
C ALA A 58 12.22 2.69 19.02
N ARG A 59 12.16 3.75 19.81
CA ARG A 59 12.43 3.65 21.24
C ARG A 59 11.12 3.57 22.05
N ASN A 60 10.06 3.14 21.40
CA ASN A 60 8.78 2.95 22.08
C ASN A 60 8.08 1.71 21.55
N PRO A 61 7.85 0.72 22.43
CA PRO A 61 7.27 -0.58 22.05
C PRO A 61 5.85 -0.46 21.50
N GLU A 62 5.09 0.50 21.99
CA GLU A 62 3.70 0.66 21.60
C GLU A 62 3.60 1.06 20.14
N LYS A 63 4.45 1.99 19.73
CA LYS A 63 4.52 2.43 18.35
C LYS A 63 5.24 1.39 17.50
N ARG A 64 6.21 0.72 18.11
CA ARG A 64 7.01 -0.30 17.45
C ARG A 64 6.13 -1.43 16.94
N GLN A 65 5.17 -1.84 17.77
CA GLN A 65 4.25 -2.90 17.41
C GLN A 65 3.37 -2.49 16.24
N VAL A 66 2.90 -1.25 16.25
CA VAL A 66 2.06 -0.72 15.19
C VAL A 66 2.78 -0.78 13.85
N ILE A 67 4.02 -0.28 13.84
CA ILE A 67 4.82 -0.25 12.62
C ILE A 67 5.04 -1.66 12.08
N ASP A 68 5.30 -2.61 12.97
CA ASP A 68 5.55 -3.99 12.57
C ASP A 68 4.31 -4.62 11.94
N LYS A 69 3.16 -4.41 12.57
CA LYS A 69 1.91 -4.96 12.05
C LYS A 69 1.63 -4.44 10.63
N ILE A 70 1.83 -3.14 10.44
CA ILE A 70 1.64 -2.52 9.12
C ILE A 70 2.72 -2.98 8.14
N LEU A 71 3.94 -3.14 8.64
CA LEU A 71 5.07 -3.59 7.83
C LEU A 71 4.74 -4.94 7.16
N GLU A 72 4.26 -5.87 7.96
CA GLU A 72 3.90 -7.20 7.46
C GLU A 72 2.69 -7.10 6.54
N ASP A 73 1.77 -6.19 6.87
CA ASP A 73 0.57 -5.98 6.06
C ASP A 73 0.95 -5.49 4.67
N GLU A 74 1.89 -4.55 4.65
CA GLU A 74 2.30 -3.88 3.43
C GLU A 74 2.90 -4.86 2.43
N GLU A 75 3.72 -5.80 2.93
CA GLU A 75 4.26 -6.85 2.07
C GLU A 75 3.15 -7.79 1.60
N LYS A 76 2.16 -8.01 2.47
CA LYS A 76 1.02 -8.86 2.13
C LYS A 76 0.27 -8.29 0.93
N HIS A 77 0.21 -6.97 0.86
CA HIS A 77 -0.42 -6.29 -0.27
C HIS A 77 0.33 -6.60 -1.55
N ILE A 78 1.65 -6.45 -1.46
CA ILE A 78 2.56 -6.67 -2.57
C ILE A 78 2.46 -8.11 -3.09
N GLU A 79 2.29 -9.05 -2.17
CA GLU A 79 2.13 -10.45 -2.52
C GLU A 79 0.94 -10.60 -3.48
N TRP A 80 -0.13 -9.86 -3.23
CA TRP A 80 -1.29 -9.87 -4.10
C TRP A 80 -0.99 -9.21 -5.43
N HIS A 81 -0.51 -7.97 -5.39
CA HIS A 81 -0.23 -7.21 -6.62
C HIS A 81 0.74 -7.95 -7.54
N LYS A 82 1.76 -8.55 -6.94
CA LYS A 82 2.76 -9.30 -7.70
C LYS A 82 2.12 -10.51 -8.39
N ALA A 83 1.22 -11.18 -7.69
CA ALA A 83 0.51 -12.34 -8.25
C ALA A 83 -0.54 -11.93 -9.28
N ALA A 84 -1.14 -10.77 -9.06
CA ALA A 84 -2.30 -10.35 -9.84
C ALA A 84 -1.96 -9.86 -11.24
N SER A 85 -0.71 -9.50 -11.47
CA SER A 85 -0.31 -8.94 -12.76
C SER A 85 -0.12 -10.02 -13.82
N LYS A 86 -1.22 -10.43 -14.44
CA LYS A 86 -1.20 -11.40 -15.53
C LYS A 86 -2.26 -11.05 -16.57
N GLN A 87 -2.03 -11.46 -17.81
CA GLN A 87 -2.96 -11.20 -18.90
C GLN A 87 -4.27 -11.95 -18.68
N GLY A 88 -5.36 -11.21 -18.63
CA GLY A 88 -6.66 -11.81 -18.45
C GLY A 88 -7.26 -11.51 -17.08
N ASN A 89 -6.62 -10.63 -16.34
CA ASN A 89 -7.11 -10.25 -15.02
C ASN A 89 -7.42 -8.75 -14.97
N ALA A 90 -8.67 -8.42 -14.74
CA ALA A 90 -9.10 -7.04 -14.61
C ALA A 90 -10.37 -6.95 -13.78
N GLU A 91 -11.37 -7.71 -14.20
CA GLU A 91 -12.66 -7.76 -13.53
C GLU A 91 -12.53 -8.27 -12.09
N GLN A 92 -11.80 -9.35 -11.91
CA GLN A 92 -11.58 -9.92 -10.59
C GLN A 92 -10.72 -8.98 -9.75
N PHE A 93 -9.66 -8.48 -10.37
CA PHE A 93 -8.71 -7.60 -9.70
C PHE A 93 -9.40 -6.36 -9.13
N ALA A 94 -10.30 -5.77 -9.92
CA ALA A 94 -10.97 -4.53 -9.53
C ALA A 94 -11.70 -4.66 -8.19
N SER A 95 -12.42 -5.76 -8.03
CA SER A 95 -13.19 -5.97 -6.81
C SER A 95 -12.28 -6.12 -5.59
N LEU A 96 -11.13 -6.75 -5.77
CA LEU A 96 -10.19 -6.96 -4.67
C LEU A 96 -9.45 -5.68 -4.28
N VAL A 97 -9.18 -4.80 -5.25
CA VAL A 97 -8.39 -3.60 -5.01
C VAL A 97 -9.04 -2.66 -3.98
N GLN A 98 -10.37 -2.61 -3.99
CA GLN A 98 -11.10 -1.71 -3.10
C GLN A 98 -10.74 -1.96 -1.63
N GLN A 99 -10.44 -3.22 -1.29
CA GLN A 99 -10.04 -3.57 0.07
C GLN A 99 -8.69 -2.96 0.43
N HIS A 100 -7.75 -2.99 -0.52
CA HIS A 100 -6.42 -2.39 -0.32
C HIS A 100 -6.58 -0.90 -0.08
N LEU A 101 -7.51 -0.30 -0.81
CA LEU A 101 -7.80 1.13 -0.68
C LEU A 101 -8.24 1.46 0.75
N GLN A 102 -9.17 0.68 1.28
CA GLN A 102 -9.65 0.85 2.64
C GLN A 102 -8.57 0.49 3.66
N ASP A 103 -7.80 -0.55 3.33
CA ASP A 103 -6.75 -1.06 4.20
C ASP A 103 -5.71 0.01 4.52
N GLU A 104 -5.22 0.69 3.49
CA GLU A 104 -4.18 1.69 3.69
C GLU A 104 -4.74 2.88 4.47
N GLN A 105 -6.03 3.13 4.32
CA GLN A 105 -6.70 4.16 5.10
C GLN A 105 -6.65 3.79 6.59
N ARG A 106 -6.78 2.50 6.86
CA ARG A 106 -6.67 2.00 8.23
C ARG A 106 -5.22 2.04 8.69
N HIS A 107 -4.30 1.83 7.76
CA HIS A 107 -2.88 2.02 8.03
C HIS A 107 -2.62 3.46 8.46
N VAL A 108 -3.22 4.39 7.73
CA VAL A 108 -3.14 5.81 8.04
C VAL A 108 -3.77 6.11 9.40
N GLU A 109 -4.86 5.41 9.74
CA GLU A 109 -5.54 5.60 11.02
C GLU A 109 -4.57 5.40 12.20
N GLU A 110 -3.64 4.45 12.02
CA GLU A 110 -2.65 4.17 13.04
C GLU A 110 -1.62 5.30 13.16
N ILE A 111 -1.30 5.90 12.02
CA ILE A 111 -0.27 6.94 11.97
C ILE A 111 -0.86 8.31 12.29
N GLU A 112 -1.96 8.63 11.63
CA GLU A 112 -2.61 9.92 11.76
C GLU A 112 -3.48 9.98 13.01
N LYS A 113 -2.94 9.52 14.13
CA LYS A 113 -3.61 9.65 15.41
C LYS A 113 -3.38 11.06 15.93
N LYS A 114 -2.12 11.49 15.91
CA LYS A 114 -1.75 12.83 16.32
C LYS A 114 -0.67 13.38 15.39
N ASN A 115 -1.09 14.04 14.32
CA ASN A 115 -0.18 14.63 13.36
C ASN A 115 -0.57 16.07 13.09
ZN ZN B . -3.21 -3.45 5.04
ZN ZN C . 0.00 -1.25 0.60
ZN ZN D . 0.09 0.81 4.04
N MET A 1 8.35 17.98 12.08
CA MET A 1 8.22 18.09 13.55
C MET A 1 7.67 16.77 14.08
N ASP A 2 7.14 16.77 15.31
CA ASP A 2 6.55 15.57 15.89
C ASP A 2 5.23 15.25 15.20
N GLU A 3 5.32 14.63 14.03
CA GLU A 3 4.14 14.38 13.21
C GLU A 3 4.30 13.11 12.37
N LEU A 4 5.55 12.68 12.17
CA LEU A 4 5.85 11.49 11.36
C LEU A 4 5.37 11.68 9.92
N ARG A 5 5.42 12.94 9.49
CA ARG A 5 4.90 13.35 8.19
C ARG A 5 5.58 12.61 7.05
N GLU A 6 6.89 12.43 7.18
CA GLU A 6 7.69 11.79 6.15
C GLU A 6 7.23 10.34 5.94
N LEU A 7 6.97 9.64 7.05
CA LEU A 7 6.57 8.25 7.01
C LEU A 7 5.14 8.11 6.48
N LEU A 8 4.26 8.98 6.96
CA LEU A 8 2.85 8.92 6.61
C LEU A 8 2.65 9.22 5.12
N LYS A 9 3.51 10.07 4.59
CA LYS A 9 3.43 10.48 3.19
C LYS A 9 3.58 9.28 2.27
N ALA A 10 4.39 8.31 2.68
CA ALA A 10 4.65 7.12 1.88
C ALA A 10 3.44 6.19 1.86
N GLU A 11 2.85 5.93 3.02
CA GLU A 11 1.65 5.10 3.12
C GLU A 11 0.50 5.77 2.36
N GLN A 12 0.42 7.09 2.48
CA GLN A 12 -0.60 7.86 1.79
C GLN A 12 -0.41 7.80 0.27
N GLN A 13 0.83 7.73 -0.17
CA GLN A 13 1.16 7.67 -1.60
C GLN A 13 0.60 6.39 -2.21
N GLY A 14 0.83 5.27 -1.54
CA GLY A 14 0.30 4.00 -2.00
C GLY A 14 -1.22 4.02 -2.11
N ILE A 15 -1.86 4.55 -1.06
CA ILE A 15 -3.31 4.65 -1.04
C ILE A 15 -3.83 5.49 -2.21
N LYS A 16 -3.13 6.58 -2.52
CA LYS A 16 -3.53 7.43 -3.64
C LYS A 16 -3.43 6.68 -4.95
N ILE A 17 -2.30 5.99 -5.16
CA ILE A 17 -2.08 5.24 -6.37
C ILE A 17 -3.10 4.12 -6.51
N LEU A 18 -3.50 3.54 -5.37
CA LEU A 18 -4.55 2.53 -5.34
C LEU A 18 -5.84 3.09 -5.95
N LYS A 19 -6.15 4.33 -5.59
CA LYS A 19 -7.33 5.02 -6.12
C LYS A 19 -7.19 5.28 -7.61
N GLU A 20 -5.97 5.64 -8.03
CA GLU A 20 -5.68 5.89 -9.44
C GLU A 20 -5.89 4.61 -10.25
N VAL A 21 -5.42 3.49 -9.69
CA VAL A 21 -5.53 2.20 -10.34
C VAL A 21 -7.00 1.80 -10.53
N LEU A 22 -7.82 2.06 -9.50
CA LEU A 22 -9.25 1.73 -9.56
C LEU A 22 -9.91 2.37 -10.78
N LYS A 23 -9.52 3.59 -11.07
CA LYS A 23 -10.08 4.34 -12.18
C LYS A 23 -9.70 3.71 -13.51
N LYS A 24 -8.43 3.34 -13.66
CA LYS A 24 -7.94 2.76 -14.91
C LYS A 24 -8.35 1.29 -15.03
N ALA A 25 -8.52 0.63 -13.90
CA ALA A 25 -8.95 -0.76 -13.88
C ALA A 25 -10.37 -0.89 -14.39
N LYS A 26 -11.18 0.14 -14.13
CA LYS A 26 -12.55 0.17 -14.63
C LYS A 26 -12.55 0.38 -16.15
N GLU A 27 -11.54 1.12 -16.63
CA GLU A 27 -11.35 1.30 -18.06
C GLU A 27 -10.99 -0.03 -18.71
N GLY A 28 -10.10 -0.77 -18.05
CA GLY A 28 -9.72 -2.08 -18.52
C GLY A 28 -8.62 -2.03 -19.56
N ASP A 29 -7.63 -1.18 -19.33
CA ASP A 29 -6.50 -1.06 -20.25
C ASP A 29 -5.39 -2.01 -19.82
N GLU A 30 -5.15 -3.03 -20.63
CA GLU A 30 -4.15 -4.06 -20.33
C GLU A 30 -2.75 -3.47 -20.24
N GLN A 31 -2.45 -2.53 -21.12
CA GLN A 31 -1.11 -1.99 -21.23
C GLN A 31 -0.75 -1.15 -20.01
N GLU A 32 -1.65 -0.26 -19.63
CA GLU A 32 -1.43 0.57 -18.47
C GLU A 32 -1.54 -0.24 -17.18
N LEU A 33 -2.48 -1.19 -17.14
CA LEU A 33 -2.66 -2.05 -15.96
C LEU A 33 -1.38 -2.82 -15.63
N ALA A 34 -0.65 -3.24 -16.65
CA ALA A 34 0.62 -3.93 -16.44
C ALA A 34 1.61 -3.02 -15.72
N ARG A 35 1.64 -1.76 -16.13
CA ARG A 35 2.49 -0.76 -15.50
C ARG A 35 1.95 -0.41 -14.12
N LEU A 36 0.63 -0.39 -13.98
CA LEU A 36 -0.01 -0.14 -12.69
C LEU A 36 0.37 -1.24 -11.69
N ASN A 37 0.41 -2.48 -12.15
CA ASN A 37 0.87 -3.59 -11.32
C ASN A 37 2.29 -3.30 -10.82
N GLN A 38 3.13 -2.85 -11.74
CA GLN A 38 4.49 -2.45 -11.43
C GLN A 38 4.50 -1.27 -10.46
N GLU A 39 3.65 -0.28 -10.74
CA GLU A 39 3.56 0.94 -9.96
C GLU A 39 3.16 0.65 -8.52
N ILE A 40 2.19 -0.24 -8.33
CA ILE A 40 1.74 -0.61 -6.99
C ILE A 40 2.90 -1.19 -6.18
N VAL A 41 3.66 -2.09 -6.81
CA VAL A 41 4.81 -2.72 -6.16
C VAL A 41 5.81 -1.65 -5.72
N LYS A 42 6.10 -0.71 -6.62
CA LYS A 42 7.02 0.37 -6.32
C LYS A 42 6.49 1.28 -5.21
N ALA A 43 5.17 1.50 -5.21
CA ALA A 43 4.54 2.39 -4.24
C ALA A 43 4.57 1.79 -2.84
N GLU A 44 4.17 0.54 -2.73
CA GLU A 44 4.16 -0.15 -1.45
C GLU A 44 5.59 -0.25 -0.90
N LYS A 45 6.53 -0.62 -1.77
CA LYS A 45 7.93 -0.73 -1.40
C LYS A 45 8.49 0.61 -0.91
N GLN A 46 8.01 1.69 -1.49
CA GLN A 46 8.43 3.03 -1.09
C GLN A 46 8.06 3.25 0.38
N GLY A 47 6.85 2.84 0.74
CA GLY A 47 6.41 2.94 2.11
C GLY A 47 7.13 1.97 3.03
N VAL A 48 7.25 0.72 2.60
CA VAL A 48 7.86 -0.31 3.43
C VAL A 48 9.30 0.04 3.79
N LYS A 49 10.04 0.56 2.82
CA LYS A 49 11.45 0.87 3.01
C LYS A 49 11.65 1.82 4.18
N VAL A 50 10.90 2.92 4.20
CA VAL A 50 11.02 3.89 5.28
C VAL A 50 10.47 3.35 6.61
N TYR A 51 9.42 2.55 6.54
CA TYR A 51 8.85 1.94 7.73
C TYR A 51 9.79 0.89 8.32
N LYS A 52 10.47 0.16 7.44
CA LYS A 52 11.47 -0.83 7.87
C LYS A 52 12.53 -0.18 8.74
N GLU A 53 12.99 0.99 8.32
CA GLU A 53 13.95 1.77 9.10
C GLU A 53 13.31 2.29 10.39
N ALA A 54 12.11 2.83 10.25
CA ALA A 54 11.41 3.48 11.36
C ALA A 54 11.03 2.50 12.46
N ALA A 55 10.72 1.27 12.09
CA ALA A 55 10.30 0.26 13.06
C ALA A 55 11.33 0.07 14.17
N GLU A 56 12.59 0.04 13.79
CA GLU A 56 13.66 -0.18 14.75
C GLU A 56 14.31 1.14 15.15
N LYS A 57 13.64 2.23 14.80
CA LYS A 57 14.08 3.57 15.21
C LYS A 57 12.90 4.29 15.88
N ALA A 58 11.89 3.48 16.24
CA ALA A 58 10.68 4.00 16.85
C ALA A 58 10.93 4.53 18.25
N ARG A 59 10.27 5.63 18.58
CA ARG A 59 10.44 6.27 19.88
C ARG A 59 9.64 5.56 20.96
N ASN A 60 8.58 4.88 20.53
CA ASN A 60 7.69 4.18 21.46
C ASN A 60 7.49 2.74 21.04
N PRO A 61 7.56 1.80 21.99
CA PRO A 61 7.36 0.37 21.72
C PRO A 61 6.00 0.08 21.08
N GLU A 62 4.97 0.78 21.53
CA GLU A 62 3.62 0.58 21.00
C GLU A 62 3.57 0.97 19.52
N LYS A 63 4.30 2.01 19.17
CA LYS A 63 4.31 2.48 17.79
C LYS A 63 5.03 1.50 16.89
N ARG A 64 6.06 0.84 17.43
CA ARG A 64 6.77 -0.19 16.68
C ARG A 64 5.83 -1.36 16.39
N GLN A 65 5.00 -1.70 17.37
CA GLN A 65 4.01 -2.74 17.23
C GLN A 65 3.12 -2.46 16.02
N VAL A 66 2.70 -1.20 15.89
CA VAL A 66 1.89 -0.77 14.76
C VAL A 66 2.68 -0.88 13.46
N ILE A 67 3.89 -0.30 13.46
CA ILE A 67 4.72 -0.27 12.27
C ILE A 67 5.05 -1.69 11.79
N ASP A 68 5.41 -2.57 12.72
CA ASP A 68 5.77 -3.94 12.40
C ASP A 68 4.57 -4.71 11.85
N LYS A 69 3.40 -4.47 12.45
CA LYS A 69 2.15 -5.07 11.99
C LYS A 69 1.89 -4.68 10.54
N ILE A 70 2.12 -3.40 10.25
CA ILE A 70 1.99 -2.88 8.90
C ILE A 70 3.11 -3.41 8.00
N LEU A 71 4.31 -3.52 8.55
CA LEU A 71 5.46 -4.08 7.84
C LEU A 71 5.17 -5.47 7.31
N GLU A 72 4.47 -6.27 8.10
CA GLU A 72 4.03 -7.59 7.68
C GLU A 72 2.97 -7.48 6.59
N ASP A 73 2.06 -6.54 6.78
CA ASP A 73 0.91 -6.37 5.89
C ASP A 73 1.31 -5.81 4.53
N GLU A 74 2.11 -4.76 4.56
CA GLU A 74 2.44 -4.02 3.36
C GLU A 74 3.16 -4.92 2.33
N GLU A 75 4.00 -5.83 2.82
CA GLU A 75 4.62 -6.84 1.96
C GLU A 75 3.59 -7.84 1.48
N LYS A 76 2.70 -8.23 2.38
CA LYS A 76 1.63 -9.18 2.09
C LYS A 76 0.73 -8.63 0.98
N HIS A 77 0.55 -7.31 0.96
CA HIS A 77 -0.25 -6.65 -0.07
C HIS A 77 0.42 -6.82 -1.43
N ILE A 78 1.71 -6.56 -1.48
CA ILE A 78 2.48 -6.63 -2.71
C ILE A 78 2.39 -8.02 -3.32
N GLU A 79 2.64 -9.03 -2.50
CA GLU A 79 2.59 -10.42 -2.95
C GLU A 79 1.18 -10.79 -3.38
N TRP A 80 0.18 -10.22 -2.69
CA TRP A 80 -1.22 -10.48 -3.03
C TRP A 80 -1.53 -10.04 -4.45
N HIS A 81 -1.28 -8.76 -4.73
CA HIS A 81 -1.54 -8.21 -6.06
C HIS A 81 -0.76 -8.92 -7.15
N LYS A 82 0.53 -9.13 -6.93
CA LYS A 82 1.38 -9.72 -7.96
C LYS A 82 0.92 -11.12 -8.32
N ALA A 83 0.61 -11.92 -7.31
CA ALA A 83 0.18 -13.30 -7.53
C ALA A 83 -1.16 -13.36 -8.27
N ALA A 84 -2.03 -12.41 -7.97
CA ALA A 84 -3.34 -12.37 -8.61
C ALA A 84 -3.25 -11.86 -10.05
N SER A 85 -2.20 -11.11 -10.33
CA SER A 85 -2.02 -10.52 -11.65
C SER A 85 -1.21 -11.45 -12.56
N LYS A 86 -1.23 -12.74 -12.24
CA LYS A 86 -0.48 -13.73 -13.02
C LYS A 86 -1.12 -13.96 -14.38
N GLN A 87 -2.38 -13.56 -14.53
CA GLN A 87 -3.07 -13.67 -15.80
C GLN A 87 -3.46 -12.30 -16.35
N GLY A 88 -3.94 -11.42 -15.48
CA GLY A 88 -4.24 -10.07 -15.89
C GLY A 88 -5.74 -9.81 -16.05
N ASN A 89 -6.34 -9.24 -15.01
CA ASN A 89 -7.76 -8.90 -15.04
C ASN A 89 -7.92 -7.41 -14.78
N ALA A 90 -9.12 -6.88 -15.02
CA ALA A 90 -9.37 -5.47 -14.84
C ALA A 90 -10.30 -5.21 -13.65
N GLU A 91 -11.58 -5.50 -13.83
CA GLU A 91 -12.58 -5.22 -12.80
C GLU A 91 -12.40 -6.13 -11.59
N GLN A 92 -12.09 -7.38 -11.85
CA GLN A 92 -11.85 -8.34 -10.77
C GLN A 92 -10.62 -7.93 -9.98
N PHE A 93 -9.65 -7.36 -10.69
CA PHE A 93 -8.42 -6.85 -10.08
C PHE A 93 -8.74 -5.62 -9.22
N ALA A 94 -9.65 -4.79 -9.69
CA ALA A 94 -10.08 -3.61 -8.95
C ALA A 94 -10.77 -3.99 -7.66
N SER A 95 -11.48 -5.11 -7.67
CA SER A 95 -12.17 -5.60 -6.49
C SER A 95 -11.16 -5.95 -5.39
N LEU A 96 -9.98 -6.41 -5.80
CA LEU A 96 -8.91 -6.72 -4.86
C LEU A 96 -8.34 -5.45 -4.25
N VAL A 97 -8.31 -4.38 -5.05
CA VAL A 97 -7.83 -3.08 -4.59
C VAL A 97 -8.77 -2.53 -3.52
N GLN A 98 -10.06 -2.82 -3.67
CA GLN A 98 -11.08 -2.36 -2.72
C GLN A 98 -10.75 -2.83 -1.30
N GLN A 99 -10.37 -4.09 -1.17
CA GLN A 99 -10.02 -4.64 0.14
C GLN A 99 -8.72 -4.01 0.64
N HIS A 100 -7.80 -3.78 -0.29
CA HIS A 100 -6.53 -3.14 0.00
C HIS A 100 -6.77 -1.74 0.58
N LEU A 101 -7.70 -1.02 -0.03
CA LEU A 101 -8.04 0.33 0.40
C LEU A 101 -8.60 0.33 1.81
N GLN A 102 -9.56 -0.55 2.08
CA GLN A 102 -10.14 -0.68 3.41
C GLN A 102 -9.05 -1.01 4.43
N ASP A 103 -8.13 -1.85 4.00
CA ASP A 103 -7.03 -2.30 4.83
C ASP A 103 -6.10 -1.15 5.21
N GLU A 104 -5.67 -0.37 4.22
CA GLU A 104 -4.72 0.72 4.45
C GLU A 104 -5.37 1.80 5.32
N GLN A 105 -6.69 1.90 5.27
CA GLN A 105 -7.42 2.82 6.14
C GLN A 105 -7.20 2.47 7.60
N ARG A 106 -7.21 1.17 7.89
CA ARG A 106 -6.93 0.69 9.25
C ARG A 106 -5.44 0.84 9.58
N HIS A 107 -4.59 0.75 8.56
CA HIS A 107 -3.16 1.02 8.73
C HIS A 107 -2.99 2.43 9.30
N VAL A 108 -3.72 3.38 8.71
CA VAL A 108 -3.71 4.76 9.19
C VAL A 108 -4.38 4.88 10.56
N GLU A 109 -5.43 4.08 10.78
CA GLU A 109 -6.21 4.13 12.03
C GLU A 109 -5.32 3.93 13.25
N GLU A 110 -4.45 2.93 13.19
CA GLU A 110 -3.54 2.64 14.29
C GLU A 110 -2.50 3.74 14.46
N ILE A 111 -2.16 4.41 13.36
CA ILE A 111 -1.18 5.50 13.40
C ILE A 111 -1.69 6.65 14.25
N GLU A 112 -2.75 7.30 13.79
CA GLU A 112 -3.30 8.46 14.47
C GLU A 112 -4.67 8.13 15.05
N LYS A 113 -5.70 8.77 14.51
CA LYS A 113 -7.06 8.60 15.00
C LYS A 113 -8.07 8.82 13.88
N LYS A 114 -8.54 7.71 13.29
CA LYS A 114 -9.56 7.73 12.23
C LYS A 114 -9.29 8.76 11.15
N ASN A 115 -8.47 8.39 10.18
CA ASN A 115 -8.17 9.26 9.05
C ASN A 115 -8.68 8.61 7.77
ZN ZN B . -3.25 -4.36 5.44
ZN ZN C . -0.43 -1.66 1.00
ZN ZN D . -0.26 0.48 4.45
N MET A 1 9.00 18.54 9.12
CA MET A 1 9.71 17.23 9.24
C MET A 1 9.24 16.50 10.48
N ASP A 2 8.49 15.43 10.27
CA ASP A 2 7.96 14.63 11.36
C ASP A 2 8.18 13.15 11.07
N GLU A 3 8.58 12.40 12.09
CA GLU A 3 8.90 10.98 11.95
C GLU A 3 7.77 10.19 11.29
N LEU A 4 6.53 10.55 11.61
CA LEU A 4 5.38 9.83 11.11
C LEU A 4 4.81 10.50 9.87
N ARG A 5 4.84 11.83 9.86
CA ARG A 5 4.31 12.61 8.74
C ARG A 5 5.01 12.25 7.44
N GLU A 6 6.34 12.16 7.47
CA GLU A 6 7.10 11.81 6.28
C GLU A 6 6.72 10.42 5.77
N LEU A 7 6.43 9.52 6.71
CA LEU A 7 6.05 8.14 6.36
C LEU A 7 4.72 8.12 5.61
N LEU A 8 3.83 9.04 5.98
CA LEU A 8 2.47 9.06 5.46
C LEU A 8 2.45 9.20 3.94
N LYS A 9 3.44 9.87 3.38
CA LYS A 9 3.49 10.10 1.94
C LYS A 9 3.52 8.77 1.19
N ALA A 10 4.20 7.79 1.75
CA ALA A 10 4.35 6.48 1.12
C ALA A 10 3.03 5.72 1.10
N GLU A 11 2.36 5.72 2.24
CA GLU A 11 1.07 5.05 2.37
C GLU A 11 0.02 5.76 1.51
N GLN A 12 0.05 7.09 1.53
CA GLN A 12 -0.85 7.89 0.73
C GLN A 12 -0.60 7.67 -0.77
N GLN A 13 0.66 7.49 -1.13
CA GLN A 13 1.04 7.26 -2.52
C GLN A 13 0.38 6.00 -3.05
N GLY A 14 0.44 4.93 -2.26
CA GLY A 14 -0.19 3.68 -2.64
C GLY A 14 -1.68 3.86 -2.82
N ILE A 15 -2.32 4.52 -1.87
CA ILE A 15 -3.75 4.79 -1.92
C ILE A 15 -4.12 5.55 -3.20
N LYS A 16 -3.33 6.56 -3.53
CA LYS A 16 -3.58 7.37 -4.72
C LYS A 16 -3.55 6.49 -5.97
N ILE A 17 -2.54 5.64 -6.07
CA ILE A 17 -2.43 4.71 -7.20
C ILE A 17 -3.62 3.76 -7.25
N LEU A 18 -4.03 3.28 -6.08
CA LEU A 18 -5.17 2.38 -5.96
C LEU A 18 -6.44 3.01 -6.54
N LYS A 19 -6.60 4.30 -6.34
CA LYS A 19 -7.76 5.04 -6.85
C LYS A 19 -7.77 5.03 -8.37
N GLU A 20 -6.61 5.23 -8.98
CA GLU A 20 -6.49 5.29 -10.43
C GLU A 20 -6.82 3.95 -11.06
N VAL A 21 -6.46 2.87 -10.37
CA VAL A 21 -6.71 1.52 -10.86
C VAL A 21 -8.20 1.27 -11.04
N LEU A 22 -9.00 1.78 -10.11
CA LEU A 22 -10.45 1.63 -10.17
C LEU A 22 -10.99 2.25 -11.45
N LYS A 23 -10.38 3.34 -11.87
CA LYS A 23 -10.79 4.04 -13.09
C LYS A 23 -10.38 3.22 -14.32
N LYS A 24 -9.17 2.69 -14.28
CA LYS A 24 -8.62 1.92 -15.39
C LYS A 24 -9.36 0.61 -15.59
N ALA A 25 -10.04 0.16 -14.53
CA ALA A 25 -10.80 -1.07 -14.57
C ALA A 25 -11.89 -1.03 -15.64
N LYS A 26 -12.57 0.10 -15.73
CA LYS A 26 -13.63 0.27 -16.72
C LYS A 26 -13.04 0.44 -18.11
N GLU A 27 -11.82 0.95 -18.18
CA GLU A 27 -11.11 1.05 -19.45
C GLU A 27 -10.74 -0.35 -19.93
N GLY A 28 -10.30 -1.19 -19.01
CA GLY A 28 -10.05 -2.59 -19.33
C GLY A 28 -8.76 -2.79 -20.08
N ASP A 29 -7.86 -1.82 -20.03
CA ASP A 29 -6.61 -1.91 -20.74
C ASP A 29 -5.53 -2.55 -19.88
N GLU A 30 -5.04 -3.69 -20.34
CA GLU A 30 -4.00 -4.44 -19.63
C GLU A 30 -2.76 -3.60 -19.39
N GLN A 31 -2.35 -2.83 -20.39
CA GLN A 31 -1.10 -2.09 -20.32
C GLN A 31 -1.17 -1.03 -19.23
N GLU A 32 -2.27 -0.30 -19.16
CA GLU A 32 -2.50 0.67 -18.10
C GLU A 32 -2.56 -0.03 -16.74
N LEU A 33 -3.34 -1.10 -16.68
CA LEU A 33 -3.57 -1.83 -15.44
C LEU A 33 -2.30 -2.50 -14.92
N ALA A 34 -1.56 -3.16 -15.79
CA ALA A 34 -0.33 -3.82 -15.41
C ALA A 34 0.73 -2.80 -14.99
N ARG A 35 0.72 -1.65 -15.67
CA ARG A 35 1.63 -0.58 -15.35
C ARG A 35 1.36 -0.05 -13.96
N LEU A 36 0.07 0.14 -13.65
CA LEU A 36 -0.34 0.58 -12.33
C LEU A 36 -0.02 -0.46 -11.28
N ASN A 37 -0.22 -1.73 -11.64
CA ASN A 37 0.12 -2.84 -10.75
C ASN A 37 1.62 -2.82 -10.43
N GLN A 38 2.42 -2.52 -11.46
CA GLN A 38 3.85 -2.37 -11.31
C GLN A 38 4.18 -1.20 -10.38
N GLU A 39 3.44 -0.10 -10.55
CA GLU A 39 3.63 1.08 -9.71
C GLU A 39 3.38 0.74 -8.25
N ILE A 40 2.31 0.00 -7.99
CA ILE A 40 1.95 -0.38 -6.63
C ILE A 40 3.09 -1.13 -5.95
N VAL A 41 3.64 -2.13 -6.63
CA VAL A 41 4.68 -2.98 -6.05
C VAL A 41 5.89 -2.16 -5.60
N LYS A 42 6.49 -1.41 -6.52
CA LYS A 42 7.68 -0.62 -6.20
C LYS A 42 7.37 0.51 -5.21
N ALA A 43 6.19 1.11 -5.33
CA ALA A 43 5.81 2.20 -4.44
C ALA A 43 5.63 1.71 -3.01
N GLU A 44 4.92 0.60 -2.84
CA GLU A 44 4.70 0.04 -1.51
C GLU A 44 5.99 -0.51 -0.92
N LYS A 45 6.86 -1.07 -1.77
CA LYS A 45 8.18 -1.52 -1.34
C LYS A 45 8.98 -0.36 -0.76
N GLN A 46 8.93 0.77 -1.43
CA GLN A 46 9.59 1.98 -0.95
C GLN A 46 9.00 2.39 0.39
N GLY A 47 7.67 2.29 0.48
CA GLY A 47 7.00 2.62 1.71
C GLY A 47 7.44 1.77 2.89
N VAL A 48 7.51 0.46 2.68
CA VAL A 48 7.97 -0.46 3.72
C VAL A 48 9.40 -0.13 4.13
N LYS A 49 10.23 0.20 3.15
CA LYS A 49 11.63 0.56 3.39
C LYS A 49 11.72 1.74 4.37
N VAL A 50 10.97 2.78 4.11
CA VAL A 50 10.99 3.99 4.94
C VAL A 50 10.34 3.72 6.30
N TYR A 51 9.17 3.08 6.28
CA TYR A 51 8.42 2.78 7.49
C TYR A 51 9.26 1.93 8.45
N LYS A 52 9.90 0.89 7.92
CA LYS A 52 10.65 -0.05 8.73
C LYS A 52 11.83 0.64 9.39
N GLU A 53 12.43 1.59 8.68
CA GLU A 53 13.56 2.34 9.21
C GLU A 53 13.13 3.17 10.42
N ALA A 54 12.02 3.88 10.28
CA ALA A 54 11.52 4.73 11.33
C ALA A 54 11.01 3.91 12.52
N ALA A 55 10.46 2.74 12.22
CA ALA A 55 9.91 1.85 13.26
C ALA A 55 10.99 1.44 14.26
N GLU A 56 12.14 1.03 13.76
CA GLU A 56 13.22 0.56 14.63
C GLU A 56 14.03 1.73 15.20
N LYS A 57 13.69 2.95 14.80
CA LYS A 57 14.30 4.14 15.34
C LYS A 57 13.37 4.80 16.35
N ALA A 58 12.16 4.28 16.46
CA ALA A 58 11.16 4.84 17.36
C ALA A 58 11.37 4.36 18.79
N ARG A 59 10.56 4.89 19.69
CA ARG A 59 10.68 4.57 21.11
C ARG A 59 9.50 3.72 21.57
N ASN A 60 9.81 2.75 22.43
CA ASN A 60 8.84 1.78 22.96
C ASN A 60 8.42 0.80 21.87
N PRO A 61 8.80 -0.49 22.03
CA PRO A 61 8.57 -1.54 21.04
C PRO A 61 7.10 -1.69 20.65
N GLU A 62 6.21 -1.22 21.51
CA GLU A 62 4.78 -1.26 21.24
C GLU A 62 4.44 -0.37 20.06
N LYS A 63 5.06 0.81 20.01
CA LYS A 63 4.87 1.72 18.89
C LYS A 63 5.53 1.16 17.64
N ARG A 64 6.64 0.48 17.85
CA ARG A 64 7.32 -0.23 16.78
C ARG A 64 6.39 -1.29 16.21
N GLN A 65 5.71 -2.01 17.10
CA GLN A 65 4.79 -3.08 16.73
C GLN A 65 3.61 -2.53 15.90
N VAL A 66 3.16 -1.33 16.22
CA VAL A 66 2.08 -0.70 15.48
C VAL A 66 2.46 -0.56 14.01
N ILE A 67 3.67 -0.06 13.77
CA ILE A 67 4.19 0.07 12.42
C ILE A 67 4.50 -1.30 11.85
N ASP A 68 5.03 -2.18 12.70
CA ASP A 68 5.34 -3.57 12.32
C ASP A 68 4.12 -4.30 11.78
N LYS A 69 2.95 -4.03 12.36
CA LYS A 69 1.70 -4.61 11.89
C LYS A 69 1.45 -4.22 10.44
N ILE A 70 1.64 -2.94 10.13
CA ILE A 70 1.50 -2.45 8.78
C ILE A 70 2.65 -2.96 7.90
N LEU A 71 3.84 -3.02 8.47
CA LEU A 71 5.02 -3.56 7.78
C LEU A 71 4.75 -4.98 7.30
N GLU A 72 4.12 -5.78 8.16
CA GLU A 72 3.76 -7.15 7.84
C GLU A 72 2.62 -7.17 6.80
N ASP A 73 1.61 -6.35 7.05
CA ASP A 73 0.43 -6.25 6.18
C ASP A 73 0.80 -5.77 4.78
N GLU A 74 1.61 -4.73 4.72
CA GLU A 74 1.95 -4.05 3.48
C GLU A 74 2.70 -4.99 2.53
N GLU A 75 3.57 -5.83 3.08
CA GLU A 75 4.28 -6.83 2.29
C GLU A 75 3.30 -7.81 1.64
N LYS A 76 2.26 -8.16 2.39
CA LYS A 76 1.24 -9.09 1.91
C LYS A 76 0.56 -8.55 0.65
N HIS A 77 0.41 -7.23 0.59
CA HIS A 77 -0.17 -6.57 -0.57
C HIS A 77 0.72 -6.78 -1.78
N ILE A 78 2.01 -6.50 -1.57
CA ILE A 78 3.00 -6.57 -2.63
C ILE A 78 3.14 -7.99 -3.15
N GLU A 79 3.22 -8.94 -2.23
CA GLU A 79 3.31 -10.35 -2.57
C GLU A 79 2.14 -10.79 -3.44
N TRP A 80 0.98 -10.20 -3.19
CA TRP A 80 -0.21 -10.50 -3.97
C TRP A 80 -0.10 -9.92 -5.38
N HIS A 81 0.10 -8.61 -5.48
CA HIS A 81 0.17 -7.92 -6.77
C HIS A 81 1.34 -8.42 -7.62
N LYS A 82 2.42 -8.80 -6.97
CA LYS A 82 3.61 -9.30 -7.65
C LYS A 82 3.32 -10.65 -8.30
N ALA A 83 2.68 -11.54 -7.56
CA ALA A 83 2.34 -12.87 -8.06
C ALA A 83 1.20 -12.79 -9.08
N ALA A 84 0.23 -11.93 -8.81
CA ALA A 84 -0.98 -11.84 -9.62
C ALA A 84 -0.73 -11.12 -10.94
N SER A 85 0.37 -10.40 -11.04
CA SER A 85 0.69 -9.63 -12.25
C SER A 85 0.90 -10.57 -13.43
N LYS A 86 -0.09 -10.60 -14.33
CA LYS A 86 -0.06 -11.47 -15.50
C LYS A 86 -0.66 -10.76 -16.70
N GLN A 87 -1.17 -11.53 -17.65
CA GLN A 87 -1.83 -11.00 -18.83
C GLN A 87 -3.28 -10.66 -18.50
N GLY A 88 -3.76 -9.54 -19.02
CA GLY A 88 -5.11 -9.11 -18.75
C GLY A 88 -5.22 -8.36 -17.44
N ASN A 89 -5.61 -9.09 -16.39
CA ASN A 89 -5.76 -8.52 -15.05
C ASN A 89 -6.70 -7.32 -15.05
N ALA A 90 -7.97 -7.57 -15.32
CA ALA A 90 -8.95 -6.49 -15.39
C ALA A 90 -10.05 -6.67 -14.35
N GLU A 91 -10.98 -7.59 -14.62
CA GLU A 91 -12.17 -7.75 -13.80
C GLU A 91 -11.83 -8.22 -12.39
N GLN A 92 -11.01 -9.26 -12.30
CA GLN A 92 -10.60 -9.80 -11.00
C GLN A 92 -9.70 -8.81 -10.27
N PHE A 93 -8.80 -8.19 -11.03
CA PHE A 93 -7.84 -7.24 -10.49
C PHE A 93 -8.56 -6.04 -9.87
N ALA A 94 -9.62 -5.57 -10.55
CA ALA A 94 -10.39 -4.44 -10.07
C ALA A 94 -11.08 -4.72 -8.75
N SER A 95 -11.40 -5.98 -8.50
CA SER A 95 -12.05 -6.38 -7.27
C SER A 95 -11.05 -6.40 -6.12
N LEU A 96 -9.89 -6.99 -6.37
CA LEU A 96 -8.86 -7.13 -5.35
C LEU A 96 -8.23 -5.79 -4.98
N VAL A 97 -8.03 -4.94 -5.97
CA VAL A 97 -7.43 -3.63 -5.74
C VAL A 97 -8.31 -2.78 -4.82
N GLN A 98 -9.62 -2.93 -4.95
CA GLN A 98 -10.56 -2.17 -4.13
C GLN A 98 -10.42 -2.58 -2.66
N GLN A 99 -10.17 -3.86 -2.43
CA GLN A 99 -9.96 -4.39 -1.08
C GLN A 99 -8.68 -3.80 -0.50
N HIS A 100 -7.67 -3.69 -1.35
CA HIS A 100 -6.39 -3.10 -0.98
C HIS A 100 -6.61 -1.67 -0.51
N LEU A 101 -7.46 -0.94 -1.22
CA LEU A 101 -7.81 0.43 -0.88
C LEU A 101 -8.43 0.50 0.51
N GLN A 102 -9.37 -0.39 0.80
CA GLN A 102 -10.04 -0.43 2.08
C GLN A 102 -9.06 -0.77 3.20
N ASP A 103 -8.13 -1.65 2.90
CA ASP A 103 -7.11 -2.06 3.85
C ASP A 103 -6.25 -0.87 4.28
N GLU A 104 -5.76 -0.11 3.30
CA GLU A 104 -4.87 1.02 3.58
C GLU A 104 -5.60 2.10 4.36
N GLN A 105 -6.92 2.19 4.21
CA GLN A 105 -7.69 3.16 4.96
C GLN A 105 -7.63 2.84 6.45
N ARG A 106 -7.57 1.56 6.79
CA ARG A 106 -7.40 1.16 8.17
C ARG A 106 -5.98 1.46 8.63
N HIS A 107 -5.03 1.36 7.70
CA HIS A 107 -3.63 1.66 8.01
C HIS A 107 -3.51 3.09 8.50
N VAL A 108 -4.24 3.99 7.84
CA VAL A 108 -4.25 5.40 8.23
C VAL A 108 -4.71 5.57 9.69
N GLU A 109 -5.85 4.96 10.03
CA GLU A 109 -6.39 5.11 11.37
C GLU A 109 -5.52 4.42 12.43
N GLU A 110 -4.89 3.30 12.09
CA GLU A 110 -4.01 2.63 13.04
C GLU A 110 -2.76 3.47 13.29
N ILE A 111 -2.35 4.24 12.27
CA ILE A 111 -1.24 5.18 12.42
C ILE A 111 -1.61 6.30 13.40
N GLU A 112 -2.59 7.11 13.03
CA GLU A 112 -2.91 8.31 13.79
C GLU A 112 -4.38 8.38 14.20
N LYS A 113 -5.23 7.63 13.51
CA LYS A 113 -6.70 7.69 13.67
C LYS A 113 -7.25 9.00 13.12
N LYS A 114 -8.51 8.94 12.68
CA LYS A 114 -9.23 10.11 12.16
C LYS A 114 -8.60 10.63 10.87
N ASN A 115 -7.64 11.55 11.02
CA ASN A 115 -7.02 12.25 9.90
C ASN A 115 -8.09 12.95 9.05
ZN ZN B . -3.27 -4.03 4.81
ZN ZN C . -0.45 -1.48 0.33
ZN ZN D . -0.61 0.52 3.89
N MET A 1 4.44 16.62 16.22
CA MET A 1 3.74 16.64 14.93
C MET A 1 4.59 15.99 13.84
N ASP A 2 5.70 15.38 14.24
CA ASP A 2 6.64 14.79 13.28
C ASP A 2 6.54 13.28 13.28
N GLU A 3 5.76 12.72 14.19
CA GLU A 3 5.65 11.28 14.36
C GLU A 3 4.79 10.65 13.27
N LEU A 4 5.44 9.90 12.38
CA LEU A 4 4.76 9.09 11.35
C LEU A 4 4.08 9.95 10.27
N ARG A 5 4.24 11.27 10.38
CA ARG A 5 3.67 12.18 9.40
C ARG A 5 4.36 12.03 8.05
N GLU A 6 5.67 11.80 8.09
CA GLU A 6 6.46 11.61 6.88
C GLU A 6 6.11 10.27 6.23
N LEU A 7 5.84 9.28 7.07
CA LEU A 7 5.57 7.91 6.61
C LEU A 7 4.30 7.84 5.77
N LEU A 8 3.36 8.75 6.05
CA LEU A 8 2.06 8.75 5.40
C LEU A 8 2.15 8.89 3.88
N LYS A 9 3.19 9.59 3.41
CA LYS A 9 3.31 9.90 1.98
C LYS A 9 3.36 8.63 1.13
N ALA A 10 4.14 7.65 1.57
CA ALA A 10 4.30 6.41 0.81
C ALA A 10 3.00 5.62 0.78
N GLU A 11 2.33 5.55 1.92
CA GLU A 11 1.04 4.87 2.02
C GLU A 11 0.02 5.60 1.14
N GLN A 12 0.05 6.93 1.18
CA GLN A 12 -0.84 7.75 0.36
C GLN A 12 -0.54 7.55 -1.12
N GLN A 13 0.73 7.34 -1.46
CA GLN A 13 1.13 7.08 -2.82
C GLN A 13 0.50 5.79 -3.33
N GLY A 14 0.55 4.74 -2.53
CA GLY A 14 -0.07 3.50 -2.88
C GLY A 14 -1.57 3.66 -3.07
N ILE A 15 -2.20 4.35 -2.11
CA ILE A 15 -3.62 4.63 -2.17
C ILE A 15 -3.97 5.44 -3.43
N LYS A 16 -3.15 6.43 -3.75
CA LYS A 16 -3.37 7.26 -4.94
C LYS A 16 -3.42 6.39 -6.20
N ILE A 17 -2.46 5.50 -6.33
CA ILE A 17 -2.41 4.61 -7.49
C ILE A 17 -3.64 3.70 -7.51
N LEU A 18 -4.00 3.19 -6.34
CA LEU A 18 -5.19 2.34 -6.21
C LEU A 18 -6.44 3.07 -6.71
N LYS A 19 -6.54 4.35 -6.37
CA LYS A 19 -7.65 5.20 -6.79
C LYS A 19 -7.71 5.31 -8.31
N GLU A 20 -6.54 5.37 -8.94
CA GLU A 20 -6.45 5.45 -10.39
C GLU A 20 -6.78 4.10 -11.02
N VAL A 21 -6.28 3.04 -10.40
CA VAL A 21 -6.51 1.68 -10.89
C VAL A 21 -8.00 1.35 -10.91
N LEU A 22 -8.73 1.78 -9.89
CA LEU A 22 -10.16 1.53 -9.79
C LEU A 22 -10.88 2.02 -11.05
N LYS A 23 -10.53 3.21 -11.52
CA LYS A 23 -11.14 3.78 -12.70
C LYS A 23 -10.68 3.06 -13.96
N LYS A 24 -9.39 2.79 -14.04
CA LYS A 24 -8.80 2.18 -15.22
C LYS A 24 -9.22 0.72 -15.38
N ALA A 25 -9.52 0.06 -14.27
CA ALA A 25 -9.96 -1.32 -14.29
C ALA A 25 -11.39 -1.42 -14.83
N LYS A 26 -12.21 -0.42 -14.50
CA LYS A 26 -13.57 -0.37 -15.03
C LYS A 26 -13.54 -0.01 -16.52
N GLU A 27 -12.56 0.79 -16.91
CA GLU A 27 -12.34 1.13 -18.31
C GLU A 27 -11.86 -0.08 -19.08
N GLY A 28 -11.13 -0.96 -18.40
CA GLY A 28 -10.62 -2.16 -19.03
C GLY A 28 -9.29 -1.93 -19.71
N ASP A 29 -8.50 -1.01 -19.15
CA ASP A 29 -7.20 -0.70 -19.72
C ASP A 29 -6.11 -1.48 -19.00
N GLU A 30 -5.96 -2.74 -19.39
CA GLU A 30 -5.03 -3.65 -18.74
C GLU A 30 -3.57 -3.27 -19.03
N GLN A 31 -3.36 -2.51 -20.10
CA GLN A 31 -2.02 -2.09 -20.48
C GLN A 31 -1.43 -1.17 -19.41
N GLU A 32 -2.21 -0.19 -18.98
CA GLU A 32 -1.81 0.69 -17.89
C GLU A 32 -1.83 -0.06 -16.56
N LEU A 33 -2.83 -0.92 -16.39
CA LEU A 33 -2.99 -1.66 -15.15
C LEU A 33 -1.75 -2.48 -14.81
N ALA A 34 -1.16 -3.11 -15.83
CA ALA A 34 0.05 -3.90 -15.64
C ALA A 34 1.20 -3.03 -15.13
N ARG A 35 1.32 -1.84 -15.70
CA ARG A 35 2.37 -0.91 -15.30
C ARG A 35 2.09 -0.33 -13.92
N LEU A 36 0.83 0.05 -13.68
CA LEU A 36 0.43 0.59 -12.39
C LEU A 36 0.65 -0.43 -11.30
N ASN A 37 0.37 -1.69 -11.61
CA ASN A 37 0.57 -2.79 -10.68
C ASN A 37 2.03 -2.81 -10.20
N GLN A 38 2.95 -2.72 -11.15
CA GLN A 38 4.37 -2.65 -10.87
C GLN A 38 4.70 -1.43 -10.01
N GLU A 39 4.12 -0.28 -10.35
CA GLU A 39 4.39 0.97 -9.64
C GLU A 39 3.87 0.91 -8.21
N ILE A 40 2.76 0.22 -8.02
CA ILE A 40 2.22 0.01 -6.67
C ILE A 40 3.26 -0.68 -5.80
N VAL A 41 3.87 -1.73 -6.34
CA VAL A 41 4.91 -2.46 -5.63
C VAL A 41 6.03 -1.52 -5.20
N LYS A 42 6.43 -0.63 -6.12
CA LYS A 42 7.48 0.34 -5.84
C LYS A 42 7.07 1.29 -4.71
N ALA A 43 5.80 1.68 -4.70
CA ALA A 43 5.27 2.55 -3.67
C ALA A 43 5.27 1.84 -2.32
N GLU A 44 4.77 0.61 -2.32
CA GLU A 44 4.72 -0.22 -1.11
C GLU A 44 6.14 -0.43 -0.56
N LYS A 45 7.07 -0.76 -1.46
CA LYS A 45 8.47 -1.00 -1.07
C LYS A 45 9.10 0.24 -0.45
N GLN A 46 8.82 1.41 -1.03
CA GLN A 46 9.33 2.66 -0.50
C GLN A 46 8.81 2.87 0.91
N GLY A 47 7.53 2.55 1.11
CA GLY A 47 6.93 2.63 2.42
C GLY A 47 7.62 1.70 3.40
N VAL A 48 7.82 0.44 2.98
CA VAL A 48 8.50 -0.56 3.81
C VAL A 48 9.87 -0.06 4.28
N LYS A 49 10.60 0.59 3.39
CA LYS A 49 11.91 1.13 3.71
C LYS A 49 11.82 2.19 4.81
N VAL A 50 10.82 3.07 4.69
CA VAL A 50 10.61 4.11 5.68
C VAL A 50 10.12 3.50 6.99
N TYR A 51 9.24 2.51 6.89
CA TYR A 51 8.73 1.81 8.06
C TYR A 51 9.86 1.12 8.81
N LYS A 52 10.74 0.45 8.06
CA LYS A 52 11.89 -0.22 8.64
C LYS A 52 12.78 0.76 9.40
N GLU A 53 12.92 1.97 8.87
CA GLU A 53 13.70 3.01 9.52
C GLU A 53 13.00 3.46 10.81
N ALA A 54 11.72 3.79 10.70
CA ALA A 54 10.94 4.29 11.83
C ALA A 54 10.79 3.23 12.92
N ALA A 55 10.74 1.97 12.51
CA ALA A 55 10.58 0.87 13.46
C ALA A 55 11.73 0.80 14.44
N GLU A 56 12.96 0.92 13.96
CA GLU A 56 14.11 0.87 14.83
C GLU A 56 14.37 2.24 15.45
N LYS A 57 13.59 3.22 15.02
CA LYS A 57 13.58 4.54 15.63
C LYS A 57 12.50 4.61 16.71
N ALA A 58 12.01 3.45 17.12
CA ALA A 58 10.96 3.38 18.12
C ALA A 58 11.52 3.49 19.53
N ARG A 59 11.32 4.65 20.13
CA ARG A 59 11.62 4.85 21.55
C ARG A 59 10.65 4.05 22.40
N ASN A 60 9.46 3.82 21.85
CA ASN A 60 8.41 3.08 22.53
C ASN A 60 7.94 1.93 21.66
N PRO A 61 8.02 0.68 22.17
CA PRO A 61 7.63 -0.53 21.43
C PRO A 61 6.22 -0.48 20.85
N GLU A 62 5.34 0.31 21.47
CA GLU A 62 3.97 0.44 21.00
C GLU A 62 3.93 1.06 19.61
N LYS A 63 4.87 1.96 19.34
CA LYS A 63 4.97 2.59 18.03
C LYS A 63 5.47 1.60 17.01
N ARG A 64 6.30 0.66 17.48
CA ARG A 64 6.82 -0.39 16.60
C ARG A 64 5.70 -1.33 16.18
N GLN A 65 4.78 -1.62 17.10
CA GLN A 65 3.65 -2.50 16.85
C GLN A 65 2.82 -2.00 15.68
N VAL A 66 2.55 -0.70 15.66
CA VAL A 66 1.79 -0.09 14.57
C VAL A 66 2.52 -0.24 13.25
N ILE A 67 3.82 0.02 13.28
CA ILE A 67 4.65 -0.06 12.09
C ILE A 67 4.79 -1.50 11.61
N ASP A 68 5.01 -2.41 12.54
CA ASP A 68 5.17 -3.84 12.23
C ASP A 68 3.91 -4.38 11.56
N LYS A 69 2.77 -4.04 12.13
CA LYS A 69 1.48 -4.50 11.61
C LYS A 69 1.27 -4.02 10.18
N ILE A 70 1.59 -2.75 9.93
CA ILE A 70 1.46 -2.16 8.61
C ILE A 70 2.51 -2.72 7.64
N LEU A 71 3.74 -2.82 8.11
CA LEU A 71 4.86 -3.26 7.29
C LEU A 71 4.62 -4.68 6.75
N GLU A 72 4.26 -5.58 7.66
CA GLU A 72 4.01 -6.97 7.28
C GLU A 72 2.83 -7.09 6.32
N ASP A 73 1.82 -6.24 6.52
CA ASP A 73 0.68 -6.20 5.62
C ASP A 73 1.12 -5.71 4.25
N GLU A 74 1.91 -4.64 4.26
CA GLU A 74 2.39 -4.01 3.05
C GLU A 74 3.23 -4.98 2.22
N GLU A 75 4.03 -5.81 2.89
CA GLU A 75 4.83 -6.82 2.22
C GLU A 75 3.94 -7.91 1.64
N LYS A 76 2.83 -8.21 2.32
CA LYS A 76 1.88 -9.19 1.84
C LYS A 76 1.18 -8.68 0.57
N HIS A 77 0.91 -7.37 0.53
CA HIS A 77 0.31 -6.75 -0.64
C HIS A 77 1.21 -6.93 -1.85
N ILE A 78 2.49 -6.63 -1.65
CA ILE A 78 3.49 -6.76 -2.70
C ILE A 78 3.53 -8.19 -3.23
N GLU A 79 3.52 -9.14 -2.31
CA GLU A 79 3.52 -10.55 -2.67
C GLU A 79 2.32 -10.89 -3.57
N TRP A 80 1.16 -10.32 -3.25
CA TRP A 80 -0.03 -10.53 -4.05
C TRP A 80 0.13 -9.88 -5.42
N HIS A 81 0.56 -8.62 -5.41
CA HIS A 81 0.77 -7.87 -6.65
C HIS A 81 1.77 -8.55 -7.58
N LYS A 82 2.75 -9.25 -7.01
CA LYS A 82 3.73 -9.98 -7.81
C LYS A 82 3.04 -11.02 -8.69
N ALA A 83 2.13 -11.78 -8.10
CA ALA A 83 1.39 -12.79 -8.83
C ALA A 83 0.35 -12.15 -9.77
N ALA A 84 -0.37 -11.15 -9.26
CA ALA A 84 -1.50 -10.56 -9.97
C ALA A 84 -1.07 -9.80 -11.23
N SER A 85 0.22 -9.56 -11.38
CA SER A 85 0.71 -8.83 -12.54
C SER A 85 1.14 -9.78 -13.66
N LYS A 86 0.77 -11.05 -13.52
CA LYS A 86 1.18 -12.07 -14.50
C LYS A 86 -0.02 -12.60 -15.29
N GLN A 87 -1.19 -12.02 -15.09
CA GLN A 87 -2.37 -12.44 -15.85
C GLN A 87 -3.20 -11.23 -16.23
N GLY A 88 -4.26 -11.47 -17.00
CA GLY A 88 -5.14 -10.40 -17.42
C GLY A 88 -6.26 -10.15 -16.46
N ASN A 89 -6.16 -9.08 -15.69
CA ASN A 89 -7.18 -8.73 -14.71
C ASN A 89 -7.69 -7.32 -14.93
N ALA A 90 -8.99 -7.20 -15.18
CA ALA A 90 -9.62 -5.89 -15.29
C ALA A 90 -10.83 -5.82 -14.37
N GLU A 91 -11.84 -6.62 -14.67
CA GLU A 91 -13.06 -6.63 -13.88
C GLU A 91 -12.78 -7.20 -12.48
N GLN A 92 -12.08 -8.32 -12.46
CA GLN A 92 -11.68 -8.95 -11.20
C GLN A 92 -10.69 -8.07 -10.45
N PHE A 93 -9.84 -7.39 -11.21
CA PHE A 93 -8.78 -6.56 -10.66
C PHE A 93 -9.36 -5.44 -9.79
N ALA A 94 -10.38 -4.76 -10.33
CA ALA A 94 -11.03 -3.67 -9.60
C ALA A 94 -11.58 -4.13 -8.26
N SER A 95 -12.04 -5.38 -8.22
CA SER A 95 -12.62 -5.93 -7.01
C SER A 95 -11.53 -6.17 -5.95
N LEU A 96 -10.37 -6.66 -6.40
CA LEU A 96 -9.26 -6.93 -5.50
C LEU A 96 -8.62 -5.64 -4.99
N VAL A 97 -8.60 -4.62 -5.85
CA VAL A 97 -8.04 -3.33 -5.48
C VAL A 97 -8.84 -2.70 -4.33
N GLN A 98 -10.15 -2.91 -4.34
CA GLN A 98 -11.01 -2.41 -3.27
C GLN A 98 -10.57 -2.97 -1.92
N GLN A 99 -10.21 -4.25 -1.90
CA GLN A 99 -9.73 -4.88 -0.67
C GLN A 99 -8.42 -4.25 -0.21
N HIS A 100 -7.55 -3.97 -1.16
CA HIS A 100 -6.27 -3.32 -0.89
C HIS A 100 -6.52 -1.91 -0.36
N LEU A 101 -7.42 -1.19 -1.01
CA LEU A 101 -7.76 0.18 -0.62
C LEU A 101 -8.30 0.23 0.81
N GLN A 102 -9.26 -0.64 1.10
CA GLN A 102 -9.84 -0.72 2.43
C GLN A 102 -8.80 -1.16 3.45
N ASP A 103 -7.89 -2.01 3.01
CA ASP A 103 -6.78 -2.48 3.83
C ASP A 103 -5.87 -1.31 4.23
N GLU A 104 -5.55 -0.46 3.26
CA GLU A 104 -4.67 0.68 3.50
C GLU A 104 -5.34 1.74 4.37
N GLN A 105 -6.66 1.88 4.23
CA GLN A 105 -7.41 2.82 5.06
C GLN A 105 -7.27 2.44 6.53
N ARG A 106 -7.28 1.14 6.79
CA ARG A 106 -7.10 0.60 8.12
C ARG A 106 -5.70 0.92 8.65
N HIS A 107 -4.73 1.00 7.74
CA HIS A 107 -3.38 1.40 8.10
C HIS A 107 -3.33 2.87 8.52
N VAL A 108 -3.90 3.73 7.69
CA VAL A 108 -3.85 5.17 7.92
C VAL A 108 -4.60 5.59 9.18
N GLU A 109 -5.77 5.01 9.41
CA GLU A 109 -6.61 5.40 10.54
C GLU A 109 -5.87 5.26 11.88
N GLU A 110 -5.07 4.20 12.00
CA GLU A 110 -4.31 3.97 13.23
C GLU A 110 -3.18 4.98 13.38
N ILE A 111 -2.67 5.48 12.26
CA ILE A 111 -1.58 6.45 12.26
C ILE A 111 -2.08 7.86 12.59
N GLU A 112 -3.30 8.15 12.17
CA GLU A 112 -3.90 9.48 12.34
C GLU A 112 -4.33 9.74 13.79
N LYS A 113 -3.47 9.39 14.73
CA LYS A 113 -3.75 9.59 16.15
C LYS A 113 -3.50 11.04 16.55
N LYS A 114 -2.29 11.52 16.34
CA LYS A 114 -1.88 12.85 16.80
C LYS A 114 -2.09 13.89 15.70
N ASN A 115 -2.79 13.51 14.65
CA ASN A 115 -3.09 14.42 13.56
C ASN A 115 -4.53 14.89 13.63
ZN ZN B . -3.27 -5.11 4.45
ZN ZN C . -0.28 -1.70 0.43
ZN ZN D . -0.56 0.29 3.81
N MET A 1 17.94 12.50 11.54
CA MET A 1 17.16 13.29 10.57
C MET A 1 16.07 12.42 9.94
N ASP A 2 14.82 12.77 10.24
CA ASP A 2 13.69 11.97 9.78
C ASP A 2 12.39 12.75 9.90
N GLU A 3 11.38 12.28 9.20
CA GLU A 3 10.05 12.84 9.29
C GLU A 3 9.03 11.72 9.19
N LEU A 4 7.78 12.02 9.52
CA LEU A 4 6.75 11.00 9.53
C LEU A 4 5.76 11.23 8.39
N ARG A 5 5.66 12.46 7.93
CA ARG A 5 4.64 12.83 6.95
C ARG A 5 4.90 12.19 5.60
N GLU A 6 6.16 12.08 5.18
CA GLU A 6 6.48 11.45 3.89
C GLU A 6 6.00 9.99 3.87
N LEU A 7 6.08 9.32 5.01
CA LEU A 7 5.60 7.95 5.13
C LEU A 7 4.08 7.91 5.01
N LEU A 8 3.43 8.93 5.55
CA LEU A 8 1.99 9.07 5.42
C LEU A 8 1.65 9.36 3.96
N LYS A 9 2.49 10.15 3.31
CA LYS A 9 2.33 10.46 1.89
C LYS A 9 2.42 9.19 1.05
N ALA A 10 3.26 8.25 1.46
CA ALA A 10 3.43 6.99 0.75
C ALA A 10 2.10 6.23 0.69
N GLU A 11 1.43 6.15 1.83
CA GLU A 11 0.14 5.48 1.90
C GLU A 11 -0.91 6.28 1.13
N GLN A 12 -0.84 7.60 1.23
CA GLN A 12 -1.77 8.47 0.51
C GLN A 12 -1.58 8.33 -0.99
N GLN A 13 -0.32 8.22 -1.41
CA GLN A 13 0.01 8.02 -2.81
C GLN A 13 -0.41 6.63 -3.25
N GLY A 14 -0.24 5.66 -2.35
CA GLY A 14 -0.71 4.32 -2.62
C GLY A 14 -2.19 4.28 -2.90
N ILE A 15 -2.96 4.98 -2.05
CA ILE A 15 -4.41 5.11 -2.25
C ILE A 15 -4.69 5.85 -3.56
N LYS A 16 -3.90 6.87 -3.82
CA LYS A 16 -3.99 7.64 -5.06
C LYS A 16 -3.86 6.72 -6.28
N ILE A 17 -2.86 5.86 -6.24
CA ILE A 17 -2.64 4.90 -7.31
C ILE A 17 -3.84 3.96 -7.41
N LEU A 18 -4.29 3.47 -6.27
CA LEU A 18 -5.44 2.56 -6.22
C LEU A 18 -6.68 3.21 -6.84
N LYS A 19 -6.88 4.49 -6.57
CA LYS A 19 -8.00 5.23 -7.14
C LYS A 19 -7.91 5.31 -8.66
N GLU A 20 -6.69 5.46 -9.17
CA GLU A 20 -6.47 5.49 -10.60
C GLU A 20 -6.62 4.09 -11.19
N VAL A 21 -6.21 3.08 -10.43
CA VAL A 21 -6.41 1.69 -10.83
C VAL A 21 -7.89 1.37 -10.94
N LEU A 22 -8.68 1.84 -9.98
CA LEU A 22 -10.12 1.59 -9.97
C LEU A 22 -10.78 2.04 -11.27
N LYS A 23 -10.35 3.18 -11.79
CA LYS A 23 -10.88 3.71 -13.03
C LYS A 23 -10.46 2.83 -14.21
N LYS A 24 -9.20 2.42 -14.19
CA LYS A 24 -8.60 1.69 -15.29
C LYS A 24 -8.92 0.20 -15.23
N ALA A 25 -9.32 -0.28 -14.06
CA ALA A 25 -9.76 -1.67 -13.90
C ALA A 25 -11.06 -1.91 -14.65
N LYS A 26 -11.88 -0.86 -14.73
CA LYS A 26 -13.11 -0.91 -15.49
C LYS A 26 -12.81 -0.98 -16.99
N GLU A 27 -11.68 -0.38 -17.36
CA GLU A 27 -11.27 -0.34 -18.76
C GLU A 27 -10.61 -1.67 -19.15
N GLY A 28 -9.87 -2.25 -18.21
CA GLY A 28 -9.26 -3.53 -18.43
C GLY A 28 -8.07 -3.46 -19.37
N ASP A 29 -7.29 -2.39 -19.25
CA ASP A 29 -6.13 -2.21 -20.10
C ASP A 29 -4.87 -2.68 -19.39
N GLU A 30 -4.16 -3.62 -20.01
CA GLU A 30 -2.96 -4.21 -19.40
C GLU A 30 -1.86 -3.18 -19.22
N GLN A 31 -1.67 -2.34 -20.22
CA GLN A 31 -0.56 -1.40 -20.24
C GLN A 31 -0.68 -0.42 -19.08
N GLU A 32 -1.90 0.06 -18.86
CA GLU A 32 -2.18 0.94 -17.75
C GLU A 32 -2.12 0.19 -16.43
N LEU A 33 -2.75 -0.99 -16.39
CA LEU A 33 -2.81 -1.81 -15.18
C LEU A 33 -1.42 -2.23 -14.71
N ALA A 34 -0.60 -2.68 -15.64
CA ALA A 34 0.74 -3.16 -15.29
C ALA A 34 1.60 -2.03 -14.73
N ARG A 35 1.54 -0.87 -15.37
CA ARG A 35 2.29 0.30 -14.92
C ARG A 35 1.87 0.68 -13.50
N LEU A 36 0.56 0.68 -13.28
CA LEU A 36 0.01 1.01 -11.97
C LEU A 36 0.38 -0.05 -10.94
N ASN A 37 0.25 -1.30 -11.31
CA ASN A 37 0.56 -2.41 -10.42
C ASN A 37 2.02 -2.34 -9.99
N GLN A 38 2.89 -2.05 -10.94
CA GLN A 38 4.31 -1.88 -10.67
C GLN A 38 4.54 -0.68 -9.76
N GLU A 39 3.81 0.41 -10.02
CA GLU A 39 3.93 1.62 -9.23
C GLU A 39 3.57 1.36 -7.78
N ILE A 40 2.50 0.58 -7.58
CA ILE A 40 2.07 0.20 -6.24
C ILE A 40 3.19 -0.54 -5.51
N VAL A 41 3.76 -1.54 -6.17
CA VAL A 41 4.87 -2.31 -5.62
C VAL A 41 6.03 -1.40 -5.24
N LYS A 42 6.37 -0.46 -6.13
CA LYS A 42 7.44 0.49 -5.88
C LYS A 42 7.15 1.35 -4.65
N ALA A 43 5.95 1.88 -4.57
CA ALA A 43 5.57 2.78 -3.50
C ALA A 43 5.52 2.06 -2.15
N GLU A 44 4.89 0.90 -2.12
CA GLU A 44 4.73 0.15 -0.88
C GLU A 44 6.07 -0.36 -0.36
N LYS A 45 6.93 -0.84 -1.26
CA LYS A 45 8.24 -1.33 -0.85
C LYS A 45 9.10 -0.20 -0.34
N GLN A 46 8.92 0.99 -0.89
CA GLN A 46 9.62 2.17 -0.40
C GLN A 46 9.25 2.42 1.06
N GLY A 47 7.95 2.34 1.35
CA GLY A 47 7.49 2.51 2.70
C GLY A 47 7.98 1.42 3.62
N VAL A 48 7.85 0.17 3.18
CA VAL A 48 8.30 -0.98 3.95
C VAL A 48 9.79 -0.88 4.28
N LYS A 49 10.57 -0.44 3.31
CA LYS A 49 12.01 -0.31 3.48
C LYS A 49 12.33 0.69 4.60
N VAL A 50 11.62 1.81 4.61
CA VAL A 50 11.82 2.81 5.64
C VAL A 50 11.30 2.32 6.99
N TYR A 51 10.15 1.65 6.99
CA TYR A 51 9.59 1.08 8.21
C TYR A 51 10.55 0.05 8.80
N LYS A 52 11.14 -0.77 7.93
CA LYS A 52 12.13 -1.75 8.35
C LYS A 52 13.32 -1.07 9.00
N GLU A 53 13.72 0.05 8.42
CA GLU A 53 14.85 0.82 8.91
C GLU A 53 14.54 1.41 10.28
N ALA A 54 13.35 1.99 10.39
CA ALA A 54 12.91 2.66 11.62
C ALA A 54 12.60 1.66 12.73
N ALA A 55 12.11 0.48 12.37
CA ALA A 55 11.73 -0.54 13.34
C ALA A 55 12.93 -1.00 14.16
N GLU A 56 14.09 -1.13 13.52
CA GLU A 56 15.31 -1.51 14.21
C GLU A 56 15.81 -0.39 15.10
N LYS A 57 15.41 0.82 14.79
CA LYS A 57 15.77 1.99 15.57
C LYS A 57 14.56 2.48 16.36
N ALA A 58 13.77 1.53 16.85
CA ALA A 58 12.56 1.81 17.58
C ALA A 58 12.81 2.68 18.80
N ARG A 59 11.91 3.63 19.01
CA ARG A 59 12.01 4.54 20.14
C ARG A 59 11.04 4.12 21.24
N ASN A 60 10.02 3.37 20.85
CA ASN A 60 8.98 2.91 21.77
C ASN A 60 8.38 1.61 21.25
N PRO A 61 8.37 0.55 22.07
CA PRO A 61 7.78 -0.74 21.71
C PRO A 61 6.36 -0.62 21.16
N GLU A 62 5.51 0.14 21.85
CA GLU A 62 4.13 0.35 21.42
C GLU A 62 4.09 1.03 20.04
N LYS A 63 5.00 1.96 19.82
CA LYS A 63 5.09 2.67 18.56
C LYS A 63 5.54 1.72 17.46
N ARG A 64 6.52 0.88 17.77
CA ARG A 64 7.04 -0.06 16.78
C ARG A 64 6.01 -1.14 16.46
N GLN A 65 5.17 -1.46 17.44
CA GLN A 65 4.10 -2.42 17.25
C GLN A 65 3.18 -1.95 16.12
N VAL A 66 2.89 -0.66 16.10
CA VAL A 66 2.12 -0.05 15.04
C VAL A 66 2.82 -0.21 13.70
N ILE A 67 4.11 0.10 13.68
CA ILE A 67 4.93 0.01 12.48
C ILE A 67 5.04 -1.43 12.00
N ASP A 68 5.32 -2.33 12.94
CA ASP A 68 5.53 -3.74 12.66
C ASP A 68 4.31 -4.34 11.95
N LYS A 69 3.13 -4.02 12.47
CA LYS A 69 1.88 -4.52 11.91
C LYS A 69 1.68 -4.01 10.49
N ILE A 70 1.96 -2.73 10.27
CA ILE A 70 1.80 -2.12 8.95
C ILE A 70 2.86 -2.64 7.98
N LEU A 71 4.08 -2.83 8.49
CA LEU A 71 5.19 -3.37 7.71
C LEU A 71 4.81 -4.74 7.15
N GLU A 72 4.31 -5.62 8.03
CA GLU A 72 3.89 -6.95 7.63
C GLU A 72 2.68 -6.88 6.70
N ASP A 73 1.78 -5.96 6.99
CA ASP A 73 0.59 -5.74 6.19
C ASP A 73 0.97 -5.33 4.77
N GLU A 74 1.85 -4.35 4.69
CA GLU A 74 2.21 -3.73 3.43
C GLU A 74 2.93 -4.73 2.51
N GLU A 75 3.83 -5.54 3.07
CA GLU A 75 4.47 -6.60 2.28
C GLU A 75 3.40 -7.60 1.81
N LYS A 76 2.38 -7.83 2.64
CA LYS A 76 1.31 -8.75 2.30
C LYS A 76 0.56 -8.28 1.05
N HIS A 77 0.41 -6.96 0.92
CA HIS A 77 -0.22 -6.37 -0.26
C HIS A 77 0.61 -6.63 -1.50
N ILE A 78 1.91 -6.36 -1.37
CA ILE A 78 2.84 -6.45 -2.49
C ILE A 78 2.90 -7.88 -3.03
N GLU A 79 2.84 -8.86 -2.14
CA GLU A 79 2.81 -10.26 -2.54
C GLU A 79 1.60 -10.53 -3.45
N TRP A 80 0.47 -9.93 -3.11
CA TRP A 80 -0.73 -10.06 -3.94
C TRP A 80 -0.50 -9.46 -5.32
N HIS A 81 -0.01 -8.22 -5.35
CA HIS A 81 0.25 -7.53 -6.60
C HIS A 81 1.32 -8.25 -7.43
N LYS A 82 2.25 -8.90 -6.76
CA LYS A 82 3.23 -9.75 -7.44
C LYS A 82 2.56 -10.96 -8.09
N ALA A 83 1.71 -11.62 -7.32
CA ALA A 83 1.01 -12.81 -7.81
C ALA A 83 -0.03 -12.45 -8.86
N ALA A 84 -0.58 -11.25 -8.76
CA ALA A 84 -1.59 -10.75 -9.69
C ALA A 84 -1.02 -10.63 -11.10
N SER A 85 0.30 -10.60 -11.21
CA SER A 85 0.96 -10.55 -12.50
C SER A 85 0.70 -11.84 -13.28
N LYS A 86 0.37 -12.90 -12.56
CA LYS A 86 0.09 -14.19 -13.18
C LYS A 86 -1.29 -14.69 -12.74
N GLN A 87 -2.12 -13.76 -12.30
CA GLN A 87 -3.44 -14.09 -11.80
C GLN A 87 -4.35 -12.85 -11.93
N GLY A 88 -4.10 -12.07 -12.98
CA GLY A 88 -4.78 -10.81 -13.16
C GLY A 88 -6.15 -10.96 -13.78
N ASN A 89 -7.11 -11.39 -12.98
CA ASN A 89 -8.50 -11.46 -13.42
C ASN A 89 -9.22 -10.17 -13.00
N ALA A 90 -9.79 -9.47 -13.97
CA ALA A 90 -10.34 -8.13 -13.76
C ALA A 90 -11.33 -8.07 -12.60
N GLU A 91 -12.37 -8.89 -12.66
CA GLU A 91 -13.43 -8.85 -11.66
C GLU A 91 -12.95 -9.34 -10.30
N GLN A 92 -12.09 -10.35 -10.31
CA GLN A 92 -11.50 -10.89 -9.09
C GLN A 92 -10.63 -9.83 -8.43
N PHE A 93 -9.74 -9.25 -9.24
CA PHE A 93 -8.82 -8.21 -8.79
C PHE A 93 -9.59 -6.99 -8.26
N ALA A 94 -10.65 -6.61 -8.98
CA ALA A 94 -11.46 -5.46 -8.60
C ALA A 94 -12.17 -5.69 -7.26
N SER A 95 -12.31 -6.95 -6.89
CA SER A 95 -12.93 -7.29 -5.61
C SER A 95 -11.90 -7.23 -4.49
N LEU A 96 -10.73 -7.83 -4.70
CA LEU A 96 -9.69 -7.86 -3.69
C LEU A 96 -9.05 -6.48 -3.50
N VAL A 97 -8.99 -5.69 -4.56
CA VAL A 97 -8.41 -4.35 -4.49
C VAL A 97 -9.18 -3.47 -3.50
N GLN A 98 -10.50 -3.68 -3.42
CA GLN A 98 -11.34 -2.93 -2.49
C GLN A 98 -10.89 -3.17 -1.05
N GLN A 99 -10.40 -4.37 -0.77
CA GLN A 99 -9.86 -4.68 0.55
C GLN A 99 -8.59 -3.88 0.81
N HIS A 100 -7.81 -3.68 -0.26
CA HIS A 100 -6.58 -2.90 -0.18
C HIS A 100 -6.93 -1.44 0.13
N LEU A 101 -7.97 -0.92 -0.51
CA LEU A 101 -8.43 0.45 -0.28
C LEU A 101 -8.81 0.67 1.18
N GLN A 102 -9.60 -0.25 1.73
CA GLN A 102 -10.05 -0.16 3.11
C GLN A 102 -8.89 -0.34 4.08
N ASP A 103 -7.99 -1.24 3.74
CA ASP A 103 -6.86 -1.59 4.60
C ASP A 103 -5.91 -0.41 4.81
N GLU A 104 -5.52 0.24 3.71
CA GLU A 104 -4.56 1.34 3.77
C GLU A 104 -5.10 2.52 4.58
N GLN A 105 -6.43 2.68 4.56
CA GLN A 105 -7.06 3.74 5.33
C GLN A 105 -6.80 3.53 6.82
N ARG A 106 -6.85 2.28 7.26
CA ARG A 106 -6.55 1.95 8.65
C ARG A 106 -5.09 2.23 8.96
N HIS A 107 -4.23 2.06 7.97
CA HIS A 107 -2.80 2.32 8.15
C HIS A 107 -2.56 3.79 8.47
N VAL A 108 -3.31 4.65 7.80
CA VAL A 108 -3.22 6.10 8.02
C VAL A 108 -3.72 6.47 9.42
N GLU A 109 -4.92 6.01 9.76
CA GLU A 109 -5.54 6.34 11.05
C GLU A 109 -4.75 5.72 12.20
N GLU A 110 -4.17 4.56 11.96
CA GLU A 110 -3.34 3.88 12.95
C GLU A 110 -2.18 4.79 13.35
N ILE A 111 -1.66 5.53 12.37
CA ILE A 111 -0.58 6.46 12.61
C ILE A 111 -1.09 7.70 13.34
N GLU A 112 -2.00 8.44 12.71
CA GLU A 112 -2.57 9.62 13.33
C GLU A 112 -4.07 9.75 13.09
N LYS A 113 -4.49 9.97 11.84
CA LYS A 113 -5.90 10.19 11.54
C LYS A 113 -6.20 10.03 10.04
N LYS A 114 -5.63 10.94 9.25
CA LYS A 114 -5.94 11.10 7.82
C LYS A 114 -4.89 11.98 7.18
N ASN A 115 -4.44 12.97 7.97
CA ASN A 115 -3.44 13.95 7.55
C ASN A 115 -4.07 14.95 6.57
ZN ZN B . -3.27 -3.74 5.72
ZN ZN C . -0.50 -1.45 0.57
ZN ZN D . -0.47 0.59 4.03
#